data_7TRM
# 
_entry.id   7TRM 
# 
_audit_conform.dict_name       mmcif_pdbx.dic 
_audit_conform.dict_version    5.379 
_audit_conform.dict_location   http://mmcif.pdb.org/dictionaries/ascii/mmcif_pdbx.dic 
# 
loop_
_database_2.database_id 
_database_2.database_code 
_database_2.pdbx_database_accession 
_database_2.pdbx_DOI 
PDB   7TRM         pdb_00007trm 10.2210/pdb7trm/pdb 
WWPDB D_1000260016 ?            ?                   
# 
_pdbx_database_status.status_code                     REL 
_pdbx_database_status.status_code_sf                  REL 
_pdbx_database_status.status_code_mr                  ? 
_pdbx_database_status.entry_id                        7TRM 
_pdbx_database_status.recvd_initial_deposition_date   2022-01-29 
_pdbx_database_status.SG_entry                        N 
_pdbx_database_status.deposit_site                    RCSB 
_pdbx_database_status.process_site                    RCSB 
_pdbx_database_status.status_code_cs                  ? 
_pdbx_database_status.status_code_nmr_data            ? 
_pdbx_database_status.methods_development_category    ? 
_pdbx_database_status.pdb_format_compatible           Y 
# 
loop_
_audit_author.name 
_audit_author.pdbx_ordinal 
_audit_author.identifier_ORCID 
'Tencer, A.H.'      1 0000-0002-9774-9207 
'Klein, B.J.'       2 0000-0003-2479-8013 
'Kutateladze, T.G.' 3 0000-0001-7375-6990 
# 
_citation.abstract                  ? 
_citation.abstract_id_CAS           ? 
_citation.book_id_ISBN              ? 
_citation.book_publisher            ? 
_citation.book_publisher_city       ? 
_citation.book_title                ? 
_citation.coordinate_linkage        ? 
_citation.country                   US 
_citation.database_id_Medline       ? 
_citation.details                   ? 
_citation.id                        primary 
_citation.journal_abbrev            Nat.Struct.Mol.Biol. 
_citation.journal_id_ASTM           ? 
_citation.journal_id_CSD            ? 
_citation.journal_id_ISSN           1545-9985 
_citation.journal_full              ? 
_citation.journal_issue             ? 
_citation.journal_volume            30 
_citation.language                  ? 
_citation.page_first                1265 
_citation.page_last                 1274 
_citation.title                     'Molecular basis for nuclear accumulation and targeting of the inhibitor of apoptosis BIRC2.' 
_citation.year                      2023 
_citation.database_id_CSD           ? 
_citation.pdbx_database_id_DOI      10.1038/s41594-023-01044-1 
_citation.pdbx_database_id_PubMed   37524969 
_citation.pdbx_database_id_patent   ? 
_citation.unpublished_flag          ? 
# 
loop_
_citation_author.citation_id 
_citation_author.name 
_citation_author.ordinal 
_citation_author.identifier_ORCID 
primary 'Tencer, A.H.'      1  ?                   
primary 'Yu, Y.'            2  ?                   
primary 'Causse, S.Z.'      3  ?                   
primary 'Campbell, G.R.'    4  0000-0003-3927-1994 
primary 'Klein, B.J.'       5  0000-0003-2479-8013 
primary 'Xuan, H.'          6  ?                   
primary 'Cartier, J.'       7  ?                   
primary 'Miles, M.A.'       8  0000-0002-2162-2939 
primary 'Gaurav, N.'        9  ?                   
primary 'Zadoroznyj, A.'    10 ?                   
primary 'Holt, T.A.'        11 0000-0003-3027-4478 
primary 'Wen, H.'           12 0000-0001-8739-4572 
primary 'Hawkins, C.J.'     13 0000-0001-8120-1071 
primary 'Spector, S.A.'     14 0000-0002-1882-4855 
primary 'Dubrez, L.'        15 0000-0002-7030-2181 
primary 'Shi, X.'           16 0000-0001-5242-8189 
primary 'Kutateladze, T.G.' 17 0000-0001-7375-6990 
# 
_cell.angle_alpha                  90.000 
_cell.angle_alpha_esd              ? 
_cell.angle_beta                   90.000 
_cell.angle_beta_esd               ? 
_cell.angle_gamma                  120.000 
_cell.angle_gamma_esd              ? 
_cell.entry_id                     7TRM 
_cell.details                      ? 
_cell.formula_units_Z              ? 
_cell.length_a                     104.710 
_cell.length_a_esd                 ? 
_cell.length_b                     104.710 
_cell.length_b_esd                 ? 
_cell.length_c                     27.132 
_cell.length_c_esd                 ? 
_cell.volume                       257625.448 
_cell.volume_esd                   ? 
_cell.Z_PDB                        6 
_cell.reciprocal_angle_alpha       ? 
_cell.reciprocal_angle_beta        ? 
_cell.reciprocal_angle_gamma       ? 
_cell.reciprocal_angle_alpha_esd   ? 
_cell.reciprocal_angle_beta_esd    ? 
_cell.reciprocal_angle_gamma_esd   ? 
_cell.reciprocal_length_a          ? 
_cell.reciprocal_length_b          ? 
_cell.reciprocal_length_c          ? 
_cell.reciprocal_length_a_esd      ? 
_cell.reciprocal_length_b_esd      ? 
_cell.reciprocal_length_c_esd      ? 
_cell.pdbx_unique_axis             ? 
# 
_symmetry.entry_id                         7TRM 
_symmetry.cell_setting                     ? 
_symmetry.Int_Tables_number                150 
_symmetry.space_group_name_Hall            
;P 3 2"
;
_symmetry.space_group_name_H-M             'P 3 2 1' 
_symmetry.pdbx_full_space_group_name_H-M   ? 
# 
loop_
_entity.id 
_entity.type 
_entity.src_method 
_entity.pdbx_description 
_entity.formula_weight 
_entity.pdbx_number_of_molecules 
_entity.pdbx_ec 
_entity.pdbx_mutation 
_entity.pdbx_fragment 
_entity.details 
1 polymer     man 'Baculoviral IAP repeat-containing protein 2' 10826.264 1  2.3.2.27 ? 'BIR3 domain' ? 
2 non-polymer syn 'ZINC ION'                                    65.409    1  ?        ? ?             ? 
3 non-polymer syn 1,2-ETHANEDIOL                                62.068    3  ?        ? ?             ? 
4 non-polymer nat LCL-161                                       500.629   1  ?        ? ?             ? 
5 water       nat water                                         18.015    45 ?        ? ?             ? 
# 
_entity_name_com.entity_id   1 
_entity_name_com.name        
;Cellular inhibitor of apoptosis 1,C-IAP1,IAP homolog B,Inhibitor of apoptosis protein 2,hIAP-2,hIAP2,RING finger protein 48,RING-type E3 ubiquitin transferase BIRC2,TNFR2-TRAF-signaling complex protein 2
;
# 
_entity_poly.entity_id                      1 
_entity_poly.type                           'polypeptide(L)' 
_entity_poly.nstd_linkage                   no 
_entity_poly.nstd_monomer                   no 
_entity_poly.pdbx_seq_one_letter_code       
;GPLGSPEFISNLSMQTHAARMRTFMYWPSSVPVQPEQLASAGFYYVGRNDDVKCFCCDGGLRCWESGDDPWVEHAKWFPR
CEFLIRMKGQEFVD
;
_entity_poly.pdbx_seq_one_letter_code_can   
;GPLGSPEFISNLSMQTHAARMRTFMYWPSSVPVQPEQLASAGFYYVGRNDDVKCFCCDGGLRCWESGDDPWVEHAKWFPR
CEFLIRMKGQEFVD
;
_entity_poly.pdbx_strand_id                 A 
_entity_poly.pdbx_target_identifier         ? 
# 
loop_
_entity_poly_seq.entity_id 
_entity_poly_seq.num 
_entity_poly_seq.mon_id 
_entity_poly_seq.hetero 
1 1  GLY n 
1 2  PRO n 
1 3  LEU n 
1 4  GLY n 
1 5  SER n 
1 6  PRO n 
1 7  GLU n 
1 8  PHE n 
1 9  ILE n 
1 10 SER n 
1 11 ASN n 
1 12 LEU n 
1 13 SER n 
1 14 MET n 
1 15 GLN n 
1 16 THR n 
1 17 HIS n 
1 18 ALA n 
1 19 ALA n 
1 20 ARG n 
1 21 MET n 
1 22 ARG n 
1 23 THR n 
1 24 PHE n 
1 25 MET n 
1 26 TYR n 
1 27 TRP n 
1 28 PRO n 
1 29 SER n 
1 30 SER n 
1 31 VAL n 
1 32 PRO n 
1 33 VAL n 
1 34 GLN n 
1 35 PRO n 
1 36 GLU n 
1 37 GLN n 
1 38 LEU n 
1 39 ALA n 
1 40 SER n 
1 41 ALA n 
1 42 GLY n 
1 43 PHE n 
1 44 TYR n 
1 45 TYR n 
1 46 VAL n 
1 47 GLY n 
1 48 ARG n 
1 49 ASN n 
1 50 ASP n 
1 51 ASP n 
1 52 VAL n 
1 53 LYS n 
1 54 CYS n 
1 55 PHE n 
1 56 CYS n 
1 57 CYS n 
1 58 ASP n 
1 59 GLY n 
1 60 GLY n 
1 61 LEU n 
1 62 ARG n 
1 63 CYS n 
1 64 TRP n 
1 65 GLU n 
1 66 SER n 
1 67 GLY n 
1 68 ASP n 
1 69 ASP n 
1 70 PRO n 
1 71 TRP n 
1 72 VAL n 
1 73 GLU n 
1 74 HIS n 
1 75 ALA n 
1 76 LYS n 
1 77 TRP n 
1 78 PHE n 
1 79 PRO n 
1 80 ARG n 
1 81 CYS n 
1 82 GLU n 
1 83 PHE n 
1 84 LEU n 
1 85 ILE n 
1 86 ARG n 
1 87 MET n 
1 88 LYS n 
1 89 GLY n 
1 90 GLN n 
1 91 GLU n 
1 92 PHE n 
1 93 VAL n 
1 94 ASP n 
# 
_entity_src_gen.entity_id                          1 
_entity_src_gen.pdbx_src_id                        1 
_entity_src_gen.pdbx_alt_source_flag               sample 
_entity_src_gen.pdbx_seq_type                      'Biological sequence' 
_entity_src_gen.pdbx_beg_seq_num                   1 
_entity_src_gen.pdbx_end_seq_num                   94 
_entity_src_gen.gene_src_common_name               human 
_entity_src_gen.gene_src_genus                     ? 
_entity_src_gen.pdbx_gene_src_gene                 'BIRC2, API1, MIHB, RNF48' 
_entity_src_gen.gene_src_species                   ? 
_entity_src_gen.gene_src_strain                    ? 
_entity_src_gen.gene_src_tissue                    ? 
_entity_src_gen.gene_src_tissue_fraction           ? 
_entity_src_gen.gene_src_details                   ? 
_entity_src_gen.pdbx_gene_src_fragment             ? 
_entity_src_gen.pdbx_gene_src_scientific_name      'Homo sapiens' 
_entity_src_gen.pdbx_gene_src_ncbi_taxonomy_id     9606 
_entity_src_gen.pdbx_gene_src_variant              ? 
_entity_src_gen.pdbx_gene_src_cell_line            ? 
_entity_src_gen.pdbx_gene_src_atcc                 ? 
_entity_src_gen.pdbx_gene_src_organ                ? 
_entity_src_gen.pdbx_gene_src_organelle            ? 
_entity_src_gen.pdbx_gene_src_cell                 ? 
_entity_src_gen.pdbx_gene_src_cellular_location    ? 
_entity_src_gen.host_org_common_name               ? 
_entity_src_gen.pdbx_host_org_scientific_name      'Escherichia coli' 
_entity_src_gen.pdbx_host_org_ncbi_taxonomy_id     562 
_entity_src_gen.host_org_genus                     ? 
_entity_src_gen.pdbx_host_org_gene                 ? 
_entity_src_gen.pdbx_host_org_organ                ? 
_entity_src_gen.host_org_species                   ? 
_entity_src_gen.pdbx_host_org_tissue               ? 
_entity_src_gen.pdbx_host_org_tissue_fraction      ? 
_entity_src_gen.pdbx_host_org_strain               ? 
_entity_src_gen.pdbx_host_org_variant              ? 
_entity_src_gen.pdbx_host_org_cell_line            ? 
_entity_src_gen.pdbx_host_org_atcc                 ? 
_entity_src_gen.pdbx_host_org_culture_collection   ? 
_entity_src_gen.pdbx_host_org_cell                 ? 
_entity_src_gen.pdbx_host_org_organelle            ? 
_entity_src_gen.pdbx_host_org_cellular_location    ? 
_entity_src_gen.pdbx_host_org_vector_type          ? 
_entity_src_gen.pdbx_host_org_vector               ? 
_entity_src_gen.host_org_details                   ? 
_entity_src_gen.expression_system_id               ? 
_entity_src_gen.plasmid_name                       ? 
_entity_src_gen.plasmid_details                    ? 
_entity_src_gen.pdbx_description                   ? 
# 
_struct_ref.id                         1 
_struct_ref.db_name                    UNP 
_struct_ref.db_code                    BIRC2_HUMAN 
_struct_ref.pdbx_db_accession          Q13490 
_struct_ref.pdbx_db_isoform            ? 
_struct_ref.entity_id                  1 
_struct_ref.pdbx_seq_one_letter_code   
;ISNLSMQTHAARMRTFMYWPSSVPVQPEQLASAGFYYVGRNDDVKCFCCDGGLRCWESGDDPWVEHAKWFPRCEFLIRMK
GQEFVD
;
_struct_ref.pdbx_align_begin           261 
# 
_struct_ref_seq.align_id                      1 
_struct_ref_seq.ref_id                        1 
_struct_ref_seq.pdbx_PDB_id_code              7TRM 
_struct_ref_seq.pdbx_strand_id                A 
_struct_ref_seq.seq_align_beg                 9 
_struct_ref_seq.pdbx_seq_align_beg_ins_code   ? 
_struct_ref_seq.seq_align_end                 94 
_struct_ref_seq.pdbx_seq_align_end_ins_code   ? 
_struct_ref_seq.pdbx_db_accession             Q13490 
_struct_ref_seq.db_align_beg                  261 
_struct_ref_seq.pdbx_db_align_beg_ins_code    ? 
_struct_ref_seq.db_align_end                  346 
_struct_ref_seq.pdbx_db_align_end_ins_code    ? 
_struct_ref_seq.pdbx_auth_seq_align_beg       261 
_struct_ref_seq.pdbx_auth_seq_align_end       346 
# 
loop_
_struct_ref_seq_dif.align_id 
_struct_ref_seq_dif.pdbx_pdb_id_code 
_struct_ref_seq_dif.mon_id 
_struct_ref_seq_dif.pdbx_pdb_strand_id 
_struct_ref_seq_dif.seq_num 
_struct_ref_seq_dif.pdbx_pdb_ins_code 
_struct_ref_seq_dif.pdbx_seq_db_name 
_struct_ref_seq_dif.pdbx_seq_db_accession_code 
_struct_ref_seq_dif.db_mon_id 
_struct_ref_seq_dif.pdbx_seq_db_seq_num 
_struct_ref_seq_dif.details 
_struct_ref_seq_dif.pdbx_auth_seq_num 
_struct_ref_seq_dif.pdbx_ordinal 
1 7TRM GLY A 1 ? UNP Q13490 ? ? 'expression tag' 253 1 
1 7TRM PRO A 2 ? UNP Q13490 ? ? 'expression tag' 254 2 
1 7TRM LEU A 3 ? UNP Q13490 ? ? 'expression tag' 255 3 
1 7TRM GLY A 4 ? UNP Q13490 ? ? 'expression tag' 256 4 
1 7TRM SER A 5 ? UNP Q13490 ? ? 'expression tag' 257 5 
1 7TRM PRO A 6 ? UNP Q13490 ? ? 'expression tag' 258 6 
1 7TRM GLU A 7 ? UNP Q13490 ? ? 'expression tag' 259 7 
1 7TRM PHE A 8 ? UNP Q13490 ? ? 'expression tag' 260 8 
# 
loop_
_chem_comp.id 
_chem_comp.type 
_chem_comp.mon_nstd_flag 
_chem_comp.name 
_chem_comp.pdbx_synonyms 
_chem_comp.formula 
_chem_comp.formula_weight 
ALA 'L-peptide linking' y ALANINE         ? 'C3 H7 N O2'        89.093  
ARG 'L-peptide linking' y ARGININE        ? 'C6 H15 N4 O2 1'    175.209 
ASN 'L-peptide linking' y ASPARAGINE      ? 'C4 H8 N2 O3'       132.118 
ASP 'L-peptide linking' y 'ASPARTIC ACID' ? 'C4 H7 N O4'        133.103 
CYS 'L-peptide linking' y CYSTEINE        ? 'C3 H7 N O2 S'      121.158 
EDO non-polymer         . 1,2-ETHANEDIOL  'ETHYLENE GLYCOL' 'C2 H6 O2'          62.068  
GLN 'L-peptide linking' y GLUTAMINE       ? 'C5 H10 N2 O3'      146.144 
GLU 'L-peptide linking' y 'GLUTAMIC ACID' ? 'C5 H9 N O4'        147.129 
GLY 'peptide linking'   y GLYCINE         ? 'C2 H5 N O2'        75.067  
HIS 'L-peptide linking' y HISTIDINE       ? 'C6 H10 N3 O2 1'    156.162 
HOH non-polymer         . WATER           ? 'H2 O'              18.015  
ILE 'L-peptide linking' y ISOLEUCINE      ? 'C6 H13 N O2'       131.173 
IUN non-polymer         . LCL-161         
'N-[(1S)-1-cyclohexyl-2-{(2S)-2-[4-(4-fluorobenzoyl)-1,3-thiazol-2-yl]pyrrolidin-1-yl}-2-oxoethyl]-N~2~-methyl-L-alaninamide' 
'C26 H33 F N4 O3 S' 500.629 
LEU 'L-peptide linking' y LEUCINE         ? 'C6 H13 N O2'       131.173 
LYS 'L-peptide linking' y LYSINE          ? 'C6 H15 N2 O2 1'    147.195 
MET 'L-peptide linking' y METHIONINE      ? 'C5 H11 N O2 S'     149.211 
PHE 'L-peptide linking' y PHENYLALANINE   ? 'C9 H11 N O2'       165.189 
PRO 'L-peptide linking' y PROLINE         ? 'C5 H9 N O2'        115.130 
SER 'L-peptide linking' y SERINE          ? 'C3 H7 N O3'        105.093 
THR 'L-peptide linking' y THREONINE       ? 'C4 H9 N O3'        119.119 
TRP 'L-peptide linking' y TRYPTOPHAN      ? 'C11 H12 N2 O2'     204.225 
TYR 'L-peptide linking' y TYROSINE        ? 'C9 H11 N O3'       181.189 
VAL 'L-peptide linking' y VALINE          ? 'C5 H11 N O2'       117.146 
ZN  non-polymer         . 'ZINC ION'      ? 'Zn 2'              65.409  
# 
_exptl.absorpt_coefficient_mu     ? 
_exptl.absorpt_correction_T_max   ? 
_exptl.absorpt_correction_T_min   ? 
_exptl.absorpt_correction_type    ? 
_exptl.absorpt_process_details    ? 
_exptl.entry_id                   7TRM 
_exptl.crystals_number            1 
_exptl.details                    ? 
_exptl.method                     'X-RAY DIFFRACTION' 
_exptl.method_details             ? 
# 
_exptl_crystal.colour                      ? 
_exptl_crystal.density_diffrn              ? 
_exptl_crystal.density_Matthews            4.21 
_exptl_crystal.density_method              ? 
_exptl_crystal.density_percent_sol         70.81 
_exptl_crystal.description                 ? 
_exptl_crystal.F_000                       ? 
_exptl_crystal.id                          1 
_exptl_crystal.preparation                 ? 
_exptl_crystal.size_max                    ? 
_exptl_crystal.size_mid                    ? 
_exptl_crystal.size_min                    ? 
_exptl_crystal.size_rad                    ? 
_exptl_crystal.colour_lustre               ? 
_exptl_crystal.colour_modifier             ? 
_exptl_crystal.colour_primary              ? 
_exptl_crystal.density_meas                ? 
_exptl_crystal.density_meas_esd            ? 
_exptl_crystal.density_meas_gt             ? 
_exptl_crystal.density_meas_lt             ? 
_exptl_crystal.density_meas_temp           ? 
_exptl_crystal.density_meas_temp_esd       ? 
_exptl_crystal.density_meas_temp_gt        ? 
_exptl_crystal.density_meas_temp_lt        ? 
_exptl_crystal.pdbx_crystal_image_url      ? 
_exptl_crystal.pdbx_crystal_image_format   ? 
_exptl_crystal.pdbx_mosaicity              ? 
_exptl_crystal.pdbx_mosaicity_esd          ? 
# 
_exptl_crystal_grow.apparatus       ? 
_exptl_crystal_grow.atmosphere      ? 
_exptl_crystal_grow.crystal_id      1 
_exptl_crystal_grow.details         ? 
_exptl_crystal_grow.method          'VAPOR DIFFUSION, SITTING DROP' 
_exptl_crystal_grow.method_ref      ? 
_exptl_crystal_grow.pH              7.5 
_exptl_crystal_grow.pressure        ? 
_exptl_crystal_grow.pressure_esd    ? 
_exptl_crystal_grow.seeding         ? 
_exptl_crystal_grow.seeding_ref     ? 
_exptl_crystal_grow.temp            277.15 
_exptl_crystal_grow.temp_details    ? 
_exptl_crystal_grow.temp_esd        ? 
_exptl_crystal_grow.time            ? 
_exptl_crystal_grow.pdbx_details    '0.1 M Bis-Tris Propane, 0.2 M Sodium Citrate, and 20% PEG3350' 
_exptl_crystal_grow.pdbx_pH_range   ? 
# 
_diffrn.ambient_environment              ? 
_diffrn.ambient_temp                     100 
_diffrn.ambient_temp_details             ? 
_diffrn.ambient_temp_esd                 ? 
_diffrn.crystal_id                       1 
_diffrn.crystal_support                  ? 
_diffrn.crystal_treatment                ? 
_diffrn.details                          ? 
_diffrn.id                               1 
_diffrn.ambient_pressure                 ? 
_diffrn.ambient_pressure_esd             ? 
_diffrn.ambient_pressure_gt              ? 
_diffrn.ambient_pressure_lt              ? 
_diffrn.ambient_temp_gt                  ? 
_diffrn.ambient_temp_lt                  ? 
_diffrn.pdbx_serial_crystal_experiment   N 
# 
_diffrn_detector.details                      ? 
_diffrn_detector.detector                     PIXEL 
_diffrn_detector.diffrn_id                    1 
_diffrn_detector.type                         'DECTRIS PILATUS 200K' 
_diffrn_detector.area_resol_mean              ? 
_diffrn_detector.dtime                        ? 
_diffrn_detector.pdbx_frames_total            ? 
_diffrn_detector.pdbx_collection_time_total   ? 
_diffrn_detector.pdbx_collection_date         2021-07-26 
_diffrn_detector.pdbx_frequency               ? 
# 
_diffrn_radiation.collimation                      ? 
_diffrn_radiation.diffrn_id                        1 
_diffrn_radiation.filter_edge                      ? 
_diffrn_radiation.inhomogeneity                    ? 
_diffrn_radiation.monochromator                    ? 
_diffrn_radiation.polarisn_norm                    ? 
_diffrn_radiation.polarisn_ratio                   ? 
_diffrn_radiation.probe                            ? 
_diffrn_radiation.type                             ? 
_diffrn_radiation.xray_symbol                      ? 
_diffrn_radiation.wavelength_id                    1 
_diffrn_radiation.pdbx_monochromatic_or_laue_m_l   M 
_diffrn_radiation.pdbx_wavelength_list             ? 
_diffrn_radiation.pdbx_wavelength                  ? 
_diffrn_radiation.pdbx_diffrn_protocol             'SINGLE WAVELENGTH' 
_diffrn_radiation.pdbx_analyzer                    ? 
_diffrn_radiation.pdbx_scattering_type             x-ray 
# 
_diffrn_radiation_wavelength.id           1 
_diffrn_radiation_wavelength.wavelength   1.54 
_diffrn_radiation_wavelength.wt           1.0 
# 
_diffrn_source.current                     ? 
_diffrn_source.details                     ? 
_diffrn_source.diffrn_id                   1 
_diffrn_source.power                       ? 
_diffrn_source.size                        ? 
_diffrn_source.source                      'ROTATING ANODE' 
_diffrn_source.target                      ? 
_diffrn_source.type                        'RIGAKU MICROMAX-007 HF' 
_diffrn_source.voltage                     ? 
_diffrn_source.take-off_angle              ? 
_diffrn_source.pdbx_wavelength_list        1.54 
_diffrn_source.pdbx_wavelength             ? 
_diffrn_source.pdbx_synchrotron_beamline   ? 
_diffrn_source.pdbx_synchrotron_site       ? 
# 
_reflns.B_iso_Wilson_estimate                          35.93 
_reflns.entry_id                                       7TRM 
_reflns.data_reduction_details                         ? 
_reflns.data_reduction_method                          ? 
_reflns.d_resolution_high                              2.4 
_reflns.d_resolution_low                               50 
_reflns.details                                        ? 
_reflns.limit_h_max                                    ? 
_reflns.limit_h_min                                    ? 
_reflns.limit_k_max                                    ? 
_reflns.limit_k_min                                    ? 
_reflns.limit_l_max                                    ? 
_reflns.limit_l_min                                    ? 
_reflns.number_all                                     ? 
_reflns.number_obs                                     6853 
_reflns.observed_criterion                             ? 
_reflns.observed_criterion_F_max                       ? 
_reflns.observed_criterion_F_min                       ? 
_reflns.observed_criterion_I_max                       ? 
_reflns.observed_criterion_I_min                       ? 
_reflns.observed_criterion_sigma_F                     ? 
_reflns.observed_criterion_sigma_I                     ? 
_reflns.percent_possible_obs                           99.79 
_reflns.R_free_details                                 ? 
_reflns.Rmerge_F_all                                   ? 
_reflns.Rmerge_F_obs                                   ? 
_reflns.Friedel_coverage                               ? 
_reflns.number_gt                                      ? 
_reflns.threshold_expression                           ? 
_reflns.pdbx_redundancy                                13.5 
_reflns.pdbx_Rmerge_I_obs                              ? 
_reflns.pdbx_Rmerge_I_all                              ? 
_reflns.pdbx_Rsym_value                                ? 
_reflns.pdbx_netI_over_av_sigmaI                       ? 
_reflns.pdbx_netI_over_sigmaI                          21.0 
_reflns.pdbx_res_netI_over_av_sigmaI_2                 ? 
_reflns.pdbx_res_netI_over_sigmaI_2                    ? 
_reflns.pdbx_chi_squared                               ? 
_reflns.pdbx_scaling_rejects                           ? 
_reflns.pdbx_d_res_high_opt                            ? 
_reflns.pdbx_d_res_low_opt                             ? 
_reflns.pdbx_d_res_opt_method                          ? 
_reflns.phase_calculation_details                      ? 
_reflns.pdbx_Rrim_I_all                                ? 
_reflns.pdbx_Rpim_I_all                                0.038 
_reflns.pdbx_d_opt                                     ? 
_reflns.pdbx_number_measured_all                       ? 
_reflns.pdbx_diffrn_id                                 1 
_reflns.pdbx_ordinal                                   1 
_reflns.pdbx_CC_half                                   ? 
_reflns.pdbx_CC_star                                   ? 
_reflns.pdbx_R_split                                   ? 
_reflns.pdbx_aniso_diffraction_limit_axis_1_ortho[1]   ? 
_reflns.pdbx_aniso_diffraction_limit_axis_1_ortho[2]   ? 
_reflns.pdbx_aniso_diffraction_limit_axis_1_ortho[3]   ? 
_reflns.pdbx_aniso_diffraction_limit_axis_2_ortho[1]   ? 
_reflns.pdbx_aniso_diffraction_limit_axis_2_ortho[2]   ? 
_reflns.pdbx_aniso_diffraction_limit_axis_2_ortho[3]   ? 
_reflns.pdbx_aniso_diffraction_limit_axis_3_ortho[1]   ? 
_reflns.pdbx_aniso_diffraction_limit_axis_3_ortho[2]   ? 
_reflns.pdbx_aniso_diffraction_limit_axis_3_ortho[3]   ? 
_reflns.pdbx_aniso_diffraction_limit_1                 ? 
_reflns.pdbx_aniso_diffraction_limit_2                 ? 
_reflns.pdbx_aniso_diffraction_limit_3                 ? 
_reflns.pdbx_aniso_B_tensor_eigenvector_1_ortho[1]     ? 
_reflns.pdbx_aniso_B_tensor_eigenvector_1_ortho[2]     ? 
_reflns.pdbx_aniso_B_tensor_eigenvector_1_ortho[3]     ? 
_reflns.pdbx_aniso_B_tensor_eigenvector_2_ortho[1]     ? 
_reflns.pdbx_aniso_B_tensor_eigenvector_2_ortho[2]     ? 
_reflns.pdbx_aniso_B_tensor_eigenvector_2_ortho[3]     ? 
_reflns.pdbx_aniso_B_tensor_eigenvector_3_ortho[1]     ? 
_reflns.pdbx_aniso_B_tensor_eigenvector_3_ortho[2]     ? 
_reflns.pdbx_aniso_B_tensor_eigenvector_3_ortho[3]     ? 
_reflns.pdbx_aniso_B_tensor_eigenvalue_1               ? 
_reflns.pdbx_aniso_B_tensor_eigenvalue_2               ? 
_reflns.pdbx_aniso_B_tensor_eigenvalue_3               ? 
_reflns.pdbx_orthogonalization_convention              ? 
_reflns.pdbx_percent_possible_ellipsoidal              ? 
_reflns.pdbx_percent_possible_spherical                ? 
_reflns.pdbx_percent_possible_ellipsoidal_anomalous    ? 
_reflns.pdbx_percent_possible_spherical_anomalous      ? 
_reflns.pdbx_redundancy_anomalous                      ? 
_reflns.pdbx_CC_half_anomalous                         ? 
_reflns.pdbx_absDiff_over_sigma_anomalous              ? 
_reflns.pdbx_percent_possible_anomalous                ? 
_reflns.pdbx_observed_signal_threshold                 ? 
_reflns.pdbx_signal_type                               ? 
_reflns.pdbx_signal_details                            ? 
_reflns.pdbx_signal_software_id                        ? 
# 
_reflns_shell.d_res_high                                    2.40 
_reflns_shell.d_res_low                                     2.44 
_reflns_shell.meanI_over_sigI_all                           ? 
_reflns_shell.meanI_over_sigI_obs                           ? 
_reflns_shell.number_measured_all                           ? 
_reflns_shell.number_measured_obs                           ? 
_reflns_shell.number_possible                               ? 
_reflns_shell.number_unique_all                             ? 
_reflns_shell.number_unique_obs                             337 
_reflns_shell.percent_possible_all                          ? 
_reflns_shell.percent_possible_obs                          ? 
_reflns_shell.Rmerge_F_all                                  ? 
_reflns_shell.Rmerge_F_obs                                  ? 
_reflns_shell.Rmerge_I_all                                  ? 
_reflns_shell.Rmerge_I_obs                                  ? 
_reflns_shell.meanI_over_sigI_gt                            ? 
_reflns_shell.meanI_over_uI_all                             ? 
_reflns_shell.meanI_over_uI_gt                              ? 
_reflns_shell.number_measured_gt                            ? 
_reflns_shell.number_unique_gt                              ? 
_reflns_shell.percent_possible_gt                           ? 
_reflns_shell.Rmerge_F_gt                                   ? 
_reflns_shell.Rmerge_I_gt                                   ? 
_reflns_shell.pdbx_redundancy                               ? 
_reflns_shell.pdbx_Rsym_value                               ? 
_reflns_shell.pdbx_chi_squared                              ? 
_reflns_shell.pdbx_netI_over_sigmaI_all                     ? 
_reflns_shell.pdbx_netI_over_sigmaI_obs                     ? 
_reflns_shell.pdbx_Rrim_I_all                               ? 
_reflns_shell.pdbx_Rpim_I_all                               0.130 
_reflns_shell.pdbx_rejects                                  ? 
_reflns_shell.pdbx_ordinal                                  1 
_reflns_shell.pdbx_diffrn_id                                1 
_reflns_shell.pdbx_CC_half                                  ? 
_reflns_shell.pdbx_CC_star                                  ? 
_reflns_shell.pdbx_R_split                                  ? 
_reflns_shell.pdbx_percent_possible_ellipsoidal             ? 
_reflns_shell.pdbx_percent_possible_spherical               ? 
_reflns_shell.pdbx_percent_possible_ellipsoidal_anomalous   ? 
_reflns_shell.pdbx_percent_possible_spherical_anomalous     ? 
_reflns_shell.pdbx_redundancy_anomalous                     ? 
_reflns_shell.pdbx_CC_half_anomalous                        ? 
_reflns_shell.pdbx_absDiff_over_sigma_anomalous             ? 
_reflns_shell.pdbx_percent_possible_anomalous               ? 
# 
_refine.aniso_B[1][1]                            ? 
_refine.aniso_B[1][2]                            ? 
_refine.aniso_B[1][3]                            ? 
_refine.aniso_B[2][2]                            ? 
_refine.aniso_B[2][3]                            ? 
_refine.aniso_B[3][3]                            ? 
_refine.B_iso_max                                ? 
_refine.B_iso_mean                               37.56 
_refine.B_iso_min                                ? 
_refine.correlation_coeff_Fo_to_Fc               ? 
_refine.correlation_coeff_Fo_to_Fc_free          ? 
_refine.details                                  ? 
_refine.diff_density_max                         ? 
_refine.diff_density_max_esd                     ? 
_refine.diff_density_min                         ? 
_refine.diff_density_min_esd                     ? 
_refine.diff_density_rms                         ? 
_refine.diff_density_rms_esd                     ? 
_refine.entry_id                                 7TRM 
_refine.pdbx_refine_id                           'X-RAY DIFFRACTION' 
_refine.ls_abs_structure_details                 ? 
_refine.ls_abs_structure_Flack                   ? 
_refine.ls_abs_structure_Flack_esd               ? 
_refine.ls_abs_structure_Rogers                  ? 
_refine.ls_abs_structure_Rogers_esd              ? 
_refine.ls_d_res_high                            2.40 
_refine.ls_d_res_low                             27.13 
_refine.ls_extinction_coef                       ? 
_refine.ls_extinction_coef_esd                   ? 
_refine.ls_extinction_expression                 ? 
_refine.ls_extinction_method                     ? 
_refine.ls_goodness_of_fit_all                   ? 
_refine.ls_goodness_of_fit_all_esd               ? 
_refine.ls_goodness_of_fit_obs                   ? 
_refine.ls_goodness_of_fit_obs_esd               ? 
_refine.ls_hydrogen_treatment                    ? 
_refine.ls_matrix_type                           ? 
_refine.ls_number_constraints                    ? 
_refine.ls_number_parameters                     ? 
_refine.ls_number_reflns_all                     ? 
_refine.ls_number_reflns_obs                     6846 
_refine.ls_number_reflns_R_free                  1286 
_refine.ls_number_reflns_R_work                  11724 
_refine.ls_number_restraints                     ? 
_refine.ls_percent_reflns_obs                    99.79 
_refine.ls_percent_reflns_R_free                 9.88 
_refine.ls_R_factor_all                          ? 
_refine.ls_R_factor_obs                          0.1791 
_refine.ls_R_factor_R_free                       0.2252 
_refine.ls_R_factor_R_free_error                 ? 
_refine.ls_R_factor_R_free_error_details         ? 
_refine.ls_R_factor_R_work                       0.1741 
_refine.ls_R_Fsqd_factor_obs                     ? 
_refine.ls_R_I_factor_obs                        ? 
_refine.ls_redundancy_reflns_all                 ? 
_refine.ls_redundancy_reflns_obs                 ? 
_refine.ls_restrained_S_all                      ? 
_refine.ls_restrained_S_obs                      ? 
_refine.ls_shift_over_esd_max                    ? 
_refine.ls_shift_over_esd_mean                   ? 
_refine.ls_structure_factor_coef                 ? 
_refine.ls_weighting_details                     ? 
_refine.ls_weighting_scheme                      ? 
_refine.ls_wR_factor_all                         ? 
_refine.ls_wR_factor_obs                         ? 
_refine.ls_wR_factor_R_free                      ? 
_refine.ls_wR_factor_R_work                      ? 
_refine.occupancy_max                            ? 
_refine.occupancy_min                            ? 
_refine.solvent_model_details                    'FLAT BULK SOLVENT MODEL' 
_refine.solvent_model_param_bsol                 ? 
_refine.solvent_model_param_ksol                 ? 
_refine.pdbx_R_complete                          ? 
_refine.ls_R_factor_gt                           ? 
_refine.ls_goodness_of_fit_gt                    ? 
_refine.ls_goodness_of_fit_ref                   ? 
_refine.ls_shift_over_su_max                     ? 
_refine.ls_shift_over_su_max_lt                  ? 
_refine.ls_shift_over_su_mean                    ? 
_refine.ls_shift_over_su_mean_lt                 ? 
_refine.pdbx_ls_sigma_I                          ? 
_refine.pdbx_ls_sigma_F                          1.34 
_refine.pdbx_ls_sigma_Fsqd                       ? 
_refine.pdbx_data_cutoff_high_absF               ? 
_refine.pdbx_data_cutoff_high_rms_absF           ? 
_refine.pdbx_data_cutoff_low_absF                ? 
_refine.pdbx_isotropic_thermal_model             ? 
_refine.pdbx_ls_cross_valid_method               'FREE R-VALUE' 
_refine.pdbx_method_to_determine_struct          'MOLECULAR REPLACEMENT' 
_refine.pdbx_starting_model                      3D9T 
_refine.pdbx_stereochemistry_target_values       'GeoStd + Monomer Library + CDL v1.2' 
_refine.pdbx_R_Free_selection_details            RANDOM 
_refine.pdbx_stereochem_target_val_spec_case     ? 
_refine.pdbx_overall_ESU_R                       ? 
_refine.pdbx_overall_ESU_R_Free                  ? 
_refine.pdbx_solvent_vdw_probe_radii             1.1100 
_refine.pdbx_solvent_ion_probe_radii             ? 
_refine.pdbx_solvent_shrinkage_radii             0.9000 
_refine.pdbx_real_space_R                        ? 
_refine.pdbx_density_correlation                 ? 
_refine.pdbx_pd_number_of_powder_patterns        ? 
_refine.pdbx_pd_number_of_points                 ? 
_refine.pdbx_pd_meas_number_of_points            ? 
_refine.pdbx_pd_proc_ls_prof_R_factor            ? 
_refine.pdbx_pd_proc_ls_prof_wR_factor           ? 
_refine.pdbx_pd_Marquardt_correlation_coeff      ? 
_refine.pdbx_pd_Fsqrd_R_factor                   ? 
_refine.pdbx_pd_ls_matrix_band_width             ? 
_refine.pdbx_overall_phase_error                 22.9653 
_refine.pdbx_overall_SU_R_free_Cruickshank_DPI   ? 
_refine.pdbx_overall_SU_R_free_Blow_DPI          ? 
_refine.pdbx_overall_SU_R_Blow_DPI               ? 
_refine.pdbx_TLS_residual_ADP_flag               ? 
_refine.pdbx_diffrn_id                           1 
_refine.overall_SU_B                             ? 
_refine.overall_SU_ML                            0.2834 
_refine.overall_SU_R_Cruickshank_DPI             ? 
_refine.overall_SU_R_free                        ? 
_refine.overall_FOM_free_R_set                   ? 
_refine.overall_FOM_work_R_set                   ? 
_refine.pdbx_average_fsc_overall                 ? 
_refine.pdbx_average_fsc_work                    ? 
_refine.pdbx_average_fsc_free                    ? 
# 
_refine_hist.pdbx_refine_id                   'X-RAY DIFFRACTION' 
_refine_hist.cycle_id                         LAST 
_refine_hist.details                          ? 
_refine_hist.d_res_high                       2.40 
_refine_hist.d_res_low                        27.13 
_refine_hist.number_atoms_solvent             45 
_refine_hist.number_atoms_total               807 
_refine_hist.number_reflns_all                ? 
_refine_hist.number_reflns_obs                ? 
_refine_hist.number_reflns_R_free             ? 
_refine_hist.number_reflns_R_work             ? 
_refine_hist.R_factor_all                     ? 
_refine_hist.R_factor_obs                     ? 
_refine_hist.R_factor_R_free                  ? 
_refine_hist.R_factor_R_work                  ? 
_refine_hist.pdbx_number_residues_total       ? 
_refine_hist.pdbx_B_iso_mean_ligand           ? 
_refine_hist.pdbx_B_iso_mean_solvent          ? 
_refine_hist.pdbx_number_atoms_protein        714 
_refine_hist.pdbx_number_atoms_nucleic_acid   0 
_refine_hist.pdbx_number_atoms_ligand         48 
_refine_hist.pdbx_number_atoms_lipid          ? 
_refine_hist.pdbx_number_atoms_carb           ? 
_refine_hist.pdbx_pseudo_atom_details         ? 
# 
loop_
_refine_ls_restr.pdbx_refine_id 
_refine_ls_restr.criterion 
_refine_ls_restr.dev_ideal 
_refine_ls_restr.dev_ideal_target 
_refine_ls_restr.number 
_refine_ls_restr.rejects 
_refine_ls_restr.type 
_refine_ls_restr.weight 
_refine_ls_restr.pdbx_restraint_function 
'X-RAY DIFFRACTION' ? 0.0069  ? 785  ? f_bond_d           ? ? 
'X-RAY DIFFRACTION' ? 0.8432  ? 1057 ? f_angle_d          ? ? 
'X-RAY DIFFRACTION' ? 0.0494  ? 99   ? f_chiral_restr     ? ? 
'X-RAY DIFFRACTION' ? 0.0052  ? 137  ? f_plane_restr      ? ? 
'X-RAY DIFFRACTION' ? 16.5156 ? 298  ? f_dihedral_angle_d ? ? 
# 
loop_
_refine_ls_shell.pdbx_refine_id 
_refine_ls_shell.d_res_high 
_refine_ls_shell.d_res_low 
_refine_ls_shell.number_reflns_all 
_refine_ls_shell.number_reflns_obs 
_refine_ls_shell.number_reflns_R_free 
_refine_ls_shell.number_reflns_R_work 
_refine_ls_shell.percent_reflns_obs 
_refine_ls_shell.percent_reflns_R_free 
_refine_ls_shell.R_factor_all 
_refine_ls_shell.R_factor_obs 
_refine_ls_shell.R_factor_R_free 
_refine_ls_shell.R_factor_R_free_error 
_refine_ls_shell.R_factor_R_work 
_refine_ls_shell.redundancy_reflns_all 
_refine_ls_shell.redundancy_reflns_obs 
_refine_ls_shell.wR_factor_all 
_refine_ls_shell.wR_factor_obs 
_refine_ls_shell.wR_factor_R_free 
_refine_ls_shell.wR_factor_R_work 
_refine_ls_shell.pdbx_R_complete 
_refine_ls_shell.pdbx_total_number_of_bins_used 
_refine_ls_shell.pdbx_phase_error 
_refine_ls_shell.pdbx_fsc_work 
_refine_ls_shell.pdbx_fsc_free 
'X-RAY DIFFRACTION' 2.40 2.49  . . 141 1297 99.58  . . . 0.2883 . 0.2199 . . . . . . . . . . . 
'X-RAY DIFFRACTION' 2.50 2.61  . . 139 1315 100.00 . . . 0.2902 . 0.2052 . . . . . . . . . . . 
'X-RAY DIFFRACTION' 2.61 2.75  . . 140 1322 100.00 . . . 0.2897 . 0.1957 . . . . . . . . . . . 
'X-RAY DIFFRACTION' 2.75 2.92  . . 143 1284 99.93  . . . 0.2324 . 0.2055 . . . . . . . . . . . 
'X-RAY DIFFRACTION' 2.92 3.14  . . 144 1281 99.93  . . . 0.3232 . 0.2174 . . . . . . . . . . . 
'X-RAY DIFFRACTION' 3.14 3.46  . . 144 1331 100.00 . . . 0.2440 . 0.1676 . . . . . . . . . . . 
'X-RAY DIFFRACTION' 3.46 3.96  . . 146 1295 99.86  . . . 0.2024 . 0.1726 . . . . . . . . . . . 
'X-RAY DIFFRACTION' 3.96 4.98  . . 144 1277 99.02  . . . 0.1690 . 0.1386 . . . . . . . . . . . 
'X-RAY DIFFRACTION' 4.98 27.13 . . 145 1322 99.80  . . . 0.1955 . 0.1586 . . . . . . . . . . . 
# 
_struct.entry_id                     7TRM 
_struct.title                        'Crystal structure of human BIRC2 BIR3 domain in complex with inhibitor LCL-161' 
_struct.pdbx_model_details           ? 
_struct.pdbx_formula_weight          ? 
_struct.pdbx_formula_weight_method   ? 
_struct.pdbx_model_type_details      ? 
_struct.pdbx_CASP_flag               N 
# 
_struct_keywords.entry_id        7TRM 
_struct_keywords.text            'Nuclear protein, inhibitor, histone H3, DNA binding, APOPTOSIS' 
_struct_keywords.pdbx_keywords   APOPTOSIS 
# 
loop_
_struct_asym.id 
_struct_asym.pdbx_blank_PDB_chainid_flag 
_struct_asym.pdbx_modified 
_struct_asym.entity_id 
_struct_asym.details 
A N N 1 ? 
B N N 2 ? 
C N N 3 ? 
D N N 3 ? 
E N N 3 ? 
F N N 4 ? 
G N N 5 ? 
# 
loop_
_struct_conf.conf_type_id 
_struct_conf.id 
_struct_conf.pdbx_PDB_helix_id 
_struct_conf.beg_label_comp_id 
_struct_conf.beg_label_asym_id 
_struct_conf.beg_label_seq_id 
_struct_conf.pdbx_beg_PDB_ins_code 
_struct_conf.end_label_comp_id 
_struct_conf.end_label_asym_id 
_struct_conf.end_label_seq_id 
_struct_conf.pdbx_end_PDB_ins_code 
_struct_conf.beg_auth_comp_id 
_struct_conf.beg_auth_asym_id 
_struct_conf.beg_auth_seq_id 
_struct_conf.end_auth_comp_id 
_struct_conf.end_auth_asym_id 
_struct_conf.end_auth_seq_id 
_struct_conf.pdbx_PDB_helix_class 
_struct_conf.details 
_struct_conf.pdbx_PDB_helix_length 
HELX_P HELX_P1 AA1 ASN A 11 ? GLN A 15 ? ASN A 263 GLN A 267 5 ? 5  
HELX_P HELX_P2 AA2 THR A 16 ? THR A 23 ? THR A 268 THR A 275 1 ? 8  
HELX_P HELX_P3 AA3 PHE A 24 ? TRP A 27 ? PHE A 276 TRP A 279 5 ? 4  
HELX_P HELX_P4 AA4 GLN A 34 ? ALA A 41 ? GLN A 286 ALA A 293 1 ? 8  
HELX_P HELX_P5 AA5 ASP A 69 ? PHE A 78 ? ASP A 321 PHE A 330 1 ? 10 
HELX_P HELX_P6 AA6 CYS A 81 ? VAL A 93 ? CYS A 333 VAL A 345 1 ? 13 
# 
_struct_conf_type.id          HELX_P 
_struct_conf_type.criteria    ? 
_struct_conf_type.reference   ? 
# 
loop_
_struct_conn.id 
_struct_conn.conn_type_id 
_struct_conn.pdbx_leaving_atom_flag 
_struct_conn.pdbx_PDB_id 
_struct_conn.ptnr1_label_asym_id 
_struct_conn.ptnr1_label_comp_id 
_struct_conn.ptnr1_label_seq_id 
_struct_conn.ptnr1_label_atom_id 
_struct_conn.pdbx_ptnr1_label_alt_id 
_struct_conn.pdbx_ptnr1_PDB_ins_code 
_struct_conn.pdbx_ptnr1_standard_comp_id 
_struct_conn.ptnr1_symmetry 
_struct_conn.ptnr2_label_asym_id 
_struct_conn.ptnr2_label_comp_id 
_struct_conn.ptnr2_label_seq_id 
_struct_conn.ptnr2_label_atom_id 
_struct_conn.pdbx_ptnr2_label_alt_id 
_struct_conn.pdbx_ptnr2_PDB_ins_code 
_struct_conn.ptnr1_auth_asym_id 
_struct_conn.ptnr1_auth_comp_id 
_struct_conn.ptnr1_auth_seq_id 
_struct_conn.ptnr2_auth_asym_id 
_struct_conn.ptnr2_auth_comp_id 
_struct_conn.ptnr2_auth_seq_id 
_struct_conn.ptnr2_symmetry 
_struct_conn.pdbx_ptnr3_label_atom_id 
_struct_conn.pdbx_ptnr3_label_seq_id 
_struct_conn.pdbx_ptnr3_label_comp_id 
_struct_conn.pdbx_ptnr3_label_asym_id 
_struct_conn.pdbx_ptnr3_label_alt_id 
_struct_conn.pdbx_ptnr3_PDB_ins_code 
_struct_conn.details 
_struct_conn.pdbx_dist_value 
_struct_conn.pdbx_value_order 
_struct_conn.pdbx_role 
metalc1 metalc ? ? A CYS 54 SG  ? ? ? 1_555 B ZN . ZN ? ? A CYS 306 A ZN 401 1_555 ? ? ? ? ? ? ? 2.362 ? ? 
metalc2 metalc ? ? A CYS 57 SG  ? ? ? 1_555 B ZN . ZN ? ? A CYS 309 A ZN 401 1_555 ? ? ? ? ? ? ? 2.330 ? ? 
metalc3 metalc ? ? A HIS 74 NE2 ? ? ? 1_555 B ZN . ZN ? ? A HIS 326 A ZN 401 1_555 ? ? ? ? ? ? ? 2.075 ? ? 
metalc4 metalc ? ? A CYS 81 SG  ? ? ? 1_555 B ZN . ZN ? ? A CYS 333 A ZN 401 1_555 ? ? ? ? ? ? ? 2.348 ? ? 
# 
_struct_conn_type.id          metalc 
_struct_conn_type.criteria    ? 
_struct_conn_type.reference   ? 
# 
_struct_sheet.id               AA1 
_struct_sheet.type             ? 
_struct_sheet.number_strands   3 
_struct_sheet.details          ? 
# 
loop_
_struct_sheet_order.sheet_id 
_struct_sheet_order.range_id_1 
_struct_sheet_order.range_id_2 
_struct_sheet_order.offset 
_struct_sheet_order.sense 
AA1 1 2 ? anti-parallel 
AA1 2 3 ? anti-parallel 
# 
loop_
_struct_sheet_range.sheet_id 
_struct_sheet_range.id 
_struct_sheet_range.beg_label_comp_id 
_struct_sheet_range.beg_label_asym_id 
_struct_sheet_range.beg_label_seq_id 
_struct_sheet_range.pdbx_beg_PDB_ins_code 
_struct_sheet_range.end_label_comp_id 
_struct_sheet_range.end_label_asym_id 
_struct_sheet_range.end_label_seq_id 
_struct_sheet_range.pdbx_end_PDB_ins_code 
_struct_sheet_range.beg_auth_comp_id 
_struct_sheet_range.beg_auth_asym_id 
_struct_sheet_range.beg_auth_seq_id 
_struct_sheet_range.end_auth_comp_id 
_struct_sheet_range.end_auth_asym_id 
_struct_sheet_range.end_auth_seq_id 
AA1 1 PHE A 43 ? TYR A 45 ? PHE A 295 TYR A 297 
AA1 2 VAL A 52 ? CYS A 54 ? VAL A 304 CYS A 306 
AA1 3 GLY A 60 ? LEU A 61 ? GLY A 312 LEU A 313 
# 
loop_
_pdbx_struct_sheet_hbond.sheet_id 
_pdbx_struct_sheet_hbond.range_id_1 
_pdbx_struct_sheet_hbond.range_id_2 
_pdbx_struct_sheet_hbond.range_1_label_atom_id 
_pdbx_struct_sheet_hbond.range_1_label_comp_id 
_pdbx_struct_sheet_hbond.range_1_label_asym_id 
_pdbx_struct_sheet_hbond.range_1_label_seq_id 
_pdbx_struct_sheet_hbond.range_1_PDB_ins_code 
_pdbx_struct_sheet_hbond.range_1_auth_atom_id 
_pdbx_struct_sheet_hbond.range_1_auth_comp_id 
_pdbx_struct_sheet_hbond.range_1_auth_asym_id 
_pdbx_struct_sheet_hbond.range_1_auth_seq_id 
_pdbx_struct_sheet_hbond.range_2_label_atom_id 
_pdbx_struct_sheet_hbond.range_2_label_comp_id 
_pdbx_struct_sheet_hbond.range_2_label_asym_id 
_pdbx_struct_sheet_hbond.range_2_label_seq_id 
_pdbx_struct_sheet_hbond.range_2_PDB_ins_code 
_pdbx_struct_sheet_hbond.range_2_auth_atom_id 
_pdbx_struct_sheet_hbond.range_2_auth_comp_id 
_pdbx_struct_sheet_hbond.range_2_auth_asym_id 
_pdbx_struct_sheet_hbond.range_2_auth_seq_id 
AA1 1 2 N TYR A 44 ? N TYR A 296 O LYS A 53 ? O LYS A 305 
AA1 2 3 N VAL A 52 ? N VAL A 304 O LEU A 61 ? O LEU A 313 
# 
_atom_sites.entry_id                    7TRM 
_atom_sites.Cartn_transf_matrix[1][1]   ? 
_atom_sites.Cartn_transf_matrix[1][2]   ? 
_atom_sites.Cartn_transf_matrix[1][3]   ? 
_atom_sites.Cartn_transf_matrix[2][1]   ? 
_atom_sites.Cartn_transf_matrix[2][2]   ? 
_atom_sites.Cartn_transf_matrix[2][3]   ? 
_atom_sites.Cartn_transf_matrix[3][1]   ? 
_atom_sites.Cartn_transf_matrix[3][2]   ? 
_atom_sites.Cartn_transf_matrix[3][3]   ? 
_atom_sites.Cartn_transf_vector[1]      ? 
_atom_sites.Cartn_transf_vector[2]      ? 
_atom_sites.Cartn_transf_vector[3]      ? 
_atom_sites.fract_transf_matrix[1][1]   -0.01000643 
_atom_sites.fract_transf_matrix[1][2]   0.00219243 
_atom_sites.fract_transf_matrix[1][3]   0.00408305 
_atom_sites.fract_transf_matrix[2][1]   -0.00901712 
_atom_sites.fract_transf_matrix[2][2]   -0.00292778 
_atom_sites.fract_transf_matrix[2][3]   -0.00563350 
_atom_sites.fract_transf_matrix[3][1]   -0.00013886 
_atom_sites.fract_transf_matrix[3][2]   -0.03261240 
_atom_sites.fract_transf_matrix[3][3]   0.01717121 
_atom_sites.fract_transf_vector[1]      -0.309597 
_atom_sites.fract_transf_vector[2]      -0.491542 
_atom_sites.fract_transf_vector[3]      0.033429 
_atom_sites.solution_primary            ? 
_atom_sites.solution_secondary          ? 
_atom_sites.solution_hydrogens          ? 
_atom_sites.special_details             ? 
# 
loop_
_atom_type.symbol 
_atom_type.scat_dispersion_real 
_atom_type.scat_dispersion_imag 
_atom_type.scat_Cromer_Mann_a1 
_atom_type.scat_Cromer_Mann_a2 
_atom_type.scat_Cromer_Mann_a3 
_atom_type.scat_Cromer_Mann_a4 
_atom_type.scat_Cromer_Mann_b1 
_atom_type.scat_Cromer_Mann_b2 
_atom_type.scat_Cromer_Mann_b3 
_atom_type.scat_Cromer_Mann_b4 
_atom_type.scat_Cromer_Mann_c 
_atom_type.scat_source 
_atom_type.scat_dispersion_source 
C  ? ? 3.54356  2.42580 ? ? 25.62398 1.50364  ? ? 0.0 
;2-Gaussian fit: Grosse-Kunstleve RW, Sauter NK, Adams PD: Newsletter of the IUCr Commission on Crystallographic Computing 2004, 3, 22-31.
;
? 
F  ? ? 8.95735  ?       ? ? 7.27484  ?        ? ? 0.0 
;1-Gaussian fit: Grosse-Kunstleve RW, Sauter NK, Adams PD: Newsletter of the IUCr Commission on Crystallographic Computing 2004, 3, 22-31.
;
? 
H  ? ? 0.51345  0.48472 ? ? 24.73122 6.32584  ? ? 0.0 
;2-Gaussian fit: Grosse-Kunstleve RW, Sauter NK, Adams PD: Newsletter of the IUCr Commission on Crystallographic Computing 2004, 3, 22-31.
;
? 
N  ? ? 4.01032  2.96436 ? ? 19.97189 1.75589  ? ? 0.0 
;2-Gaussian fit: Grosse-Kunstleve RW, Sauter NK, Adams PD: Newsletter of the IUCr Commission on Crystallographic Computing 2004, 3, 22-31.
;
? 
O  ? ? 4.49882  3.47563 ? ? 15.80542 1.70748  ? ? 0.0 
;2-Gaussian fit: Grosse-Kunstleve RW, Sauter NK, Adams PD: Newsletter of the IUCr Commission on Crystallographic Computing 2004, 3, 22-31.
;
? 
S  ? ? 9.55732  6.39887 ? ? 1.23737  29.19336 ? ? 0.0 
;2-Gaussian fit: Grosse-Kunstleve RW, Sauter NK, Adams PD: Newsletter of the IUCr Commission on Crystallographic Computing 2004, 3, 22-31.
;
? 
ZN ? ? 24.64596 5.25405 ? ? 2.14387  29.76375 ? ? 0.0 
;2-Gaussian fit: Grosse-Kunstleve RW, Sauter NK, Adams PD: Newsletter of the IUCr Commission on Crystallographic Computing 2004, 3, 22-31.
;
? 
# 
loop_
_atom_site.group_PDB 
_atom_site.id 
_atom_site.type_symbol 
_atom_site.label_atom_id 
_atom_site.label_alt_id 
_atom_site.label_comp_id 
_atom_site.label_asym_id 
_atom_site.label_entity_id 
_atom_site.label_seq_id 
_atom_site.pdbx_PDB_ins_code 
_atom_site.Cartn_x 
_atom_site.Cartn_y 
_atom_site.Cartn_z 
_atom_site.occupancy 
_atom_site.B_iso_or_equiv 
_atom_site.pdbx_formal_charge 
_atom_site.auth_seq_id 
_atom_site.auth_comp_id 
_atom_site.auth_asym_id 
_atom_site.auth_atom_id 
_atom_site.pdbx_PDB_model_num 
ATOM   1   N  N   . GLU A 1 7  ? 14.03265  -1.52940  -9.00300  1.000 52.47000 ? 259 GLU A N   1 
ATOM   2   C  CA  . GLU A 1 7  ? 14.98652  -2.51368  -8.47569  1.000 61.05000 ? 259 GLU A CA  1 
ATOM   3   C  C   . GLU A 1 7  ? 15.17631  -2.42792  -6.95259  1.000 61.26000 ? 259 GLU A C   1 
ATOM   4   O  O   . GLU A 1 7  ? 15.07874  -3.42713  -6.22817  1.000 60.02000 ? 259 GLU A O   1 
ATOM   5   C  CB  . GLU A 1 7  ? 16.34441  -2.34402  -9.15560  1.000 69.27000 ? 259 GLU A CB  1 
ATOM   6   C  CG  . GLU A 1 7  ? 16.36442  -2.69877  -10.63196 1.000 77.82000 ? 259 GLU A CG  1 
ATOM   7   C  CD  . GLU A 1 7  ? 17.76157  -3.05884  -11.10921 1.000 87.30000 ? 259 GLU A CD  1 
ATOM   8   O  OE1 . GLU A 1 7  ? 18.38224  -2.24552  -11.83043 1.000 90.91000 ? 259 GLU A OE1 1 
ATOM   9   O  OE2 . GLU A 1 7  ? 18.24589  -4.15354  -10.74390 1.000 88.37000 ? 259 GLU A OE2 1 
ATOM   10  N  N   . PHE A 1 8  ? 15.46620  -1.21972  -6.48433  1.000 56.39000 ? 260 PHE A N   1 
ATOM   11  C  CA  . PHE A 1 8  ? 15.74824  -0.97527  -5.07978  1.000 50.39000 ? 260 PHE A CA  1 
ATOM   12  C  C   . PHE A 1 8  ? 14.44860  -0.93833  -4.27747  1.000 44.68000 ? 260 PHE A C   1 
ATOM   13  O  O   . PHE A 1 8  ? 13.45320  -0.34556  -4.70514  1.000 48.57000 ? 260 PHE A O   1 
ATOM   14  C  CB  . PHE A 1 8  ? 16.52666  0.34003   -4.95582  1.000 44.86000 ? 260 PHE A CB  1 
ATOM   15  C  CG  . PHE A 1 8  ? 16.91078  0.71146   -3.54968  1.000 49.72000 ? 260 PHE A CG  1 
ATOM   16  C  CD1 . PHE A 1 8  ? 18.07026  0.20701   -2.97440  1.000 48.65000 ? 260 PHE A CD1 1 
ATOM   17  C  CD2 . PHE A 1 8  ? 16.13128  1.60103   -2.81519  1.000 48.13000 ? 260 PHE A CD2 1 
ATOM   18  C  CE1 . PHE A 1 8  ? 18.43721  0.56725   -1.67981  1.000 46.85000 ? 260 PHE A CE1 1 
ATOM   19  C  CE2 . PHE A 1 8  ? 16.48144  1.95601   -1.52428  1.000 45.48000 ? 260 PHE A CE2 1 
ATOM   20  C  CZ  . PHE A 1 8  ? 17.64279  1.44086   -0.95428  1.000 44.27000 ? 260 PHE A CZ  1 
ATOM   21  N  N   . ILE A 1 9  ? 14.46224  -1.57272  -3.10827  1.000 42.60000 ? 261 ILE A N   1 
ATOM   22  C  CA  . ILE A 1 9  ? 13.29254  -1.67557  -2.23769  1.000 41.65000 ? 261 ILE A CA  1 
ATOM   23  C  C   . ILE A 1 9  ? 13.50955  -0.77297  -1.02609  1.000 36.58000 ? 261 ILE A C   1 
ATOM   24  O  O   . ILE A 1 9  ? 14.48438  -0.94330  -0.28780  1.000 38.54000 ? 261 ILE A O   1 
ATOM   25  C  CB  . ILE A 1 9  ? 13.03941  -3.13488  -1.82386  1.000 41.49000 ? 261 ILE A CB  1 
ATOM   26  C  CG1 . ILE A 1 9  ? 12.62668  -3.95942  -3.05836  1.000 40.78000 ? 261 ILE A CG1 1 
ATOM   27  C  CG2 . ILE A 1 9  ? 11.99761  -3.21336  -0.71065  1.000 32.22000 ? 261 ILE A CG2 1 
ATOM   28  C  CD1 . ILE A 1 9  ? 12.77762  -5.46140  -2.88543  1.000 40.88000 ? 261 ILE A CD1 1 
ATOM   29  N  N   . SER A 1 10 ? 12.60016  0.18818   -0.81781  1.000 34.05000 ? 262 SER A N   1 
ATOM   30  C  CA  . SER A 1 10 ? 12.81412  1.19800   0.21964   1.000 33.40000 ? 262 SER A CA  1 
ATOM   31  C  C   . SER A 1 10 ? 12.77247  0.59929   1.61930   1.000 33.96000 ? 262 SER A C   1 
ATOM   32  O  O   . SER A 1 10 ? 13.57447  0.97952   2.48316   1.000 31.39000 ? 262 SER A O   1 
ATOM   33  C  CB  . SER A 1 10 ? 11.78012  2.31526   0.11165   1.000 33.79000 ? 262 SER A CB  1 
ATOM   34  O  OG  . SER A 1 10 ? 12.03153  3.13415   -1.01194  1.000 40.29000 ? 262 SER A OG  1 
ATOM   35  N  N   . ASN A 1 11 ? 11.83550  -0.31681  1.87444   1.000 31.38000 ? 263 ASN A N   1 
ATOM   36  C  CA  . ASN A 1 11 ? 11.63525  -0.88070  3.21232   1.000 33.81000 ? 263 ASN A CA  1 
ATOM   37  C  C   . ASN A 1 11 ? 11.65846  -2.40290  3.12256   1.000 32.15000 ? 263 ASN A C   1 
ATOM   38  O  O   . ASN A 1 11 ? 10.60254  -3.03106  2.98777   1.000 31.86000 ? 263 ASN A O   1 
ATOM   39  C  CB  . ASN A 1 11 ? 10.33214  -0.38665  3.83745   1.000 30.33000 ? 263 ASN A CB  1 
ATOM   40  C  CG  . ASN A 1 11 ? 10.23110  -0.74864  5.31487   1.000 33.07000 ? 263 ASN A CG  1 
ATOM   41  O  OD1 . ASN A 1 11 ? 10.75156  -1.78134  5.74672   1.000 33.89000 ? 263 ASN A OD1 1 
ATOM   42  N  ND2 . ASN A 1 11 ? 9.58755   0.11474   6.10375   1.000 31.75000 ? 263 ASN A ND2 1 
ATOM   43  N  N   . LEU A 1 12 ? 12.85765  -2.98444  3.23192   1.000 30.07000 ? 264 LEU A N   1 
ATOM   44  C  CA  . LEU A 1 12 ? 12.98854  -4.43431  3.14950   1.000 33.75000 ? 264 LEU A CA  1 
ATOM   45  C  C   . LEU A 1 12 ? 12.26557  -5.14483  4.28837   1.000 33.38000 ? 264 LEU A C   1 
ATOM   46  O  O   . LEU A 1 12 ? 11.86339  -6.30413  4.13102   1.000 32.85000 ? 264 LEU A O   1 
ATOM   47  C  CB  . LEU A 1 12 ? 14.46752  -4.82724  3.12995   1.000 35.28000 ? 264 LEU A CB  1 
ATOM   48  C  CG  . LEU A 1 12 ? 15.16003  -4.46710  1.81477   1.000 38.19000 ? 264 LEU A CG  1 
ATOM   49  C  CD1 . LEU A 1 12 ? 16.67537  -4.51380  1.97014   1.000 36.59000 ? 264 LEU A CD1 1 
ATOM   50  C  CD2 . LEU A 1 12 ? 14.68117  -5.38722  0.67511   1.000 37.00000 ? 264 LEU A CD2 1 
ATOM   51  N  N   . SER A 1 13 ? 12.08248  -4.48262  5.43726   1.000 30.37000 ? 265 SER A N   1 
ATOM   52  C  CA  . SER A 1 13 ? 11.37840  -5.15254  6.52675   1.000 33.41000 ? 265 SER A CA  1 
ATOM   53  C  C   . SER A 1 13 ? 9.90557   -5.37554  6.20077   1.000 32.66000 ? 265 SER A C   1 
ATOM   54  O  O   . SER A 1 13 ? 9.27273   -6.24859  6.80415   1.000 34.95000 ? 265 SER A O   1 
ATOM   55  C  CB  . SER A 1 13 ? 11.50534  -4.36224  7.83127   1.000 29.69000 ? 265 SER A CB  1 
ATOM   56  O  OG  . SER A 1 13 ? 10.55277  -3.31049  7.88931   1.000 35.35000 ? 265 SER A OG  1 
ATOM   57  N  N   . MET A 1 14 ? 9.35546   -4.61463  5.25679   1.000 30.99000 ? 266 MET A N   1 
ATOM   58  C  CA  . MET A 1 14 ? 7.95027   -4.68133  4.87835   1.000 33.33000 ? 266 MET A CA  1 
ATOM   59  C  C   . MET A 1 14 ? 7.76649   -5.38853  3.53157   1.000 31.20000 ? 266 MET A C   1 
ATOM   60  O  O   . MET A 1 14 ? 6.77975   -5.17611  2.82375   1.000 32.37000 ? 266 MET A O   1 
ATOM   61  C  CB  . MET A 1 14 ? 7.35832   -3.27204  4.85850   1.000 31.35000 ? 266 MET A CB  1 
ATOM   62  C  CG  . MET A 1 14 ? 7.21866   -2.64657  6.24278   1.000 30.63000 ? 266 MET A CG  1 
ATOM   63  S  SD  . MET A 1 14 ? 6.01571   -3.51976  7.27916   1.000 33.49000 ? 266 MET A SD  1 
ATOM   64  C  CE  . MET A 1 14 ? 7.01268   -4.20682  8.60097   1.000 30.61000 ? 266 MET A CE  1 
ATOM   65  N  N   . GLN A 1 15 ? 8.70986   -6.26204  3.19595   1.000 31.65000 ? 267 GLN A N   1 
ATOM   66  C  CA  . GLN A 1 15 ? 8.74266   -6.90459  1.88783   1.000 35.02000 ? 267 GLN A CA  1 
ATOM   67  C  C   . GLN A 1 15 ? 7.67501   -7.99357  1.74705   1.000 36.19000 ? 267 GLN A C   1 
ATOM   68  O  O   . GLN A 1 15 ? 7.12026   -8.19206  0.65725   1.000 33.55000 ? 267 GLN A O   1 
ATOM   69  C  CB  . GLN A 1 15 ? 10.13452  -7.47704  1.69191   1.000 33.50000 ? 267 GLN A CB  1 
ATOM   70  C  CG  . GLN A 1 15 ? 10.41663  -8.14296  0.40798   1.000 40.41000 ? 267 GLN A CG  1 
ATOM   71  C  CD  . GLN A 1 15 ? 11.84438  -8.62290  0.39233   1.000 47.70000 ? 267 GLN A CD  1 
ATOM   72  O  OE1 . GLN A 1 15 ? 12.44131  -8.87694  1.45796   1.000 44.34000 ? 267 GLN A OE1 1 
ATOM   73  N  NE2 . GLN A 1 15 ? 12.42025  -8.72494  -0.80133  1.000 47.50000 ? 267 GLN A NE2 1 
ATOM   74  N  N   . THR A 1 16 ? 7.38295   -8.72066  2.82144   1.000 31.68000 ? 268 THR A N   1 
ATOM   75  C  CA  . THR A 1 16 ? 6.34403   -9.74438  2.77693   1.000 35.17000 ? 268 THR A CA  1 
ATOM   76  C  C   . THR A 1 16 ? 4.97295   -9.15459  3.12831   1.000 33.55000 ? 268 THR A C   1 
ATOM   77  O  O   . THR A 1 16 ? 4.86086   -8.20464  3.91417   1.000 34.09000 ? 268 THR A O   1 
ATOM   78  C  CB  . THR A 1 16 ? 6.69242   -10.90296 3.72385   1.000 34.93000 ? 268 THR A CB  1 
ATOM   79  O  OG1 . THR A 1 16 ? 6.54201   -10.48720 5.08751   1.000 32.32000 ? 268 THR A OG1 1 
ATOM   80  C  CG2 . THR A 1 16 ? 8.14028   -11.35252 3.49775   1.000 26.62000 ? 268 THR A CG2 1 
ATOM   81  N  N   . HIS A 1 17 ? 3.91777   -9.72347  2.53086   1.000 31.10000 ? 269 HIS A N   1 
ATOM   82  C  CA  . HIS A 1 17 ? 2.58701   -9.19435  2.80811   1.000 32.08000 ? 269 HIS A CA  1 
ATOM   83  C  C   . HIS A 1 17 ? 2.14172   -9.50927  4.23265   1.000 32.99000 ? 269 HIS A C   1 
ATOM   84  O  O   . HIS A 1 17 ? 1.36881   -8.74116  4.81807   1.000 33.50000 ? 269 HIS A O   1 
ATOM   85  C  CB  . HIS A 1 17 ? 1.56283   -9.70606  1.78290   1.000 30.83000 ? 269 HIS A CB  1 
ATOM   86  C  CG  . HIS A 1 17 ? 1.39807   -11.19471 1.75536   1.000 38.78000 ? 269 HIS A CG  1 
ATOM   87  N  ND1 . HIS A 1 17 ? 2.34044   -12.04242 1.20043   1.000 44.24000 ? 269 HIS A ND1 1 
ATOM   88  C  CD2 . HIS A 1 17 ? 0.38451   -11.98995 2.18577   1.000 37.23000 ? 269 HIS A CD2 1 
ATOM   89  C  CE1 . HIS A 1 17 ? 1.91979   -13.29592 1.29974   1.000 36.57000 ? 269 HIS A CE1 1 
ATOM   90  N  NE2 . HIS A 1 17 ? 0.74021   -13.29248 1.89989   1.000 40.36000 ? 269 HIS A NE2 1 
ATOM   91  N  N   . ALA A 1 18 ? 2.61840   -10.61476 4.81352   1.000 31.57000 ? 270 ALA A N   1 
ATOM   92  C  CA  . ALA A 1 18 ? 2.26726   -10.92317 6.19751   1.000 31.94000 ? 270 ALA A CA  1 
ATOM   93  C  C   . ALA A 1 18 ? 2.83590   -9.87196  7.14686   1.000 33.66000 ? 270 ALA A C   1 
ATOM   94  O  O   . ALA A 1 18 ? 2.13585   -9.38087  8.03956   1.000 26.30000 ? 270 ALA A O   1 
ATOM   95  C  CB  . ALA A 1 18 ? 2.76163   -12.32198 6.57559   1.000 26.46000 ? 270 ALA A CB  1 
ATOM   96  N  N   . ALA A 1 19 ? 4.11134   -9.50973  6.96081   1.000 31.89000 ? 271 ALA A N   1 
ATOM   97  C  CA  . ALA A 1 19 ? 4.69380   -8.44203  7.76986   1.000 33.74000 ? 271 ALA A CA  1 
ATOM   98  C  C   . ALA A 1 19 ? 3.92369   -7.13764  7.59444   1.000 34.91000 ? 271 ALA A C   1 
ATOM   99  O  O   . ALA A 1 19 ? 3.64144   -6.43804  8.57529   1.000 34.67000 ? 271 ALA A O   1 
ATOM   100 C  CB  . ALA A 1 19 ? 6.16945   -8.24627  7.40664   1.000 30.56000 ? 271 ALA A CB  1 
ATOM   101 N  N   . ARG A 1 20 ? 3.56864   -6.79203  6.35051   1.000 28.48000 ? 272 ARG A N   1 
ATOM   102 C  CA  . ARG A 1 20 ? 2.81427   -5.56255  6.13597   1.000 32.85000 ? 272 ARG A CA  1 
ATOM   103 C  C   . ARG A 1 20 ? 1.45960   -5.63472  6.82076   1.000 32.46000 ? 272 ARG A C   1 
ATOM   104 O  O   . ARG A 1 20 ? 1.02264   -4.66578  7.45119   1.000 33.63000 ? 272 ARG A O   1 
ATOM   105 C  CB  . ARG A 1 20 ? 2.64208   -5.28288  4.63949   1.000 29.84000 ? 272 ARG A CB  1 
ATOM   106 C  CG  . ARG A 1 20 ? 3.93755   -4.96668  3.93046   1.000 29.10000 ? 272 ARG A CG  1 
ATOM   107 C  CD  . ARG A 1 20 ? 3.69285   -4.42422  2.52897   1.000 34.51000 ? 272 ARG A CD  1 
ATOM   108 N  NE  . ARG A 1 20 ? 2.93277   -5.31977  1.65048   1.000 32.98000 ? 272 ARG A NE  1 
ATOM   109 C  CZ  . ARG A 1 20 ? 3.47753   -6.29061  0.92288   1.000 32.25000 ? 272 ARG A CZ  1 
ATOM   110 N  NH1 . ARG A 1 20 ? 4.78629   -6.51044  0.98601   1.000 32.15000 ? 272 ARG A NH1 1 
ATOM   111 N  NH2 . ARG A 1 20 ? 2.71589   -7.04267  0.13874   1.000 28.55000 ? 272 ARG A NH2 1 
ATOM   112 N  N   . MET A 1 21 ? 0.78544   -6.77974  6.70765   1.000 31.11000 ? 273 MET A N   1 
ATOM   113 C  CA  . MET A 1 21 ? -0.53769  -6.92721  7.29692   1.000 34.92000 ? 273 MET A CA  1 
ATOM   114 C  C   . MET A 1 21 ? -0.48497  -6.78235  8.81097   1.000 33.59000 ? 273 MET A C   1 
ATOM   115 O  O   . MET A 1 21 ? -1.42440  -6.25464  9.42570   1.000 33.97000 ? 273 MET A O   1 
ATOM   116 C  CB  . MET A 1 21 ? -1.12372  -8.28258  6.90736   1.000 31.17000 ? 273 MET A CB  1 
ATOM   117 C  CG  . MET A 1 21 ? -2.45254  -8.57335  7.55281   1.000 33.86000 ? 273 MET A CG  1 
ATOM   118 S  SD  . MET A 1 21 ? -3.73861  -7.55609  6.82360   1.000 32.08000 ? 273 MET A SD  1 
ATOM   119 C  CE  . MET A 1 21 ? -5.15781  -8.10810  7.77492   1.000 31.01000 ? 273 MET A CE  1 
ATOM   120 N  N   . ARG A 1 22 ? 0.61757   -7.21532  9.42065   1.000 29.36000 ? 274 ARG A N   1 
ATOM   121 C  CA  . ARG A 1 22 ? 0.76409   -7.09815  10.86356  1.000 34.07000 ? 274 ARG A CA  1 
ATOM   122 C  C   . ARG A 1 22 ? 0.71866   -5.63958  11.31951  1.000 32.96000 ? 274 ARG A C   1 
ATOM   123 O  O   . ARG A 1 22 ? 0.16981   -5.33785  12.38182  1.000 31.23000 ? 274 ARG A O   1 
ATOM   124 C  CB  . ARG A 1 22 ? 2.06087   -7.77234  11.29356  1.000 35.67000 ? 274 ARG A CB  1 
ATOM   125 C  CG  . ARG A 1 22 ? 2.26511   -7.81900  12.78208  1.000 45.67000 ? 274 ARG A CG  1 
ATOM   126 C  CD  . ARG A 1 22 ? 3.50357   -8.65189  13.13344  1.000 52.68000 ? 274 ARG A CD  1 
ATOM   127 N  NE  . ARG A 1 22 ? 3.96809   -8.34089  14.48342  1.000 58.91000 ? 274 ARG A NE  1 
ATOM   128 C  CZ  . ARG A 1 22 ? 4.59616   -9.19464  15.28820  1.000 61.64000 ? 274 ARG A CZ  1 
ATOM   129 N  NH1 . ARG A 1 22 ? 4.83234   -10.44394 14.88995  1.000 54.78000 ? 274 ARG A NH1 1 
ATOM   130 N  NH2 . ARG A 1 22 ? 4.97360   -8.79707  16.50353  1.000 61.28000 ? 274 ARG A NH2 1 
ATOM   131 N  N   . THR A 1 23 ? 1.26427   -4.71482  10.51957  1.000 29.81000 ? 275 THR A N   1 
ATOM   132 C  CA  . THR A 1 23 ? 1.26781   -3.31389  10.93297  1.000 31.33000 ? 275 THR A CA  1 
ATOM   133 C  C   . THR A 1 23 ? -0.12298  -2.69944  11.01336  1.000 30.67000 ? 275 THR A C   1 
ATOM   134 O  O   . THR A 1 23 ? -0.25779  -1.61427  11.57935  1.000 32.45000 ? 275 THR A O   1 
ATOM   135 C  CB  . THR A 1 23 ? 2.11038   -2.45045  9.99107   1.000 32.34000 ? 275 THR A CB  1 
ATOM   136 O  OG1 . THR A 1 23 ? 1.43389   -2.31122  8.73464   1.000 30.56000 ? 275 THR A OG1 1 
ATOM   137 C  CG2 . THR A 1 23 ? 3.49530   -3.06368  9.78632   1.000 30.39000 ? 275 THR A CG2 1 
ATOM   138 N  N   . PHE A 1 24 ? -1.15082  -3.33595  10.46799  1.000 30.28000 ? 276 PHE A N   1 
ATOM   139 C  CA  . PHE A 1 24 ? -2.49406  -2.77556  10.55125  1.000 34.67000 ? 276 PHE A CA  1 
ATOM   140 C  C   . PHE A 1 24 ? -3.22076  -3.17182  11.83619  1.000 33.49000 ? 276 PHE A C   1 
ATOM   141 O  O   . PHE A 1 24 ? -4.43050  -2.94149  11.94190  1.000 32.06000 ? 276 PHE A O   1 
ATOM   142 C  CB  . PHE A 1 24 ? -3.31961  -3.17223  9.31470   1.000 32.45000 ? 276 PHE A CB  1 
ATOM   143 C  CG  . PHE A 1 24 ? -2.85606  -2.49764  8.05184   1.000 31.84000 ? 276 PHE A CG  1 
ATOM   144 C  CD1 . PHE A 1 24 ? -3.34577  -1.23976  7.70234   1.000 31.10000 ? 276 PHE A CD1 1 
ATOM   145 C  CD2 . PHE A 1 24 ? -1.89450  -3.08928  7.24502   1.000 30.56000 ? 276 PHE A CD2 1 
ATOM   146 C  CE1 . PHE A 1 24 ? -2.89822  -0.58177  6.55593   1.000 30.54000 ? 276 PHE A CE1 1 
ATOM   147 C  CE2 . PHE A 1 24 ? -1.43596  -2.44821  6.08589   1.000 31.47000 ? 276 PHE A CE2 1 
ATOM   148 C  CZ  . PHE A 1 24 ? -1.94059  -1.18341  5.74297   1.000 32.55000 ? 276 PHE A CZ  1 
ATOM   149 N  N   . MET A 1 25 ? -2.50269  -3.72816  12.81805  1.000 28.22000 ? 277 MET A N   1 
ATOM   150 C  CA  . MET A 1 25 ? -3.13586  -4.11273  14.07443  1.000 32.89000 ? 277 MET A CA  1 
ATOM   151 C  C   . MET A 1 25 ? -4.02573  -3.00247  14.62618  1.000 34.68000 ? 277 MET A C   1 
ATOM   152 O  O   . MET A 1 25 ? -5.16440  -3.25203  15.03590  1.000 33.20000 ? 277 MET A O   1 
ATOM   153 C  CB  . MET A 1 25 ? -2.07549  -4.49095  15.09901  1.000 34.31000 ? 277 MET A CB  1 
ATOM   154 C  CG  . MET A 1 25 ? -2.66623  -4.92793  16.43220  1.000 37.70000 ? 277 MET A CG  1 
ATOM   155 S  SD  . MET A 1 25 ? -1.45322  -5.47712  17.66347  1.000 49.32000 ? 277 MET A SD  1 
ATOM   156 C  CE  . MET A 1 25 ? -2.55577  -5.75200  19.06212  1.000 41.26000 ? 277 MET A CE  1 
ATOM   157 N  N   . TYR A 1 26 ? -3.53289  -1.76555  14.63331  1.000 29.62000 ? 278 TYR A N   1 
ATOM   158 C  CA  . TYR A 1 26 ? -4.31628  -0.65267  15.15225  1.000 33.41000 ? 278 TYR A CA  1 
ATOM   159 C  C   . TYR A 1 26 ? -4.82050  0.26261   14.04677  1.000 34.25000 ? 278 TYR A C   1 
ATOM   160 O  O   . TYR A 1 26 ? -4.98023  1.46362   14.26162  1.000 35.51000 ? 278 TYR A O   1 
ATOM   161 C  CB  . TYR A 1 26 ? -3.51612  0.14785   16.17255  1.000 33.18000 ? 278 TYR A CB  1 
ATOM   162 C  CG  . TYR A 1 26 ? -3.25026  -0.62774  17.43623  1.000 35.01000 ? 278 TYR A CG  1 
ATOM   163 C  CD1 . TYR A 1 26 ? -4.20907  -0.69916  18.45405  1.000 31.27000 ? 278 TYR A CD1 1 
ATOM   164 C  CD2 . TYR A 1 26 ? -2.04064  -1.29505  17.61458  1.000 32.83000 ? 278 TYR A CD2 1 
ATOM   165 C  CE1 . TYR A 1 26 ? -3.96018  -1.40737  19.61590  1.000 32.96000 ? 278 TYR A CE1 1 
ATOM   166 C  CE2 . TYR A 1 26 ? -1.78313  -2.01077  18.76652  1.000 34.65000 ? 278 TYR A CE2 1 
ATOM   167 C  CZ  . TYR A 1 26 ? -2.73853  -2.06205  19.76254  1.000 36.86000 ? 278 TYR A CZ  1 
ATOM   168 O  OH  . TYR A 1 26 ? -2.45013  -2.77398  20.89833  1.000 45.92000 ? 278 TYR A OH  1 
ATOM   169 N  N   . TRP A 1 27 ? -5.04722  -0.28891  12.86009  1.000 33.42000 ? 279 TRP A N   1 
ATOM   170 C  CA  . TRP A 1 27 ? -5.71904  0.45461   11.80482  1.000 35.41000 ? 279 TRP A CA  1 
ATOM   171 C  C   . TRP A 1 27 ? -7.08760  0.90633   12.30612  1.000 35.04000 ? 279 TRP A C   1 
ATOM   172 O  O   . TRP A 1 27 ? -7.81147  0.10441   12.90862  1.000 33.40000 ? 279 TRP A O   1 
ATOM   173 C  CB  . TRP A 1 27 ? -5.86547  -0.42705  10.56918  1.000 31.33000 ? 279 TRP A CB  1 
ATOM   174 C  CG  . TRP A 1 27 ? -6.44791  0.20973   9.34410   1.000 32.74000 ? 279 TRP A CG  1 
ATOM   175 C  CD1 . TRP A 1 27 ? -7.63078  -0.11397  8.74335   1.000 34.38000 ? 279 TRP A CD1 1 
ATOM   176 C  CD2 . TRP A 1 27 ? -5.84999  1.23434   8.52601   1.000 32.13000 ? 279 TRP A CD2 1 
ATOM   177 N  NE1 . TRP A 1 27 ? -7.81422  0.64724   7.60972   1.000 34.31000 ? 279 TRP A NE1 1 
ATOM   178 C  CE2 . TRP A 1 27 ? -6.73822  1.48118   7.45077   1.000 32.79000 ? 279 TRP A CE2 1 
ATOM   179 C  CE3 . TRP A 1 27 ? -4.65623  1.96891   8.60214   1.000 29.31000 ? 279 TRP A CE3 1 
ATOM   180 C  CZ2 . TRP A 1 27 ? -6.47282  2.43449   6.45810   1.000 27.30000 ? 279 TRP A CZ2 1 
ATOM   181 C  CZ3 . TRP A 1 27 ? -4.39491  2.91340   7.62058   1.000 30.25000 ? 279 TRP A CZ3 1 
ATOM   182 C  CH2 . TRP A 1 27 ? -5.30586  3.14102   6.56234   1.000 31.95000 ? 279 TRP A CH2 1 
ATOM   183 N  N   . PRO A 1 28 ? -7.45666  2.17489   12.12598  1.000 36.47000 ? 280 PRO A N   1 
ATOM   184 C  CA  . PRO A 1 28 ? -8.78136  2.62580   12.58100  1.000 38.44000 ? 280 PRO A CA  1 
ATOM   185 C  C   . PRO A 1 28 ? -9.86845  1.93219   11.77646  1.000 39.10000 ? 280 PRO A C   1 
ATOM   186 O  O   . PRO A 1 28 ? -9.84640  1.94637   10.54359  1.000 37.34000 ? 280 PRO A O   1 
ATOM   187 C  CB  . PRO A 1 28 ? -8.76370  4.13875   12.31652  1.000 35.84000 ? 280 PRO A CB  1 
ATOM   188 C  CG  . PRO A 1 28 ? -7.32284  4.48892   12.06382  1.000 36.53000 ? 280 PRO A CG  1 
ATOM   189 C  CD  . PRO A 1 28 ? -6.67626  3.26050   11.50678  1.000 34.10000 ? 280 PRO A CD  1 
ATOM   190 N  N   . SER A 1 29 ? -10.81473 1.30934   12.48331  1.000 38.76000 ? 281 SER A N   1 
ATOM   191 C  CA  . SER A 1 29 ? -11.86050 0.56894   11.78770  1.000 40.68000 ? 281 SER A CA  1 
ATOM   192 C  C   . SER A 1 29 ? -12.88246 1.48439   11.12912  1.000 42.66000 ? 281 SER A C   1 
ATOM   193 O  O   . SER A 1 29 ? -13.65197 1.01151   10.28488  1.000 42.58000 ? 281 SER A O   1 
ATOM   194 C  CB  . SER A 1 29 ? -12.55779 -0.40247  12.74895  1.000 37.08000 ? 281 SER A CB  1 
ATOM   195 O  OG  . SER A 1 29 ? -13.01042 0.27614   13.90966  1.000 43.25000 ? 281 SER A OG  1 
ATOM   196 N  N   . SER A 1 30 ? -12.89944 2.77557   11.47774  1.000 37.61000 ? 282 SER A N   1 
ATOM   197 C  CA  . SER A 1 30 ? -13.73073 3.73381   10.75601  1.000 38.61000 ? 282 SER A CA  1 
ATOM   198 C  C   . SER A 1 30 ? -13.22920 4.01758   9.34574   1.000 41.23000 ? 282 SER A C   1 
ATOM   199 O  O   . SER A 1 30 ? -13.96774 4.60713   8.55558   1.000 39.49000 ? 282 SER A O   1 
ATOM   200 C  CB  . SER A 1 30 ? -13.80600 5.04953   11.51994  1.000 35.93000 ? 282 SER A CB  1 
ATOM   201 O  OG  . SER A 1 30 ? -12.50323 5.55960   11.76730  1.000 46.98000 ? 282 SER A OG  1 
ATOM   202 N  N   . VAL A 1 31 ? -11.99987 3.64317   9.00949   1.000 38.06000 ? 283 VAL A N   1 
ATOM   203 C  CA  . VAL A 1 31 ? -11.51266 3.89995   7.66162   1.000 37.77000 ? 283 VAL A CA  1 
ATOM   204 C  C   . VAL A 1 31 ? -12.06245 2.81037   6.74901   1.000 38.61000 ? 283 VAL A C   1 
ATOM   205 O  O   . VAL A 1 31 ? -11.84529 1.62016   7.01019   1.000 38.85000 ? 283 VAL A O   1 
ATOM   206 C  CB  . VAL A 1 31 ? -9.98200  3.97594   7.62300   1.000 36.56000 ? 283 VAL A CB  1 
ATOM   207 C  CG1 . VAL A 1 31 ? -9.50642  4.05756   6.18705   1.000 33.94000 ? 283 VAL A CG1 1 
ATOM   208 C  CG2 . VAL A 1 31 ? -9.50882  5.18801   8.40273   1.000 32.25000 ? 283 VAL A CG2 1 
ATOM   209 N  N   . PRO A 1 32 ? -12.78520 3.17200   5.67421   1.000 36.26000 ? 284 PRO A N   1 
ATOM   210 C  CA  . PRO A 1 32 ? -13.55264 2.17083   4.91918   1.000 37.79000 ? 284 PRO A CA  1 
ATOM   211 C  C   . PRO A 1 32 ? -12.75709 1.41970   3.86391   1.000 39.80000 ? 284 PRO A C   1 
ATOM   212 O  O   . PRO A 1 32 ? -13.30495 1.09672   2.80819   1.000 43.19000 ? 284 PRO A O   1 
ATOM   213 C  CB  . PRO A 1 32 ? -14.65201 3.01454   4.26322   1.000 37.67000 ? 284 PRO A CB  1 
ATOM   214 C  CG  . PRO A 1 32 ? -14.00037 4.33783   4.03001   1.000 37.08000 ? 284 PRO A CG  1 
ATOM   215 C  CD  . PRO A 1 32 ? -13.04952 4.54239   5.20107   1.000 38.21000 ? 284 PRO A CD  1 
ATOM   216 N  N   . VAL A 1 33 ? -11.47914 1.14572   4.11803   1.000 36.84000 ? 285 VAL A N   1 
ATOM   217 C  CA  . VAL A 1 33 ? -10.64795 0.35605   3.21953   1.000 36.40000 ? 285 VAL A CA  1 
ATOM   218 C  C   . VAL A 1 33 ? -9.96327  -0.71579  4.05488   1.000 37.41000 ? 285 VAL A C   1 
ATOM   219 O  O   . VAL A 1 33 ? -9.51861  -0.44770  5.17509   1.000 39.72000 ? 285 VAL A O   1 
ATOM   220 C  CB  . VAL A 1 33 ? -9.61929  1.23384   2.46952   1.000 34.70000 ? 285 VAL A CB  1 
ATOM   221 C  CG1 . VAL A 1 33 ? -8.73856  0.38964   1.54943   1.000 34.14000 ? 285 VAL A CG1 1 
ATOM   222 C  CG2 . VAL A 1 33 ? -10.33452 2.30436   1.67005   1.000 35.39000 ? 285 VAL A CG2 1 
ATOM   223 N  N   . GLN A 1 34 ? -9.88857  -1.92871  3.51837   1.000 37.38000 ? 286 GLN A N   1 
ATOM   224 C  CA  . GLN A 1 34 ? -9.51513  -3.08269  4.33472   1.000 37.89000 ? 286 GLN A CA  1 
ATOM   225 C  C   . GLN A 1 34 ? -8.00189  -3.25488  4.38052   1.000 38.28000 ? 286 GLN A C   1 
ATOM   226 O  O   . GLN A 1 34 ? -7.34110  -3.19293  3.33372   1.000 35.70000 ? 286 GLN A O   1 
ATOM   227 C  CB  . GLN A 1 34 ? -10.15834 -4.36132  3.80496   1.000 41.45000 ? 286 GLN A CB  1 
ATOM   228 C  CG  . GLN A 1 34 ? -11.65818 -4.45674  4.06666   1.000 40.93000 ? 286 GLN A CG  1 
ATOM   229 C  CD  . GLN A 1 34 ? -11.99335 -4.18047  5.52450   1.000 53.57000 ? 286 GLN A CD  1 
ATOM   230 O  OE1 . GLN A 1 34 ? -11.50115 -4.87374  6.41832   1.000 61.65000 ? 286 GLN A OE1 1 
ATOM   231 N  NE2 . GLN A 1 34 ? -12.80373 -3.14570  5.77681   1.000 54.76000 ? 286 GLN A NE2 1 
ATOM   232 N  N   . PRO A 1 35 ? -7.44278  -3.47478  5.57508   1.000 38.46000 ? 287 PRO A N   1 
ATOM   233 C  CA  . PRO A 1 35 ? -6.00559  -3.76474  5.68636   1.000 36.79000 ? 287 PRO A CA  1 
ATOM   234 C  C   . PRO A 1 35 ? -5.50462  -4.83928  4.74214   1.000 36.74000 ? 287 PRO A C   1 
ATOM   235 O  O   . PRO A 1 35 ? -4.38387  -4.72052  4.22550   1.000 31.94000 ? 287 PRO A O   1 
ATOM   236 C  CB  . PRO A 1 35 ? -5.86955  -4.19984  7.14922   1.000 34.16000 ? 287 PRO A CB  1 
ATOM   237 C  CG  . PRO A 1 35 ? -6.88844  -3.38052  7.84922   1.000 33.49000 ? 287 PRO A CG  1 
ATOM   238 C  CD  . PRO A 1 35 ? -8.06633  -3.28016  6.89484   1.000 37.22000 ? 287 PRO A CD  1 
ATOM   239 N  N   . GLU A 1 36 ? -6.29204  -5.89350  4.50865   1.000 36.78000 ? 288 GLU A N   1 
ATOM   240 C  CA  . GLU A 1 36 ? -5.79871  -6.97342  3.66361   1.000 36.21000 ? 288 GLU A CA  1 
ATOM   241 C  C   . GLU A 1 36 ? -5.57393  -6.49398  2.23639   1.000 33.22000 ? 288 GLU A C   1 
ATOM   242 O  O   . GLU A 1 36 ? -4.60284  -6.90398  1.59005   1.000 34.68000 ? 288 GLU A O   1 
ATOM   243 C  CB  . GLU A 1 36 ? -6.74882  -8.17115  3.69072   1.000 37.01000 ? 288 GLU A CB  1 
ATOM   244 C  CG  . GLU A 1 36 ? -6.17217  -9.38271  2.95692   1.000 39.25000 ? 288 GLU A CG  1 
ATOM   245 C  CD  . GLU A 1 36 ? -7.14266  -10.54508 2.89647   1.000 51.54000 ? 288 GLU A CD  1 
ATOM   246 O  OE1 . GLU A 1 36 ? -7.88540  -10.75885 3.87537   1.000 47.71000 ? 288 GLU A OE1 1 
ATOM   247 O  OE2 . GLU A 1 36 ? -7.17172  -11.24271 1.85890   1.000 57.52000 ? 288 GLU A OE2 1 
ATOM   248 N  N   . GLN A 1 37 ? -6.42711  -5.59849  1.74086   1.000 31.99000 ? 289 GLN A N   1 
ATOM   249 C  CA  . GLN A 1 37 ? -6.20005  -5.06079  0.40500   1.000 32.78000 ? 289 GLN A CA  1 
ATOM   250 C  C   . GLN A 1 37 ? -5.09995  -4.01057  0.38871   1.000 32.17000 ? 289 GLN A C   1 
ATOM   251 O  O   . GLN A 1 37 ? -4.36028  -3.90828  -0.59586  1.000 32.19000 ? 289 GLN A O   1 
ATOM   252 C  CB  . GLN A 1 37 ? -7.49015  -4.48243  -0.16404  1.000 34.55000 ? 289 GLN A CB  1 
ATOM   253 C  CG  . GLN A 1 37 ? -8.57722  -5.51635  -0.33564  1.000 38.37000 ? 289 GLN A CG  1 
ATOM   254 C  CD  . GLN A 1 37 ? -9.85624  -4.88049  -0.82114  1.000 60.16000 ? 289 GLN A CD  1 
ATOM   255 O  OE1 . GLN A 1 37 ? -9.86250  -4.17467  -1.83960  1.000 59.18000 ? 289 GLN A OE1 1 
ATOM   256 N  NE2 . GLN A 1 37 ? -10.94936 -5.09632  -0.08295  1.000 58.84000 ? 289 GLN A NE2 1 
ATOM   257 N  N   . LEU A 1 38 ? -4.96107  -3.22997  1.45598   1.000 31.73000 ? 290 LEU A N   1 
ATOM   258 C  CA  . LEU A 1 38 ? -3.82688  -2.32132  1.52526   1.000 30.88000 ? 290 LEU A CA  1 
ATOM   259 C  C   . LEU A 1 38 ? -2.51176  -3.09506  1.49805   1.000 29.23000 ? 290 LEU A C   1 
ATOM   260 O  O   . LEU A 1 38 ? -1.62209  -2.79725  0.68857   1.000 29.37000 ? 290 LEU A O   1 
ATOM   261 C  CB  . LEU A 1 38 ? -3.93505  -1.44513  2.76994   1.000 28.16000 ? 290 LEU A CB  1 
ATOM   262 C  CG  . LEU A 1 38 ? -5.08600  -0.44832  2.65335   1.000 32.55000 ? 290 LEU A CG  1 
ATOM   263 C  CD1 . LEU A 1 38 ? -5.51948  0.06556   4.03150   1.000 32.18000 ? 290 LEU A CD1 1 
ATOM   264 C  CD2 . LEU A 1 38 ? -4.69114  0.71459   1.73997   1.000 28.55000 ? 290 LEU A CD2 1 
ATOM   265 N  N   . ALA A 1 39 ? -2.39116  -4.12438  2.34306   1.000 27.16000 ? 291 ALA A N   1 
ATOM   266 C  CA  . ALA A 1 39 ? -1.12899  -4.85723  2.45961   1.000 30.79000 ? 291 ALA A CA  1 
ATOM   267 C  C   . ALA A 1 39 ? -0.80490  -5.59306  1.17419   1.000 31.08000 ? 291 ALA A C   1 
ATOM   268 O  O   . ALA A 1 39 ? 0.34889   -5.60132  0.72352   1.000 32.51000 ? 291 ALA A O   1 
ATOM   269 C  CB  . ALA A 1 39 ? -1.18627  -5.84675  3.62346   1.000 27.85000 ? 291 ALA A CB  1 
ATOM   270 N  N   . SER A 1 40 ? -1.82453  -6.19289  0.56333   1.000 30.47000 ? 292 SER A N   1 
ATOM   271 C  CA  . SER A 1 40 ? -1.64317  -6.90978  -0.68945  1.000 30.39000 ? 292 SER A CA  1 
ATOM   272 C  C   . SER A 1 40 ? -1.14149  -5.98082  -1.79514  1.000 33.30000 ? 292 SER A C   1 
ATOM   273 O  O   . SER A 1 40 ? -0.32720  -6.38513  -2.63586  1.000 31.75000 ? 292 SER A O   1 
ATOM   274 C  CB  . SER A 1 40 ? -2.96639  -7.58365  -1.06561  1.000 30.08000 ? 292 SER A CB  1 
ATOM   275 O  OG  . SER A 1 40 ? -3.02962  -7.85932  -2.44397  1.000 45.24000 ? 292 SER A OG  1 
ATOM   276 N  N   . ALA A 1 41 ? -1.59603  -4.72507  -1.79853  1.000 31.00000 ? 293 ALA A N   1 
ATOM   277 C  CA  . ALA A 1 41 ? -1.14761  -3.73961  -2.77590  1.000 30.69000 ? 293 ALA A CA  1 
ATOM   278 C  C   . ALA A 1 41 ? 0.19305   -3.09516  -2.41040  1.000 30.47000 ? 293 ALA A C   1 
ATOM   279 O  O   . ALA A 1 41 ? 0.58812   -2.12442  -3.05983  1.000 28.94000 ? 293 ALA A O   1 
ATOM   280 C  CB  . ALA A 1 41 ? -2.21192  -2.65684  -2.96035  1.000 27.90000 ? 293 ALA A CB  1 
ATOM   281 N  N   . GLY A 1 42 ? 0.90191   -3.61631  -1.40469  1.000 30.13000 ? 294 GLY A N   1 
ATOM   282 C  CA  . GLY A 1 42 ? 2.24133   -3.17113  -1.07852  1.000 30.20000 ? 294 GLY A CA  1 
ATOM   283 C  C   . GLY A 1 42 ? 2.33797   -2.17996  0.06635   1.000 33.40000 ? 294 GLY A C   1 
ATOM   284 O  O   . GLY A 1 42 ? 3.44550   -1.72062  0.37462   1.000 32.86000 ? 294 GLY A O   1 
ATOM   285 N  N   . PHE A 1 43 ? 1.22722   -1.84660  0.70983   1.000 28.06000 ? 295 PHE A N   1 
ATOM   286 C  CA  . PHE A 1 43 ? 1.21074   -0.80237  1.71845   1.000 30.62000 ? 295 PHE A CA  1 
ATOM   287 C  C   . PHE A 1 43 ? 1.28731   -1.37736  3.13192   1.000 32.58000 ? 295 PHE A C   1 
ATOM   288 O  O   . PHE A 1 43 ? 0.77659   -2.46439  3.42004   1.000 32.65000 ? 295 PHE A O   1 
ATOM   289 C  CB  . PHE A 1 43 ? -0.04133  0.06128   1.56279   1.000 29.37000 ? 295 PHE A CB  1 
ATOM   290 C  CG  . PHE A 1 43 ? -0.09012  0.81391   0.25725   1.000 31.83000 ? 295 PHE A CG  1 
ATOM   291 C  CD1 . PHE A 1 43 ? 0.73612   1.90831   0.04362   1.000 26.30000 ? 295 PHE A CD1 1 
ATOM   292 C  CD2 . PHE A 1 43 ? -0.96107  0.42360   -0.75725  1.000 31.98000 ? 295 PHE A CD2 1 
ATOM   293 C  CE1 . PHE A 1 43 ? 0.70075   2.59752   -1.15256  1.000 29.12000 ? 295 PHE A CE1 1 
ATOM   294 C  CE2 . PHE A 1 43 ? -1.00402  1.11509   -1.96206  1.000 32.07000 ? 295 PHE A CE2 1 
ATOM   295 C  CZ  . PHE A 1 43 ? -0.17032  2.20182   -2.16014  1.000 31.23000 ? 295 PHE A CZ  1 
ATOM   296 N  N   . TYR A 1 44 ? 1.95213   -0.63197  4.00992   1.000 30.39000 ? 296 TYR A N   1 
ATOM   297 C  CA  . TYR A 1 44 ? 1.96469   -0.90368  5.43867   1.000 28.04000 ? 296 TYR A CA  1 
ATOM   298 C  C   . TYR A 1 44 ? 1.59032   0.37254   6.18313   1.000 30.61000 ? 296 TYR A C   1 
ATOM   299 O  O   . TYR A 1 44 ? 1.73635   1.48566   5.66257   1.000 29.94000 ? 296 TYR A O   1 
ATOM   300 C  CB  . TYR A 1 44 ? 3.33285   -1.40875  5.90928   1.000 28.76000 ? 296 TYR A CB  1 
ATOM   301 C  CG  . TYR A 1 44 ? 4.47537   -0.43969  5.65977   1.000 29.76000 ? 296 TYR A CG  1 
ATOM   302 C  CD1 . TYR A 1 44 ? 5.08772   -0.36388  4.40923   1.000 30.54000 ? 296 TYR A CD1 1 
ATOM   303 C  CD2 . TYR A 1 44 ? 4.95448   0.38693   6.67339   1.000 31.33000 ? 296 TYR A CD2 1 
ATOM   304 C  CE1 . TYR A 1 44 ? 6.14279   0.52298   4.16819   1.000 29.29000 ? 296 TYR A CE1 1 
ATOM   305 C  CE2 . TYR A 1 44 ? 6.01114   1.27736   6.44557   1.000 28.06000 ? 296 TYR A CE2 1 
ATOM   306 C  CZ  . TYR A 1 44 ? 6.60324   1.33568   5.18956   1.000 31.85000 ? 296 TYR A CZ  1 
ATOM   307 O  OH  . TYR A 1 44 ? 7.65770   2.20220   4.94636   1.000 30.72000 ? 296 TYR A OH  1 
ATOM   308 N  N   . TYR A 1 45 ? 1.11416   0.19328   7.41430   1.000 28.55000 ? 297 TYR A N   1 
ATOM   309 C  CA  . TYR A 1 45 ? 0.61410   1.28370   8.24702   1.000 32.80000 ? 297 TYR A CA  1 
ATOM   310 C  C   . TYR A 1 45 ? 1.75961   1.94060   9.01237   1.000 31.33000 ? 297 TYR A C   1 
ATOM   311 O  O   . TYR A 1 45 ? 2.57476   1.24914   9.63108   1.000 32.54000 ? 297 TYR A O   1 
ATOM   312 C  CB  . TYR A 1 45 ? -0.43398  0.74044   9.22228   1.000 32.09000 ? 297 TYR A CB  1 
ATOM   313 C  CG  . TYR A 1 45 ? -1.16458  1.77085   10.06367  1.000 29.74000 ? 297 TYR A CG  1 
ATOM   314 C  CD1 . TYR A 1 45 ? -1.49732  3.01432   9.55069   1.000 31.00000 ? 297 TYR A CD1 1 
ATOM   315 C  CD2 . TYR A 1 45 ? -1.56210  1.47049   11.35524  1.000 30.89000 ? 297 TYR A CD2 1 
ATOM   316 C  CE1 . TYR A 1 45 ? -2.18387  3.93573   10.30776  1.000 31.92000 ? 297 TYR A CE1 1 
ATOM   317 C  CE2 . TYR A 1 45 ? -2.25058  2.37833   12.11659  1.000 31.72000 ? 297 TYR A CE2 1 
ATOM   318 C  CZ  . TYR A 1 45 ? -2.55903  3.61196   11.58941  1.000 33.16000 ? 297 TYR A CZ  1 
ATOM   319 O  OH  . TYR A 1 45 ? -3.24761  4.52237   12.35348  1.000 31.13000 ? 297 TYR A OH  1 
ATOM   320 N  N   . VAL A 1 46 ? 1.82101   3.27525   8.97412   1.000 31.61000 ? 298 VAL A N   1 
ATOM   321 C  CA  . VAL A 1 46 ? 2.85000   3.97596   9.74660   1.000 31.93000 ? 298 VAL A CA  1 
ATOM   322 C  C   . VAL A 1 46 ? 2.46134   4.17913   11.20470  1.000 32.10000 ? 298 VAL A C   1 
ATOM   323 O  O   . VAL A 1 46 ? 3.29585   4.63642   11.99410  1.000 34.48000 ? 298 VAL A O   1 
ATOM   324 C  CB  . VAL A 1 46 ? 3.21367   5.35476   9.15071   1.000 32.55000 ? 298 VAL A CB  1 
ATOM   325 C  CG1 . VAL A 1 46 ? 3.61616   5.23449   7.67631   1.000 27.86000 ? 298 VAL A CG1 1 
ATOM   326 C  CG2 . VAL A 1 46 ? 2.06366   6.35030   9.33866   1.000 32.75000 ? 298 VAL A CG2 1 
ATOM   327 N  N   . GLY A 1 47 ? 1.22310   3.86425   11.59046  1.000 34.01000 ? 299 GLY A N   1 
ATOM   328 C  CA  . GLY A 1 47 ? 0.81833   3.90423   12.98102  1.000 30.58000 ? 299 GLY A CA  1 
ATOM   329 C  C   . GLY A 1 47 ? 0.02685   5.12212   13.40742  1.000 37.65000 ? 299 GLY A C   1 
ATOM   330 O  O   . GLY A 1 47 ? -0.40763  5.17851   14.56491  1.000 35.35000 ? 299 GLY A O   1 
ATOM   331 N  N   . ARG A 1 48 ? -0.18429  6.09262   12.51866  1.000 36.46000 ? 300 ARG A N   1 
ATOM   332 C  CA  . ARG A 1 48 ? -0.90208  7.30995   12.85874  1.000 33.86000 ? 300 ARG A CA  1 
ATOM   333 C  C   . ARG A 1 48 ? -1.92146  7.61617   11.77072  1.000 35.17000 ? 300 ARG A C   1 
ATOM   334 O  O   . ARG A 1 48 ? -1.63421  7.44623   10.58099  1.000 34.98000 ? 300 ARG A O   1 
ATOM   335 C  CB  . ARG A 1 48 ? 0.07613   8.48150   13.05474  1.000 38.85000 ? 300 ARG A CB  1 
ATOM   336 C  CG  . ARG A 1 48 ? 0.84427   8.42401   14.41562  1.000 41.42000 ? 300 ARG A CG  1 
ATOM   337 C  CD  . ARG A 1 48 ? 1.97677   9.47477   14.52728  1.000 41.98000 ? 300 ARG A CD  1 
ATOM   338 N  NE  . ARG A 1 48 ? 1.62540   10.71818  13.84447  1.000 48.22000 ? 300 ARG A NE  1 
ATOM   339 C  CZ  . ARG A 1 48 ? 2.06686   11.07184  12.63302  1.000 56.35000 ? 300 ARG A CZ  1 
ATOM   340 N  NH1 . ARG A 1 48 ? 2.91112   10.28574  11.96035  1.000 56.98000 ? 300 ARG A NH1 1 
ATOM   341 N  NH2 . ARG A 1 48 ? 1.66079   12.21409  12.09033  1.000 51.61000 ? 300 ARG A NH2 1 
ATOM   342 N  N   . ASN A 1 49 ? -3.12569  8.02142   12.19367  1.000 31.75000 ? 301 ASN A N   1 
ATOM   343 C  CA  . ASN A 1 49 ? -4.23805  8.42504   11.31351  1.000 31.84000 ? 301 ASN A CA  1 
ATOM   344 C  C   . ASN A 1 49 ? -4.50597  7.30027   10.31058  1.000 35.47000 ? 301 ASN A C   1 
ATOM   345 O  O   . ASN A 1 49 ? -4.62750  6.14146   10.72954  1.000 32.81000 ? 301 ASN A O   1 
ATOM   346 C  CB  . ASN A 1 49 ? -3.90054  9.77858   10.72953  1.000 33.75000 ? 301 ASN A CB  1 
ATOM   347 C  CG  . ASN A 1 49 ? -3.65174  10.80966  11.80978  1.000 38.06000 ? 301 ASN A CG  1 
ATOM   348 O  OD1 . ASN A 1 49 ? -4.52626  11.06195  12.63603  1.000 38.21000 ? 301 ASN A OD1 1 
ATOM   349 N  ND2 . ASN A 1 49 ? -2.43354  11.34950  11.86186  1.000 37.74000 ? 301 ASN A ND2 1 
ATOM   350 N  N   . ASP A 1 50 ? -4.62432  7.57910   9.00830   1.000 31.78000 ? 302 ASP A N   1 
ATOM   351 C  CA  . ASP A 1 50 ? -4.72683  6.51398   8.01698   1.000 30.99000 ? 302 ASP A CA  1 
ATOM   352 C  C   . ASP A 1 50 ? -3.57995  6.59328   7.00920   1.000 33.87000 ? 302 ASP A C   1 
ATOM   353 O  O   . ASP A 1 50 ? -3.73824  6.26478   5.82808   1.000 31.06000 ? 302 ASP A O   1 
ATOM   354 C  CB  . ASP A 1 50 ? -6.09769  6.51120   7.33306   1.000 29.86000 ? 302 ASP A CB  1 
ATOM   355 C  CG  . ASP A 1 50 ? -6.30794  7.68125   6.34895   1.000 34.60000 ? 302 ASP A CG  1 
ATOM   356 O  OD1 . ASP A 1 50 ? -5.50224  8.64317   6.31927   1.000 31.46000 ? 302 ASP A OD1 1 
ATOM   357 O  OD2 . ASP A 1 50 ? -7.31119  7.62130   5.59377   1.000 33.35000 ? 302 ASP A OD2 1 
ATOM   358 N  N   . ASP A 1 51 ? -2.39335  7.00362   7.48259   1.000 31.81000 ? 303 ASP A N   1 
ATOM   359 C  CA  . ASP A 1 51 ? -1.20046  7.07845   6.63841   1.000 32.86000 ? 303 ASP A CA  1 
ATOM   360 C  C   . ASP A 1 51 ? -0.61501  5.69248   6.38052   1.000 32.26000 ? 303 ASP A C   1 
ATOM   361 O  O   . ASP A 1 51 ? -0.34630  4.93863   7.32490   1.000 32.54000 ? 303 ASP A O   1 
ATOM   362 C  CB  . ASP A 1 51 ? -0.12021  7.94913   7.28553   1.000 34.39000 ? 303 ASP A CB  1 
ATOM   363 C  CG  . ASP A 1 51 ? -0.41923  9.44066   7.21606   1.000 34.91000 ? 303 ASP A CG  1 
ATOM   364 O  OD1 . ASP A 1 51 ? -1.47392  9.83384   6.68358   1.000 33.89000 ? 303 ASP A OD1 1 
ATOM   365 O  OD2 . ASP A 1 51 ? 0.42091   10.21988  7.71756   1.000 38.20000 ? 303 ASP A OD2 1 
ATOM   366 N  N   . VAL A 1 52 ? -0.38563  5.36910   5.10280   1.000 28.65000 ? 304 VAL A N   1 
ATOM   367 C  CA  . VAL A 1 52 ? 0.33521   4.16148   4.72540   1.000 29.44000 ? 304 VAL A CA  1 
ATOM   368 C  C   . VAL A 1 52 ? 1.44135   4.53375   3.74998   1.000 31.24000 ? 304 VAL A C   1 
ATOM   369 O  O   . VAL A 1 52 ? 1.38649   5.56683   3.07578   1.000 29.25000 ? 304 VAL A O   1 
ATOM   370 C  CB  . VAL A 1 52 ? -0.57144  3.07426   4.08913   1.000 28.05000 ? 304 VAL A CB  1 
ATOM   371 C  CG1 . VAL A 1 52 ? -1.75599  2.74534   4.98741   1.000 27.91000 ? 304 VAL A CG1 1 
ATOM   372 C  CG2 . VAL A 1 52 ? -1.02631  3.50909   2.71978   1.000 25.56000 ? 304 VAL A CG2 1 
ATOM   373 N  N   . LYS A 1 53 ? 2.44573   3.65191   3.66948   1.000 29.16000 ? 305 LYS A N   1 
ATOM   374 C  CA  . LYS A 1 53 ? 3.52445   3.75863   2.69391   1.000 31.43000 ? 305 LYS A CA  1 
ATOM   375 C  C   . LYS A 1 53 ? 3.71946   2.43135   1.97338   1.000 29.11000 ? 305 LYS A C   1 
ATOM   376 O  O   . LYS A 1 53 ? 3.44151   1.36105   2.51839   1.000 33.36000 ? 305 LYS A O   1 
ATOM   377 C  CB  . LYS A 1 53 ? 4.85567   4.18976   3.35178   1.000 30.74000 ? 305 LYS A CB  1 
ATOM   378 C  CG  . LYS A 1 53 ? 4.88892   5.66660   3.74863   1.000 33.23000 ? 305 LYS A CG  1 
ATOM   379 C  CD  . LYS A 1 53 ? 6.30395   6.17146   3.99130   1.000 40.79000 ? 305 LYS A CD  1 
ATOM   380 C  CE  . LYS A 1 53 ? 6.29595   7.61254   4.50018   1.000 43.03000 ? 305 LYS A CE  1 
ATOM   381 N  NZ  . LYS A 1 53 ? 7.67717   8.15615   4.63587   1.000 44.61000 ? 305 LYS A NZ  1 
ATOM   382 N  N   . CYS A 1 54 ? 4.21333   2.50741   0.74596   1.000 28.18000 ? 306 CYS A N   1 
ATOM   383 C  CA  . CYS A 1 54 ? 4.57844   1.31748   -0.01284  1.000 29.72000 ? 306 CYS A CA  1 
ATOM   384 C  C   . CYS A 1 54 ? 6.00085   0.88717   0.33404   1.000 30.29000 ? 306 CYS A C   1 
ATOM   385 O  O   . CYS A 1 54 ? 6.92424   1.70451   0.31835   1.000 30.07000 ? 306 CYS A O   1 
ATOM   386 C  CB  . CYS A 1 54 ? 4.46711   1.57485   -1.51684  1.000 29.86000 ? 306 CYS A CB  1 
ATOM   387 S  SG  . CYS A 1 54 ? 5.14205   0.23663   -2.56335  1.000 30.96000 ? 306 CYS A SG  1 
ATOM   388 N  N   . PHE A 1 55 ? 6.17525   -0.40476  0.62060   1.000 28.43000 ? 307 PHE A N   1 
ATOM   389 C  CA  . PHE A 1 55 ? 7.48457   -0.92049  0.99322   1.000 29.65000 ? 307 PHE A CA  1 
ATOM   390 C  C   . PHE A 1 55 ? 8.49984   -0.76889  -0.12729  1.000 30.38000 ? 307 PHE A C   1 
ATOM   391 O  O   . PHE A 1 55 ? 9.70624   -0.75491  0.13868   1.000 29.81000 ? 307 PHE A O   1 
ATOM   392 C  CB  . PHE A 1 55 ? 7.37355   -2.39793  1.36518   1.000 29.02000 ? 307 PHE A CB  1 
ATOM   393 C  CG  . PHE A 1 55 ? 7.34499   -3.30597  0.16407   1.000 33.97000 ? 307 PHE A CG  1 
ATOM   394 C  CD1 . PHE A 1 55 ? 6.16555   -3.48561  -0.56011  1.000 33.16000 ? 307 PHE A CD1 1 
ATOM   395 C  CD2 . PHE A 1 55 ? 8.50185   -3.94202  -0.27259  1.000 29.49000 ? 307 PHE A CD2 1 
ATOM   396 C  CE1 . PHE A 1 55 ? 6.13748   -4.30257  -1.67622  1.000 29.55000 ? 307 PHE A CE1 1 
ATOM   397 C  CE2 . PHE A 1 55 ? 8.47968   -4.74683  -1.38489  1.000 27.99000 ? 307 PHE A CE2 1 
ATOM   398 C  CZ  . PHE A 1 55 ? 7.29369   -4.92951  -2.08916  1.000 28.54000 ? 307 PHE A CZ  1 
ATOM   399 N  N   . CYS A 1 56 ? 8.04051   -0.70678  -1.37604  1.000 29.78000 ? 308 CYS A N   1 
ATOM   400 C  CA  . CYS A 1 56 ? 8.95348   -0.68938  -2.50971  1.000 33.63000 ? 308 CYS A CA  1 
ATOM   401 C  C   . CYS A 1 56 ? 9.30760   0.74000   -2.91303  1.000 35.24000 ? 308 CYS A C   1 
ATOM   402 O  O   . CYS A 1 56 ? 10.47014  1.14755   -2.81859  1.000 33.40000 ? 308 CYS A O   1 
ATOM   403 C  CB  . CYS A 1 56 ? 8.34912   -1.44034  -3.70476  1.000 33.13000 ? 308 CYS A CB  1 
ATOM   404 S  SG  . CYS A 1 56 ? 9.40342   -1.36784  -5.20485  1.000 33.45000 ? 308 CYS A SG  1 
ATOM   405 N  N   . CYS A 1 57 ? 8.31131   1.50867   -3.35435  1.000 33.33000 ? 309 CYS A N   1 
ATOM   406 C  CA  . CYS A 1 57 ? 8.55549   2.83044   -3.91142  1.000 33.51000 ? 309 CYS A CA  1 
ATOM   407 C  C   . CYS A 1 57 ? 8.58217   3.94142   -2.86365  1.000 32.60000 ? 309 CYS A C   1 
ATOM   408 O  O   . CYS A 1 57 ? 8.92889   5.07492   -3.21295  1.000 35.10000 ? 309 CYS A O   1 
ATOM   409 C  CB  . CYS A 1 57 ? 7.50310   3.14864   -4.99196  1.000 27.78000 ? 309 CYS A CB  1 
ATOM   410 S  SG  . CYS A 1 57 ? 5.81301   3.54578   -4.40375  1.000 33.20000 ? 309 CYS A SG  1 
ATOM   411 N  N   . ASP A 1 58 ? 8.22135   3.65695   -1.60386  1.000 33.46000 ? 310 ASP A N   1 
ATOM   412 C  CA  . ASP A 1 58 ? 8.18488   4.61947   -0.49728  1.000 32.30000 ? 310 ASP A CA  1 
ATOM   413 C  C   . ASP A 1 58 ? 7.07778   5.66391   -0.65399  1.000 31.81000 ? 310 ASP A C   1 
ATOM   414 O  O   . ASP A 1 58 ? 7.06407   6.65355   0.07711   1.000 30.03000 ? 310 ASP A O   1 
ATOM   415 C  CB  . ASP A 1 58 ? 9.53623   5.33504   -0.32288  1.000 33.14000 ? 310 ASP A CB  1 
ATOM   416 C  CG  . ASP A 1 58 ? 9.81707   5.74759   1.11759   1.000 38.74000 ? 310 ASP A CG  1 
ATOM   417 O  OD1 . ASP A 1 58 ? 9.22263   5.16818   2.04717   1.000 35.45000 ? 310 ASP A OD1 1 
ATOM   418 O  OD2 . ASP A 1 58 ? 10.65349  6.65431   1.31603   1.000 49.15000 ? 310 ASP A OD2 1 
ATOM   419 N  N   . GLY A 1 59 ? 6.15632   5.48407   -1.59328  1.000 31.30000 ? 311 GLY A N   1 
ATOM   420 C  CA  . GLY A 1 59 ? 5.07493   6.44148   -1.74982  1.000 30.54000 ? 311 GLY A CA  1 
ATOM   421 C  C   . GLY A 1 59 ? 4.06879   6.34268   -0.61265  1.000 31.59000 ? 311 GLY A C   1 
ATOM   422 O  O   . GLY A 1 59 ? 3.74585   5.25735   -0.12875  1.000 30.91000 ? 311 GLY A O   1 
ATOM   423 N  N   . GLY A 1 60 ? 3.56776   7.49657   -0.18526  1.000 29.90000 ? 312 GLY A N   1 
ATOM   424 C  CA  . GLY A 1 60 ? 2.59771   7.57177   0.88985   1.000 32.35000 ? 312 GLY A CA  1 
ATOM   425 C  C   . GLY A 1 60 ? 1.21113   7.94332   0.39088   1.000 33.81000 ? 312 GLY A C   1 
ATOM   426 O  O   . GLY A 1 60 ? 1.06012   8.71078   -0.56105  1.000 32.69000 ? 312 GLY A O   1 
ATOM   427 N  N   . LEU A 1 61 ? 0.19588   7.39748   1.05457   1.000 31.96000 ? 313 LEU A N   1 
ATOM   428 C  CA  . LEU A 1 61 ? -1.19667  7.67557   0.74293   1.000 32.26000 ? 313 LEU A CA  1 
ATOM   429 C  C   . LEU A 1 61 ? -1.98002  7.80261   2.04038   1.000 31.23000 ? 313 LEU A C   1 
ATOM   430 O  O   . LEU A 1 61 ? -1.68790  7.11917   3.02424   1.000 33.88000 ? 313 LEU A O   1 
ATOM   431 C  CB  . LEU A 1 61 ? -1.80497  6.58519   -0.14805  1.000 29.68000 ? 313 LEU A CB  1 
ATOM   432 C  CG  . LEU A 1 61 ? -1.32249  6.59393   -1.60216  1.000 34.14000 ? 313 LEU A CG  1 
ATOM   433 C  CD1 . LEU A 1 61 ? -1.90813  5.39699   -2.36049  1.000 32.81000 ? 313 LEU A CD1 1 
ATOM   434 C  CD2 . LEU A 1 61 ? -1.67444  7.93288   -2.29455  1.000 29.72000 ? 313 LEU A CD2 1 
ATOM   435 N  N   . ARG A 1 62 ? -2.96543  8.69081   2.03436   1.000 35.39000 ? 314 ARG A N   1 
ATOM   436 C  CA  . ARG A 1 62 ? -3.81059  8.95094   3.19126   1.000 34.57000 ? 314 ARG A CA  1 
ATOM   437 C  C   . ARG A 1 62 ? -5.19201  9.35119   2.68674   1.000 32.08000 ? 314 ARG A C   1 
ATOM   438 O  O   . ARG A 1 62 ? -5.43143  9.43456   1.48015   1.000 31.02000 ? 314 ARG A O   1 
ATOM   439 C  CB  . ARG A 1 62 ? -3.21020  10.04816  4.07371   1.000 31.20000 ? 314 ARG A CB  1 
ATOM   440 C  CG  . ARG A 1 62 ? -3.01093  11.35159  3.31617   1.000 33.29000 ? 314 ARG A CG  1 
ATOM   441 C  CD  . ARG A 1 62 ? -2.77529  12.50713  4.25492   1.000 33.08000 ? 314 ARG A CD  1 
ATOM   442 N  NE  . ARG A 1 62 ? -1.66948  12.22382  5.15746   1.000 35.66000 ? 314 ARG A NE  1 
ATOM   443 C  CZ  . ARG A 1 62 ? -0.84193  13.14727  5.62371   1.000 36.67000 ? 314 ARG A CZ  1 
ATOM   444 N  NH1 . ARG A 1 62 ? -0.99890  14.40944  5.24641   1.000 40.63000 ? 314 ARG A NH1 1 
ATOM   445 N  NH2 . ARG A 1 62 ? 0.14376   12.80783  6.44229   1.000 29.96000 ? 314 ARG A NH2 1 
ATOM   446 N  N   . CYS A 1 63 ? -6.09546  9.62418   3.62291   1.000 35.16000 ? 315 CYS A N   1 
ATOM   447 C  CA  . CYS A 1 63 ? -7.46075  10.04126  3.30502   1.000 32.80000 ? 315 CYS A CA  1 
ATOM   448 C  C   . CYS A 1 63 ? -8.11652  9.02841   2.36557   1.000 35.28000 ? 315 CYS A C   1 
ATOM   449 O  O   . CYS A 1 63 ? -8.51328  9.33654   1.24116   1.000 36.57000 ? 315 CYS A O   1 
ATOM   450 C  CB  . CYS A 1 63 ? -7.47626  11.45583  2.71606   1.000 29.26000 ? 315 CYS A CB  1 
ATOM   451 S  SG  . CYS A 1 63 ? -6.68632  12.71226  3.78006   1.000 40.71000 ? 315 CYS A SG  1 
ATOM   452 N  N   . TRP A 1 64 ? -8.19477  7.79239   2.85717   1.000 33.70000 ? 316 TRP A N   1 
ATOM   453 C  CA  . TRP A 1 64 ? -8.80210  6.70181   2.10962   1.000 34.80000 ? 316 TRP A CA  1 
ATOM   454 C  C   . TRP A 1 64 ? -10.31386 6.84441   2.10422   1.000 39.33000 ? 316 TRP A C   1 
ATOM   455 O  O   . TRP A 1 64 ? -10.93071 7.06845   3.14936   1.000 41.73000 ? 316 TRP A O   1 
ATOM   456 C  CB  . TRP A 1 64 ? -8.38384  5.35725   2.71249   1.000 33.62000 ? 316 TRP A CB  1 
ATOM   457 C  CG  . TRP A 1 64 ? -6.92172  5.08743   2.47586   1.000 36.08000 ? 316 TRP A CG  1 
ATOM   458 C  CD1 . TRP A 1 64 ? -5.87885  5.42429   3.29580   1.000 30.85000 ? 316 TRP A CD1 1 
ATOM   459 C  CD2 . TRP A 1 64 ? -6.33919  4.47173   1.31335   1.000 33.44000 ? 316 TRP A CD2 1 
ATOM   460 N  NE1 . TRP A 1 64 ? -4.68689  5.03723   2.72056   1.000 30.62000 ? 316 TRP A NE1 1 
ATOM   461 C  CE2 . TRP A 1 64 ? -4.93985  4.45779   1.50425   1.000 27.73000 ? 316 TRP A CE2 1 
ATOM   462 C  CE3 . TRP A 1 64 ? -6.86553  3.92517   0.13581   1.000 30.46000 ? 316 TRP A CE3 1 
ATOM   463 C  CZ2 . TRP A 1 64 ? -4.05697  3.92518   0.55778   1.000 29.73000 ? 316 TRP A CZ2 1 
ATOM   464 C  CZ3 . TRP A 1 64 ? -5.98818  3.39349   -0.80033  1.000 29.91000 ? 316 TRP A CZ3 1 
ATOM   465 C  CH2 . TRP A 1 64 ? -4.59745  3.39499   -0.58018  1.000 28.39000 ? 316 TRP A CH2 1 
ATOM   466 N  N   . GLU A 1 65 ? -10.90663 6.72550   0.91842   1.000 41.64000 ? 317 GLU A N   1 
ATOM   467 C  CA  . GLU A 1 65 ? -12.33398 6.91218   0.71194   1.000 41.47000 ? 317 GLU A CA  1 
ATOM   468 C  C   . GLU A 1 65 ? -13.01577 5.57258   0.46747   1.000 40.63000 ? 317 GLU A C   1 
ATOM   469 O  O   . GLU A 1 65 ? -12.41710 4.63315   -0.06911  1.000 38.26000 ? 317 GLU A O   1 
ATOM   470 C  CB  . GLU A 1 65 ? -12.62167 7.82963   -0.49068  1.000 40.45000 ? 317 GLU A CB  1 
ATOM   471 C  CG  . GLU A 1 65 ? -11.97373 9.20850   -0.47670  1.000 45.19000 ? 317 GLU A CG  1 
ATOM   472 C  CD  . GLU A 1 65 ? -12.59112 10.15461  0.54248   1.000 57.50000 ? 317 GLU A CD  1 
ATOM   473 O  OE1 . GLU A 1 65 ? -13.55668 9.74552   1.22588   1.000 64.31000 ? 317 GLU A OE1 1 
ATOM   474 O  OE2 . GLU A 1 65 ? -12.10624 11.30743  0.66673   1.000 61.96000 ? 317 GLU A OE2 1 
ATOM   475 N  N   . SER A 1 66 ? -14.29245 5.51483   0.82614   1.000 39.87000 ? 318 SER A N   1 
ATOM   476 C  CA  . SER A 1 66 ? -15.11951 4.37052   0.48562   1.000 43.55000 ? 318 SER A CA  1 
ATOM   477 C  C   . SER A 1 66 ? -15.08293 4.09621   -1.01601  1.000 42.23000 ? 318 SER A C   1 
ATOM   478 O  O   . SER A 1 66 ? -15.27493 4.99816   -1.83519  1.000 40.75000 ? 318 SER A O   1 
ATOM   479 C  CB  . SER A 1 66 ? -16.54974 4.62538   0.94521   1.000 38.91000 ? 318 SER A CB  1 
ATOM   480 O  OG  . SER A 1 66 ? -17.33005 3.49765   0.63870   1.000 50.19000 ? 318 SER A OG  1 
ATOM   481 N  N   . GLY A 1 67 ? -14.81498 2.84525   -1.37421  1.000 38.98000 ? 319 GLY A N   1 
ATOM   482 C  CA  . GLY A 1 67 ? -14.66437 2.47639   -2.76256  1.000 35.02000 ? 319 GLY A CA  1 
ATOM   483 C  C   . GLY A 1 67 ? -13.25938 2.58309   -3.31483  1.000 39.03000 ? 319 GLY A C   1 
ATOM   484 O  O   . GLY A 1 67 ? -13.03155 2.13662   -4.43997  1.000 41.32000 ? 319 GLY A O   1 
ATOM   485 N  N   . ASP A 1 68 ? -12.31073 3.15889   -2.57202  1.000 39.61000 ? 320 ASP A N   1 
ATOM   486 C  CA  . ASP A 1 68 ? -10.93016 3.20740   -3.03539  1.000 37.74000 ? 320 ASP A CA  1 
ATOM   487 C  C   . ASP A 1 68 ? -10.37532 1.80506   -3.24949  1.000 36.08000 ? 320 ASP A C   1 
ATOM   488 O  O   . ASP A 1 68 ? -10.51702 0.92619   -2.39562  1.000 34.78000 ? 320 ASP A O   1 
ATOM   489 C  CB  . ASP A 1 68 ? -10.04467 3.94774   -2.03425  1.000 39.02000 ? 320 ASP A CB  1 
ATOM   490 C  CG  . ASP A 1 68 ? -10.07702 5.45572   -2.21414  1.000 41.53000 ? 320 ASP A CG  1 
ATOM   491 O  OD1 . ASP A 1 68 ? -10.76285 5.94602   -3.14085  1.000 41.69000 ? 320 ASP A OD1 1 
ATOM   492 O  OD2 . ASP A 1 68 ? -9.41472  6.14747   -1.40798  1.000 38.70000 ? 320 ASP A OD2 1 
ATOM   493 N  N   . ASP A 1 69 ? -9.72082  1.60661   -4.39168  1.000 33.24000 ? 321 ASP A N   1 
ATOM   494 C  CA  . ASP A 1 69 ? -8.99697  0.37857   -4.65759  1.000 33.27000 ? 321 ASP A CA  1 
ATOM   495 C  C   . ASP A 1 69 ? -7.50996  0.65229   -4.46484  1.000 33.60000 ? 321 ASP A C   1 
ATOM   496 O  O   . ASP A 1 69 ? -6.92435  1.40807   -5.25270  1.000 33.84000 ? 321 ASP A O   1 
ATOM   497 C  CB  . ASP A 1 69 ? -9.28573  -0.10385  -6.07842  1.000 36.78000 ? 321 ASP A CB  1 
ATOM   498 C  CG  . ASP A 1 69 ? -8.57476  -1.39667  -6.43099  1.000 37.93000 ? 321 ASP A CG  1 
ATOM   499 O  OD1 . ASP A 1 69 ? -7.54427  -1.74478  -5.80881  1.000 37.19000 ? 321 ASP A OD1 1 
ATOM   500 O  OD2 . ASP A 1 69 ? -9.05568  -2.07120  -7.36611  1.000 46.20000 ? 321 ASP A OD2 1 
ATOM   501 N  N   . PRO A 1 70 ? -6.86392  0.06628   -3.45406  1.000 35.24000 ? 322 PRO A N   1 
ATOM   502 C  CA  . PRO A 1 70 ? -5.43652  0.35409   -3.22215  1.000 31.47000 ? 322 PRO A CA  1 
ATOM   503 C  C   . PRO A 1 70 ? -4.55144  0.17742   -4.44130  1.000 33.11000 ? 322 PRO A C   1 
ATOM   504 O  O   . PRO A 1 70 ? -3.60903  0.96378   -4.61227  1.000 32.24000 ? 322 PRO A O   1 
ATOM   505 C  CB  . PRO A 1 70 ? -5.06815  -0.62968  -2.10834  1.000 29.98000 ? 322 PRO A CB  1 
ATOM   506 C  CG  . PRO A 1 70 ? -6.34996  -0.78349  -1.33331  1.000 34.02000 ? 322 PRO A CG  1 
ATOM   507 C  CD  . PRO A 1 70 ? -7.44111  -0.77414  -2.38902  1.000 33.53000 ? 322 PRO A CD  1 
ATOM   508 N  N   . TRP A 1 71 ? -4.81975  -0.82450  -5.28818  1.000 31.98000 ? 323 TRP A N   1 
ATOM   509 C  CA  . TRP A 1 71 ? -4.02079  -0.99982  -6.50331  1.000 36.13000 ? 323 TRP A CA  1 
ATOM   510 C  C   . TRP A 1 71 ? -4.20738  0.16644   -7.46655  1.000 36.64000 ? 323 TRP A C   1 
ATOM   511 O  O   . TRP A 1 71 ? -3.23885  0.61988   -8.09359  1.000 35.48000 ? 323 TRP A O   1 
ATOM   512 C  CB  . TRP A 1 71 ? -4.38396  -2.29972  -7.22359  1.000 34.82000 ? 323 TRP A CB  1 
ATOM   513 C  CG  . TRP A 1 71 ? -3.91164  -3.55703  -6.61557  1.000 36.74000 ? 323 TRP A CG  1 
ATOM   514 C  CD1 . TRP A 1 71 ? -4.68963  -4.54926  -6.09377  1.000 36.32000 ? 323 TRP A CD1 1 
ATOM   515 C  CD2 . TRP A 1 71 ? -2.55353  -4.00302  -6.49432  1.000 34.33000 ? 323 TRP A CD2 1 
ATOM   516 N  NE1 . TRP A 1 71 ? -3.90069  -5.58479  -5.64580  1.000 39.37000 ? 323 TRP A NE1 1 
ATOM   517 C  CE2 . TRP A 1 71 ? -2.58641  -5.27793  -5.88090  1.000 38.85000 ? 323 TRP A CE2 1 
ATOM   518 C  CE3 . TRP A 1 71 ? -1.31771  -3.45019  -6.82955  1.000 34.43000 ? 323 TRP A CE3 1 
ATOM   519 C  CZ2 . TRP A 1 71 ? -1.42085  -6.01162  -5.60145  1.000 36.69000 ? 323 TRP A CZ2 1 
ATOM   520 C  CZ3 . TRP A 1 71 ? -0.15111  -4.18650  -6.54649  1.000 34.84000 ? 323 TRP A CZ3 1 
ATOM   521 C  CH2 . TRP A 1 71 ? -0.21622  -5.44787  -5.93549  1.000 28.43000 ? 323 TRP A CH2 1 
ATOM   522 N  N   . VAL A 1 72 ? -5.45188  0.62959   -7.63371  1.000 34.85000 ? 324 VAL A N   1 
ATOM   523 C  CA  . VAL A 1 72 ? -5.71588  1.76278   -8.51654  1.000 33.99000 ? 324 VAL A CA  1 
ATOM   524 C  C   . VAL A 1 72 ? -5.09829  3.02585   -7.94358  1.000 34.20000 ? 324 VAL A C   1 
ATOM   525 O  O   . VAL A 1 72 ? -4.52991  3.84730   -8.67340  1.000 36.00000 ? 324 VAL A O   1 
ATOM   526 C  CB  . VAL A 1 72 ? -7.23025  1.93596   -8.74508  1.000 35.85000 ? 324 VAL A CB  1 
ATOM   527 C  CG1 . VAL A 1 72 ? -7.51927  3.24259   -9.51552  1.000 27.21000 ? 324 VAL A CG1 1 
ATOM   528 C  CG2 . VAL A 1 72 ? -7.80210  0.73991   -9.48874  1.000 31.74000 ? 324 VAL A CG2 1 
ATOM   529 N  N   . GLU A 1 73 ? -5.20080  3.20683   -6.63049  1.000 33.19000 ? 325 GLU A N   1 
ATOM   530 C  CA  . GLU A 1 73 ? -4.63779  4.40420   -6.02606  1.000 34.13000 ? 325 GLU A CA  1 
ATOM   531 C  C   . GLU A 1 73 ? -3.11325  4.38242   -6.09803  1.000 35.35000 ? 325 GLU A C   1 
ATOM   532 O  O   . GLU A 1 73 ? -2.48335  5.40636   -6.39339  1.000 35.20000 ? 325 GLU A O   1 
ATOM   533 C  CB  . GLU A 1 73 ? -5.13316  4.53324   -4.59157  1.000 32.36000 ? 325 GLU A CB  1 
ATOM   534 C  CG  . GLU A 1 73 ? -6.64563  4.72313   -4.48142  1.000 37.85000 ? 325 GLU A CG  1 
ATOM   535 C  CD  . GLU A 1 73 ? -7.16616  5.92443   -5.26702  1.000 38.98000 ? 325 GLU A CD  1 
ATOM   536 O  OE1 . GLU A 1 73 ? -7.91279  5.73535   -6.25034  1.000 42.82000 ? 325 GLU A OE1 1 
ATOM   537 O  OE2 . GLU A 1 73 ? -6.83633  7.06637   -4.90068  1.000 39.36000 ? 325 GLU A OE2 1 
ATOM   538 N  N   . HIS A 1 74 ? -2.51385  3.21153   -5.86361  1.000 33.11000 ? 326 HIS A N   1 
ATOM   539 C  CA  . HIS A 1 74 ? -1.07974  3.02274   -6.06032  1.000 31.03000 ? 326 HIS A CA  1 
ATOM   540 C  C   . HIS A 1 74 ? -0.64587  3.43130   -7.47022  1.000 35.77000 ? 326 HIS A C   1 
ATOM   541 O  O   . HIS A 1 74 ? 0.40203   4.06695   -7.64753  1.000 33.61000 ? 326 HIS A O   1 
ATOM   542 C  CB  . HIS A 1 74 ? -0.73238  1.55471   -5.78485  1.000 29.77000 ? 326 HIS A CB  1 
ATOM   543 C  CG  . HIS A 1 74 ? 0.68295   1.32173   -5.35302  1.000 33.61000 ? 326 HIS A CG  1 
ATOM   544 N  ND1 . HIS A 1 74 ? 1.05525   0.21926   -4.61056  1.000 31.63000 ? 326 HIS A ND1 1 
ATOM   545 C  CD2 . HIS A 1 74 ? 1.81921   2.03465   -5.56314  1.000 33.26000 ? 326 HIS A CD2 1 
ATOM   546 C  CE1 . HIS A 1 74 ? 2.35747   0.26189   -4.38169  1.000 32.03000 ? 326 HIS A CE1 1 
ATOM   547 N  NE2 . HIS A 1 74 ? 2.84533   1.35589   -4.94223  1.000 30.79000 ? 326 HIS A NE2 1 
ATOM   548 N  N   . ALA A 1 75 ? -1.44527  3.08741   -8.48829  1.000 33.83000 ? 327 ALA A N   1 
ATOM   549 C  CA  . ALA A 1 75 ? -1.04505  3.37433   -9.86332  1.000 35.37000 ? 327 ALA A CA  1 
ATOM   550 C  C   . ALA A 1 75 ? -1.30616  4.82141   -10.24443 1.000 34.44000 ? 327 ALA A C   1 
ATOM   551 O  O   . ALA A 1 75 ? -0.57605  5.38490   -11.06578 1.000 34.39000 ? 327 ALA A O   1 
ATOM   552 C  CB  . ALA A 1 75 ? -1.77085  2.45212   -10.84154 1.000 34.49000 ? 327 ALA A CB  1 
ATOM   553 N  N   . LYS A 1 76 ? -2.34422  5.42120   -9.67175  1.000 32.42000 ? 328 LYS A N   1 
ATOM   554 C  CA  . LYS A 1 76 ? -2.63957  6.82052   -9.93994  1.000 32.51000 ? 328 LYS A CA  1 
ATOM   555 C  C   . LYS A 1 76 ? -1.49752  7.71793   -9.48197  1.000 35.52000 ? 328 LYS A C   1 
ATOM   556 O  O   . LYS A 1 76 ? -1.10374  8.65369   -10.19142 1.000 36.05000 ? 328 LYS A O   1 
ATOM   557 C  CB  . LYS A 1 76 ? -3.94440  7.19714   -9.23734  1.000 32.85000 ? 328 LYS A CB  1 
ATOM   558 C  CG  . LYS A 1 76 ? -4.39012  8.63288   -9.35816  1.000 34.54000 ? 328 LYS A CG  1 
ATOM   559 C  CD  . LYS A 1 76 ? -5.85224  8.70732   -8.90449  1.000 41.77000 ? 328 LYS A CD  1 
ATOM   560 C  CE  . LYS A 1 76 ? -6.43664  10.09724  -9.03402  1.000 42.34000 ? 328 LYS A CE  1 
ATOM   561 N  NZ  . LYS A 1 76 ? -7.85665  10.08780  -8.58263  1.000 44.54000 ? 328 LYS A NZ  1 
ATOM   562 N  N   . TRP A 1 77 ? -0.92803  7.43346   -8.31551  1.000 29.72000 ? 329 TRP A N   1 
ATOM   563 C  CA  . TRP A 1 77 ? 0.03621   8.35509   -7.74214  1.000 34.30000 ? 329 TRP A CA  1 
ATOM   564 C  C   . TRP A 1 77 ? 1.48460   7.91779   -7.89128  1.000 34.62000 ? 329 TRP A C   1 
ATOM   565 O  O   . TRP A 1 77 ? 2.36856   8.77947   -7.89821  1.000 31.18000 ? 329 TRP A O   1 
ATOM   566 C  CB  . TRP A 1 77 ? -0.28586  8.59243   -6.26155  1.000 31.36000 ? 329 TRP A CB  1 
ATOM   567 C  CG  . TRP A 1 77 ? -1.61699  9.23811   -6.11279  1.000 34.15000 ? 329 TRP A CG  1 
ATOM   568 C  CD1 . TRP A 1 77 ? -2.73283  8.70102   -5.52559  1.000 32.57000 ? 329 TRP A CD1 1 
ATOM   569 C  CD2 . TRP A 1 77 ? -2.00060  10.53011  -6.60483  1.000 32.07000 ? 329 TRP A CD2 1 
ATOM   570 N  NE1 . TRP A 1 77 ? -3.77742  9.59675   -5.59937  1.000 37.97000 ? 329 TRP A NE1 1 
ATOM   571 C  CE2 . TRP A 1 77 ? -3.35520  10.72488  -6.25660  1.000 35.96000 ? 329 TRP A CE2 1 
ATOM   572 C  CE3 . TRP A 1 77 ? -1.32773  11.54885  -7.28535  1.000 33.70000 ? 329 TRP A CE3 1 
ATOM   573 C  CZ2 . TRP A 1 77 ? -4.05311  11.89577  -6.58196  1.000 36.34000 ? 329 TRP A CZ2 1 
ATOM   574 C  CZ3 . TRP A 1 77 ? -2.02535  12.72263  -7.60094  1.000 34.58000 ? 329 TRP A CZ3 1 
ATOM   575 C  CH2 . TRP A 1 77 ? -3.36928  12.87948  -7.25595  1.000 33.65000 ? 329 TRP A CH2 1 
ATOM   576 N  N   . PHE A 1 78 ? 1.76606   6.62364   -8.01374  1.000 33.34000 ? 330 PHE A N   1 
ATOM   577 C  CA  . PHE A 1 78 ? 3.14595   6.13851   -8.06754  1.000 34.99000 ? 330 PHE A CA  1 
ATOM   578 C  C   . PHE A 1 78 ? 3.32482   5.14709   -9.21281  1.000 34.86000 ? 330 PHE A C   1 
ATOM   579 O  O   . PHE A 1 78 ? 3.66212   3.98189   -9.00619  1.000 38.37000 ? 330 PHE A O   1 
ATOM   580 C  CB  . PHE A 1 78 ? 3.52486   5.54465   -6.71321  1.000 32.51000 ? 330 PHE A CB  1 
ATOM   581 C  CG  . PHE A 1 78 ? 3.23082   6.47797   -5.58047  1.000 31.60000 ? 330 PHE A CG  1 
ATOM   582 C  CD1 . PHE A 1 78 ? 3.97193   7.64645   -5.42228  1.000 35.82000 ? 330 PHE A CD1 1 
ATOM   583 C  CD2 . PHE A 1 78 ? 2.19016   6.23245   -4.70724  1.000 31.89000 ? 330 PHE A CD2 1 
ATOM   584 C  CE1 . PHE A 1 78 ? 3.69031   8.54039   -4.39858  1.000 31.83000 ? 330 PHE A CE1 1 
ATOM   585 C  CE2 . PHE A 1 78 ? 1.90305   7.12602   -3.66281  1.000 33.46000 ? 330 PHE A CE2 1 
ATOM   586 C  CZ  . PHE A 1 78 ? 2.65214   8.28071   -3.52001  1.000 30.04000 ? 330 PHE A CZ  1 
ATOM   587 N  N   . PRO A 1 79 ? 3.12506   5.59649   -10.45582 1.000 38.11000 ? 331 PRO A N   1 
ATOM   588 C  CA  . PRO A 1 79 ? 3.04713   4.63953   -11.57207 1.000 39.28000 ? 331 PRO A CA  1 
ATOM   589 C  C   . PRO A 1 79 ? 4.37135   3.97356   -11.92042 1.000 41.62000 ? 331 PRO A C   1 
ATOM   590 O  O   . PRO A 1 79 ? 4.35256   2.98141   -12.66085 1.000 39.63000 ? 331 PRO A O   1 
ATOM   591 C  CB  . PRO A 1 79 ? 2.52453   5.50154   -12.73594 1.000 35.97000 ? 331 PRO A CB  1 
ATOM   592 C  CG  . PRO A 1 79 ? 2.98331   6.88491   -12.40586 1.000 32.70000 ? 331 PRO A CG  1 
ATOM   593 C  CD  . PRO A 1 79 ? 2.91097   6.98735   -10.90254 1.000 33.70000 ? 331 PRO A CD  1 
ATOM   594 N  N   . ARG A 1 80 ? 5.51106   4.46492   -11.41799 1.000 40.09000 ? 332 ARG A N   1 
ATOM   595 C  CA  . ARG A 1 80 ? 6.80188   3.85772   -11.72582 1.000 38.83000 ? 332 ARG A CA  1 
ATOM   596 C  C   . ARG A 1 80 ? 7.26189   2.87388   -10.66077 1.000 39.71000 ? 332 ARG A C   1 
ATOM   597 O  O   . ARG A 1 80 ? 8.35158   2.30678   -10.78887 1.000 37.20000 ? 332 ARG A O   1 
ATOM   598 C  CB  . ARG A 1 80 ? 7.86649   4.94179   -11.93781 1.000 37.71000 ? 332 ARG A CB  1 
ATOM   599 C  CG  . ARG A 1 80 ? 7.43579   5.96282   -12.97708 1.000 46.32000 ? 332 ARG A CG  1 
ATOM   600 C  CD  . ARG A 1 80 ? 8.57067   6.80968   -13.49735 1.000 53.93000 ? 332 ARG A CD  1 
ATOM   601 N  NE  . ARG A 1 80 ? 8.05424   7.92730   -14.28518 1.000 67.44000 ? 332 ARG A NE  1 
ATOM   602 C  CZ  . ARG A 1 80 ? 8.79343   8.69378   -15.08367 1.000 76.80000 ? 332 ARG A CZ  1 
ATOM   603 N  NH1 . ARG A 1 80 ? 10.09497  8.46086   -15.22144 1.000 73.44000 ? 332 ARG A NH1 1 
ATOM   604 N  NH2 . ARG A 1 80 ? 8.22802   9.69229   -15.75467 1.000 76.98000 ? 332 ARG A NH2 1 
ATOM   605 N  N   . CYS A 1 81 ? 6.46112   2.65308   -9.62057  1.000 37.64000 ? 333 CYS A N   1 
ATOM   606 C  CA  . CYS A 1 81 ? 6.80310   1.66159   -8.60535  1.000 39.38000 ? 333 CYS A CA  1 
ATOM   607 C  C   . CYS A 1 81 ? 7.01178   0.29362   -9.24636  1.000 39.99000 ? 333 CYS A C   1 
ATOM   608 O  O   . CYS A 1 81 ? 6.10656   -0.24299  -9.89507  1.000 37.89000 ? 333 CYS A O   1 
ATOM   609 C  CB  . CYS A 1 81 ? 5.69241   1.59192   -7.54893  1.000 34.54000 ? 333 CYS A CB  1 
ATOM   610 S  SG  . CYS A 1 81 ? 5.85430   0.22833   -6.37900  1.000 33.59000 ? 333 CYS A SG  1 
ATOM   611 N  N   . GLU A 1 82 ? 8.20749   -0.26678  -9.05824  1.000 39.82000 ? 334 GLU A N   1 
ATOM   612 C  CA  . GLU A 1 82 ? 8.53936   -1.54064  -9.68695  1.000 38.15000 ? 334 GLU A CA  1 
ATOM   613 C  C   . GLU A 1 82 ? 7.71156   -2.69005  -9.12707  1.000 38.97000 ? 334 GLU A C   1 
ATOM   614 O  O   . GLU A 1 82 ? 7.35832   -3.60555  -9.87704  1.000 40.14000 ? 334 GLU A O   1 
ATOM   615 C  CB  . GLU A 1 82 ? 10.03623  -1.82841  -9.54312  1.000 40.40000 ? 334 GLU A CB  1 
ATOM   616 C  CG  . GLU A 1 82 ? 10.88773  -1.19408  -10.65823 1.000 46.61000 ? 334 GLU A CG  1 
ATOM   617 C  CD  . GLU A 1 82 ? 10.52574  -1.71864  -12.06525 1.000 50.97000 ? 334 GLU A CD  1 
ATOM   618 O  OE1 . GLU A 1 82 ? 10.19962  -2.92634  -12.19585 1.000 50.99000 ? 334 GLU A OE1 1 
ATOM   619 O  OE2 . GLU A 1 82 ? 10.55651  -0.92448  -13.04012 1.000 48.62000 ? 334 GLU A OE2 1 
ATOM   620 N  N   . PHE A 1 83 ? 7.37833   -2.67142  -7.83013  1.000 38.05000 ? 335 PHE A N   1 
ATOM   621 C  CA  . PHE A 1 83 ? 6.49182   -3.71162  -7.30155  1.000 35.16000 ? 335 PHE A CA  1 
ATOM   622 C  C   . PHE A 1 83 ? 5.11343   -3.64518  -7.95065  1.000 36.05000 ? 335 PHE A C   1 
ATOM   623 O  O   . PHE A 1 83 ? 4.52737   -4.67991  -8.29146  1.000 38.37000 ? 335 PHE A O   1 
ATOM   624 C  CB  . PHE A 1 83 ? 6.36246   -3.58973  -5.78754  1.000 33.54000 ? 335 PHE A CB  1 
ATOM   625 C  CG  . PHE A 1 83 ? 5.25961   -4.44337  -5.18972  1.000 31.79000 ? 335 PHE A CG  1 
ATOM   626 C  CD1 . PHE A 1 83 ? 5.45236   -5.79956  -4.97352  1.000 30.35000 ? 335 PHE A CD1 1 
ATOM   627 C  CD2 . PHE A 1 83 ? 4.04902   -3.87703  -4.81291  1.000 30.14000 ? 335 PHE A CD2 1 
ATOM   628 C  CE1 . PHE A 1 83 ? 4.46307   -6.58278  -4.40419  1.000 33.04000 ? 335 PHE A CE1 1 
ATOM   629 C  CE2 . PHE A 1 83 ? 3.04308   -4.65481  -4.25696  1.000 31.97000 ? 335 PHE A CE2 1 
ATOM   630 C  CZ  . PHE A 1 83 ? 3.25077   -6.01526  -4.04875  1.000 31.22000 ? 335 PHE A CZ  1 
ATOM   631 N  N   . LEU A 1 84 ? 4.57515   -2.43563  -8.11116  1.000 36.19000 ? 336 LEU A N   1 
ATOM   632 C  CA  . LEU A 1 84 ? 3.30302   -2.25045  -8.80218  1.000 38.77000 ? 336 LEU A CA  1 
ATOM   633 C  C   . LEU A 1 84 ? 3.33416   -2.85779  -10.20226 1.000 37.51000 ? 336 LEU A C   1 
ATOM   634 O  O   . LEU A 1 84 ? 2.47542   -3.67349  -10.56499 1.000 33.04000 ? 336 LEU A O   1 
ATOM   635 C  CB  . LEU A 1 84 ? 2.98469   -0.75975  -8.87553  1.000 36.49000 ? 336 LEU A CB  1 
ATOM   636 C  CG  . LEU A 1 84 ? 1.73538   -0.35652  -9.64592  1.000 36.37000 ? 336 LEU A CG  1 
ATOM   637 C  CD1 . LEU A 1 84 ? 0.46439   -0.79873  -8.91843  1.000 32.90000 ? 336 LEU A CD1 1 
ATOM   638 C  CD2 . LEU A 1 84 ? 1.76432   1.13437   -9.81913  1.000 40.83000 ? 336 LEU A CD2 1 
ATOM   639 N  N   . ILE A 1 85 ? 4.33420   -2.47343  -10.99457 1.000 34.22000 ? 337 ILE A N   1 
ATOM   640 C  CA  . ILE A 1 85 ? 4.44595   -2.94726  -12.36796 1.000 39.81000 ? 337 ILE A CA  1 
ATOM   641 C  C   . ILE A 1 85 ? 4.60577   -4.46380  -12.40722 1.000 40.62000 ? 337 ILE A C   1 
ATOM   642 O  O   . ILE A 1 85 ? 3.96601   -5.15412  -13.21692 1.000 39.03000 ? 337 ILE A O   1 
ATOM   643 C  CB  . ILE A 1 85 ? 5.61380   -2.22679  -13.05933 1.000 40.74000 ? 337 ILE A CB  1 
ATOM   644 C  CG1 . ILE A 1 85 ? 5.30364   -0.72855  -13.16338 1.000 39.31000 ? 337 ILE A CG1 1 
ATOM   645 C  CG2 . ILE A 1 85 ? 5.89098   -2.85240  -14.41700 1.000 41.76000 ? 337 ILE A CG2 1 
ATOM   646 C  CD1 . ILE A 1 85 ? 6.51556   0.12873   -13.48938 1.000 37.98000 ? 337 ILE A CD1 1 
ATOM   647 N  N   . ARG A 1 86 ? 5.43352   -5.00721  -11.51368 1.000 34.60000 ? 338 ARG A N   1 
ATOM   648 C  CA  . ARG A 1 86 ? 5.64464   -6.45088  -11.46348 1.000 41.77000 ? 338 ARG A CA  1 
ATOM   649 C  C   . ARG A 1 86 ? 4.34318   -7.21366  -11.20770 1.000 40.09000 ? 338 ARG A C   1 
ATOM   650 O  O   . ARG A 1 86 ? 4.09037   -8.24382  -11.83764 1.000 41.10000 ? 338 ARG A O   1 
ATOM   651 C  CB  . ARG A 1 86 ? 6.67220   -6.77997  -10.38450 1.000 42.68000 ? 338 ARG A CB  1 
ATOM   652 C  CG  . ARG A 1 86 ? 7.08118   -8.22754  -10.35728 1.000 47.94000 ? 338 ARG A CG  1 
ATOM   653 C  CD  . ARG A 1 86 ? 8.12805   -8.48837  -11.40014 1.000 48.27000 ? 338 ARG A CD  1 
ATOM   654 N  NE  . ARG A 1 86 ? 8.27568   -9.91390  -11.65514 1.000 54.96000 ? 338 ARG A NE  1 
ATOM   655 C  CZ  . ARG A 1 86 ? 9.12960   -10.41874 -12.53836 1.000 57.50000 ? 338 ARG A CZ  1 
ATOM   656 N  NH1 . ARG A 1 86 ? 9.90708   -9.60431  -13.23903 1.000 54.80000 ? 338 ARG A NH1 1 
ATOM   657 N  NH2 . ARG A 1 86 ? 9.20664   -11.73308 -12.72443 1.000 60.35000 ? 338 ARG A NH2 1 
ATOM   658 N  N   . MET A 1 87 ? 3.50836   -6.73201  -10.28036 1.000 39.24000 ? 339 MET A N   1 
ATOM   659 C  CA  . MET A 1 87 ? 2.28829   -7.46067  -9.93767  1.000 39.59000 ? 339 MET A CA  1 
ATOM   660 C  C   . MET A 1 87 ? 1.19675   -7.26620  -10.98522 1.000 40.22000 ? 339 MET A C   1 
ATOM   661 O  O   . MET A 1 87 ? 0.53477   -8.22418  -11.39121 1.000 37.61000 ? 339 MET A O   1 
ATOM   662 C  CB  . MET A 1 87 ? 1.76424   -7.01668  -8.56420  1.000 36.08000 ? 339 MET A CB  1 
ATOM   663 C  CG  . MET A 1 87 ? 2.61776   -7.43151  -7.38331  1.000 37.10000 ? 339 MET A CG  1 
ATOM   664 S  SD  . MET A 1 87 ? 2.93499   -9.20198  -7.36051  1.000 49.88000 ? 339 MET A SD  1 
ATOM   665 C  CE  . MET A 1 87 ? 4.64426   -9.22929  -7.88581  1.000 48.19000 ? 339 MET A CE  1 
ATOM   666 N  N   . LYS A 1 88 ? 0.98073   -6.02329  -11.41460 1.000 37.31000 ? 340 LYS A N   1 
ATOM   667 C  CA  . LYS A 1 88 ? -0.20120  -5.66581  -12.17903 1.000 38.36000 ? 340 LYS A CA  1 
ATOM   668 C  C   . LYS A 1 88 ? 0.07148   -5.42114  -13.65682 1.000 37.89000 ? 340 LYS A C   1 
ATOM   669 O  O   . LYS A 1 88 ? -0.88640  -5.32337  -14.42760 1.000 38.75000 ? 340 LYS A O   1 
ATOM   670 C  CB  . LYS A 1 88 ? -0.86472  -4.42082  -11.55846 1.000 39.54000 ? 340 LYS A CB  1 
ATOM   671 C  CG  . LYS A 1 88 ? -1.62319  -4.70533  -10.26117 1.000 40.19000 ? 340 LYS A CG  1 
ATOM   672 C  CD  . LYS A 1 88 ? -2.85831  -5.56749  -10.54347 1.000 44.59000 ? 340 LYS A CD  1 
ATOM   673 C  CE  . LYS A 1 88 ? -3.75449  -5.72466  -9.32097  1.000 45.51000 ? 340 LYS A CE  1 
ATOM   674 N  NZ  . LYS A 1 88 ? -5.11259  -6.26483  -9.65598  1.000 50.71000 ? 340 LYS A NZ  1 
ATOM   675 N  N   . GLY A 1 89 ? 1.33231   -5.33431  -14.06983 1.000 37.39000 ? 341 GLY A N   1 
ATOM   676 C  CA  . GLY A 1 89 ? 1.70604   -5.15351  -15.47063 1.000 40.77000 ? 341 GLY A CA  1 
ATOM   677 C  C   . GLY A 1 89 ? 1.72892   -3.69711  -15.89614 1.000 41.09000 ? 341 GLY A C   1 
ATOM   678 O  O   . GLY A 1 89 ? 1.01743   -2.84987  -15.36599 1.000 41.36000 ? 341 GLY A O   1 
ATOM   679 N  N   . GLN A 1 90 ? 2.56774   -3.40956  -16.89295 1.000 40.63000 ? 342 GLN A N   1 
ATOM   680 C  CA  . GLN A 1 90 ? 2.66099   -2.06007  -17.44796 1.000 44.40000 ? 342 GLN A CA  1 
ATOM   681 C  C   . GLN A 1 90 ? 1.32254   -1.56536  -17.99597 1.000 44.72000 ? 342 GLN A C   1 
ATOM   682 O  O   . GLN A 1 90 ? 1.04086   -0.36472  -17.94593 1.000 45.77000 ? 342 GLN A O   1 
ATOM   683 C  CB  . GLN A 1 90 ? 3.72646   -2.03207  -18.54739 1.000 46.42000 ? 342 GLN A CB  1 
ATOM   684 C  CG  . GLN A 1 90 ? 4.12773   -0.64735  -19.00296 1.000 51.39000 ? 342 GLN A CG  1 
ATOM   685 C  CD  . GLN A 1 90 ? 4.92617   0.09745   -17.94897 1.000 56.88000 ? 342 GLN A CD  1 
ATOM   686 O  OE1 . GLN A 1 90 ? 4.46101   1.09406   -17.37783 1.000 53.66000 ? 342 GLN A OE1 1 
ATOM   687 N  NE2 . GLN A 1 90 ? 6.14400   -0.38267  -17.68333 1.000 62.35000 ? 342 GLN A NE2 1 
ATOM   688 N  N   . GLU A 1 91 ? 0.48931   -2.46414  -18.52273 1.000 44.59000 ? 343 GLU A N   1 
ATOM   689 C  CA  . GLU A 1 91 ? -0.81315  -2.05027  -19.03937 1.000 48.10000 ? 343 GLU A CA  1 
ATOM   690 C  C   . GLU A 1 91 ? -1.68009  -1.43399  -17.94460 1.000 50.76000 ? 343 GLU A C   1 
ATOM   691 O  O   . GLU A 1 91 ? -2.38029  -0.44316  -18.18053 1.000 54.12000 ? 343 GLU A O   1 
ATOM   692 C  CB  . GLU A 1 91 ? -1.53541  -3.23851  -19.68141 1.000 48.53000 ? 343 GLU A CB  1 
ATOM   693 C  CG  . GLU A 1 91 ? -0.98426  -3.67099  -21.04354 1.000 50.09000 ? 343 GLU A CG  1 
ATOM   694 C  CD  . GLU A 1 91 ? -1.86787  -4.71224  -21.74256 1.000 56.21000 ? 343 GLU A CD  1 
ATOM   695 O  OE1 . GLU A 1 91 ? -2.89519  -5.15256  -21.15548 1.000 54.80000 ? 343 GLU A OE1 1 
ATOM   696 O  OE2 . GLU A 1 91 ? -1.53468  -5.08614  -22.89002 1.000 54.42000 ? 343 GLU A OE2 1 
ATOM   697 N  N   . PHE A 1 92 ? -1.65763  -2.01939  -16.74452 1.000 49.08000 ? 344 PHE A N   1 
ATOM   698 C  CA  . PHE A 1 92 ? -2.43525  -1.48058  -15.63303 1.000 50.92000 ? 344 PHE A CA  1 
ATOM   699 C  C   . PHE A 1 92 ? -2.00756  -0.05624  -15.29407 1.000 48.77000 ? 344 PHE A C   1 
ATOM   700 O  O   . PHE A 1 92 ? -2.81616  0.73575   -14.80096 1.000 49.68000 ? 344 PHE A O   1 
ATOM   701 C  CB  . PHE A 1 92 ? -2.29191  -2.40340  -14.41387 1.000 43.73000 ? 344 PHE A CB  1 
ATOM   702 C  CG  . PHE A 1 92 ? -3.20362  -2.05716  -13.26567 1.000 41.42000 ? 344 PHE A CG  1 
ATOM   703 C  CD1 . PHE A 1 92 ? -4.51222  -2.52013  -13.23258 1.000 40.83000 ? 344 PHE A CD1 1 
ATOM   704 C  CD2 . PHE A 1 92 ? -2.74350  -1.28576  -12.20469 1.000 40.56000 ? 344 PHE A CD2 1 
ATOM   705 C  CE1 . PHE A 1 92 ? -5.35224  -2.21582  -12.16559 1.000 40.09000 ? 344 PHE A CE1 1 
ATOM   706 C  CE2 . PHE A 1 92 ? -3.57200  -0.98207  -11.13233 1.000 37.19000 ? 344 PHE A CE2 1 
ATOM   707 C  CZ  . PHE A 1 92 ? -4.88462  -1.44498  -11.11633 1.000 38.45000 ? 344 PHE A CZ  1 
ATOM   708 N  N   . VAL A 1 93 ? -0.75086  0.27974   -15.55589 1.000 47.50000 ? 345 VAL A N   1 
ATOM   709 C  CA  . VAL A 1 93 ? -0.21517  1.62710   -15.39874 1.000 53.23000 ? 345 VAL A CA  1 
ATOM   710 C  C   . VAL A 1 93 ? -0.09513  2.34726   -16.75600 1.000 55.13000 ? 345 VAL A C   1 
ATOM   711 O  O   . VAL A 1 93 ? -0.94475  3.15099   -17.14886 1.000 64.19000 ? 345 VAL A O   1 
ATOM   712 C  CB  . VAL A 1 93 ? 1.16369   1.56366   -14.70103 1.000 51.87000 ? 345 VAL A CB  1 
ATOM   713 C  CG1 . VAL A 1 93 ? 1.92826   2.83827   -14.92919 1.000 56.80000 ? 345 VAL A CG1 1 
ATOM   714 C  CG2 . VAL A 1 93 ? 1.00441   1.30114   -13.23691 1.000 46.90000 ? 345 VAL A CG2 1 
HETATM 715 ZN ZN  . ZN  B 2 .  ? 4.89088   1.41428   -4.59586  1.000 34.17000 ? 401 ZN  A ZN  1 
HETATM 716 C  C1  . EDO C 3 .  ? 3.24045   0.37479   14.03526  1.000 50.19000 ? 402 EDO A C1  1 
HETATM 717 O  O1  . EDO C 3 .  ? 2.90331   1.08298   12.84047  1.000 44.51000 ? 402 EDO A O1  1 
HETATM 718 C  C2  . EDO C 3 .  ? 3.35417   -1.09490  13.66176  1.000 44.67000 ? 402 EDO A C2  1 
HETATM 719 O  O2  . EDO C 3 .  ? 4.16090   -1.15472  12.48575  1.000 49.41000 ? 402 EDO A O2  1 
HETATM 720 C  C1  . EDO D 3 .  ? 6.90514   -0.66806  9.61585   1.000 46.72000 ? 403 EDO A C1  1 
HETATM 721 O  O1  . EDO D 3 .  ? 6.25425   0.46361   10.23594  1.000 49.21000 ? 403 EDO A O1  1 
HETATM 722 C  C2  . EDO D 3 .  ? 8.43147   -0.69653  9.83813   1.000 48.92000 ? 403 EDO A C2  1 
HETATM 723 O  O2  . EDO D 3 .  ? 9.17496   0.15438   8.93603   1.000 41.75000 ? 403 EDO A O2  1 
HETATM 724 C  C1  . EDO E 3 .  ? -11.03787 4.27252   -6.83447  1.000 45.38000 ? 404 EDO A C1  1 
HETATM 725 O  O1  . EDO E 3 .  ? -9.72156  3.94686   -6.33692  1.000 40.83000 ? 404 EDO A O1  1 
HETATM 726 C  C2  . EDO E 3 .  ? -11.17299 3.89386   -8.31242  1.000 47.93000 ? 404 EDO A C2  1 
HETATM 727 O  O2  . EDO E 3 .  ? -11.22525 2.46643   -8.46963  1.000 47.35000 ? 404 EDO A O2  1 
HETATM 728 C  C10 . IUN F 4 .  ? -4.72478  12.81966  -1.37692  1.000 36.23000 ? 405 IUN A C10 1 
HETATM 729 C  C13 . IUN F 4 .  ? -6.06264  13.08462  -2.06293  1.000 35.37000 ? 405 IUN A C13 1 
HETATM 730 C  C15 . IUN F 4 .  ? -6.64404  14.44400  -1.68807  1.000 35.11000 ? 405 IUN A C15 1 
HETATM 731 C  C17 . IUN F 4 .  ? -0.34626  11.51186  -1.33763  1.000 39.05000 ? 405 IUN A C17 1 
HETATM 732 C  C20 . IUN F 4 .  ? 0.53135   11.98115  -2.51056  1.000 35.03000 ? 405 IUN A C20 1 
HETATM 733 C  C21 . IUN F 4 .  ? -0.35656  11.88742  -3.73034  1.000 36.11000 ? 405 IUN A C21 1 
HETATM 734 C  C22 . IUN F 4 .  ? -0.11509  12.35841  -0.12935  1.000 40.15000 ? 405 IUN A C22 1 
HETATM 735 C  C24 . IUN F 4 .  ? -6.64146  8.51146   -1.52776  1.000 37.07000 ? 405 IUN A C24 1 
HETATM 736 C  C26 . IUN F 4 .  ? -0.29541  13.82447  1.75426   1.000 42.39000 ? 405 IUN A C26 1 
HETATM 737 C  C28 . IUN F 4 .  ? 1.43053   12.66868  3.01811   1.000 44.76000 ? 405 IUN A C28 1 
HETATM 738 C  C11 . IUN F 4 .  ? -4.18840  11.41914  -1.72295  1.000 37.96000 ? 405 IUN A C11 1 
HETATM 739 C  C12 . IUN F 4 .  ? -4.85727  13.00141  0.13056   1.000 35.80000 ? 405 IUN A C12 1 
HETATM 740 C  C14 . IUN F 4 .  ? -5.41915  14.37373  0.48506   1.000 38.56000 ? 405 IUN A C14 1 
HETATM 741 C  C16 . IUN F 4 .  ? -6.75846  14.60084  -0.18482  1.000 35.12000 ? 405 IUN A C16 1 
HETATM 742 C  C18 . IUN F 4 .  ? -2.78207  11.13688  -1.20020  1.000 38.30000 ? 405 IUN A C18 1 
HETATM 743 C  C19 . IUN F 4 .  ? -1.73318  12.19647  -3.21246  1.000 35.20000 ? 405 IUN A C19 1 
HETATM 744 C  C23 . IUN F 4 .  ? -5.73105  9.56491   -2.14258  1.000 38.18000 ? 405 IUN A C23 1 
HETATM 745 C  C25 . IUN F 4 .  ? 0.66392   12.86959  1.85235   1.000 40.97000 ? 405 IUN A C25 1 
HETATM 746 C  C27 . IUN F 4 .  ? -5.86831  7.21541   -1.33217  1.000 33.54000 ? 405 IUN A C27 1 
HETATM 747 C  C29 . IUN F 4 .  ? -8.77205  9.38804   -2.33354  1.000 37.76000 ? 405 IUN A C29 1 
HETATM 748 C  C30 . IUN F 4 .  ? 1.75132   11.34738  3.62788   1.000 41.33000 ? 405 IUN A C30 1 
HETATM 749 C  C31 . IUN F 4 .  ? 2.92654   11.17577  4.36320   1.000 34.66000 ? 405 IUN A C31 1 
HETATM 750 C  C32 . IUN F 4 .  ? 0.88710   10.25930  3.48401   1.000 38.51000 ? 405 IUN A C32 1 
HETATM 751 C  C33 . IUN F 4 .  ? 3.23223   9.95381   4.93182   1.000 37.24000 ? 405 IUN A C33 1 
HETATM 752 C  C34 . IUN F 4 .  ? 1.19264   9.03590   4.04774   1.000 34.58000 ? 405 IUN A C34 1 
HETATM 753 C  C35 . IUN F 4 .  ? 2.35728   8.91905   4.75392   1.000 36.04000 ? 405 IUN A C35 1 
HETATM 754 F  F02 . IUN F 4 .  ? 2.65378   7.71956   5.31577   1.000 41.01000 ? 405 IUN A F02 1 
HETATM 755 N  N06 . IUN F 4 .  ? -1.71623  11.60264  -1.87388  1.000 35.37000 ? 405 IUN A N06 1 
HETATM 756 N  N07 . IUN F 4 .  ? -5.10516  10.38065  -1.28582  1.000 36.74000 ? 405 IUN A N07 1 
HETATM 757 N  N08 . IUN F 4 .  ? 0.83490   12.11145  0.71005   1.000 35.43000 ? 405 IUN A N08 1 
HETATM 758 N  N09 . IUN F 4 .  ? -7.83877  8.26625   -2.33801  1.000 36.92000 ? 405 IUN A N09 1 
HETATM 759 O  O03 . IUN F 4 .  ? -2.62841  10.48133  -0.17951  1.000 37.88000 ? 405 IUN A O03 1 
HETATM 760 O  O04 . IUN F 4 .  ? -5.60210  9.64897   -3.35775  1.000 40.84000 ? 405 IUN A O04 1 
HETATM 761 O  O05 . IUN F 4 .  ? 1.87473   13.66695  3.56971   1.000 48.30000 ? 405 IUN A O05 1 
HETATM 762 S  S01 . IUN F 4 .  ? -1.06923  13.75387  0.23805   1.000 42.79000 ? 405 IUN A S01 1 
HETATM 763 O  O   . HOH G 5 .  ? -3.90986  10.13923  7.38770   1.000 31.99000 ? 501 HOH A O   1 
HETATM 764 O  O   . HOH G 5 .  ? 8.47889   2.51380   2.61063   1.000 29.47000 ? 502 HOH A O   1 
HETATM 765 O  O   . HOH G 5 .  ? -11.11585 -1.46628  -8.69155  1.000 43.26000 ? 503 HOH A O   1 
HETATM 766 O  O   . HOH G 5 .  ? 4.60575   -11.39760 0.25405   1.000 32.55000 ? 504 HOH A O   1 
HETATM 767 O  O   . HOH G 5 .  ? 2.64629   10.23803  8.94413   1.000 39.07000 ? 505 HOH A O   1 
HETATM 768 O  O   . HOH G 5 .  ? 14.53442  -5.91394  -6.58978  1.000 55.01000 ? 506 HOH A O   1 
HETATM 769 O  O   . HOH G 5 .  ? -14.53603 0.62953   0.57584   1.000 43.61000 ? 507 HOH A O   1 
HETATM 770 O  O   . HOH G 5 .  ? -9.03883  7.19917   -8.13921  1.000 45.31000 ? 508 HOH A O   1 
HETATM 771 O  O   . HOH G 5 .  ? -0.94414  -1.29243  14.17266  1.000 34.68000 ? 509 HOH A O   1 
HETATM 772 O  O   . HOH G 5 .  ? -9.99441  7.94293   5.50679   1.000 36.29000 ? 510 HOH A O   1 
HETATM 773 O  O   . HOH G 5 .  ? -13.37258 6.06297   -3.75979  1.000 43.97000 ? 511 HOH A O   1 
HETATM 774 O  O   . HOH G 5 .  ? -11.08453 -0.47743  8.52308   1.000 43.46000 ? 512 HOH A O   1 
HETATM 775 O  O   . HOH G 5 .  ? 12.54441  2.90300   -3.66836  1.000 44.75000 ? 513 HOH A O   1 
HETATM 776 O  O   . HOH G 5 .  ? -7.78005  -1.36957  15.19434  1.000 46.34000 ? 514 HOH A O   1 
HETATM 777 O  O   . HOH G 5 .  ? -11.19628 -2.72904  1.24510   1.000 43.85000 ? 515 HOH A O   1 
HETATM 778 O  O   . HOH G 5 .  ? -7.65843  9.47831   -5.92867  1.000 40.58000 ? 516 HOH A O   1 
HETATM 779 O  O   . HOH G 5 .  ? -0.80010  12.13935  9.80780   1.000 46.69000 ? 517 HOH A O   1 
HETATM 780 O  O   . HOH G 5 .  ? 5.13628   3.20763   -15.28570 1.000 42.59000 ? 518 HOH A O   1 
HETATM 781 O  O   . HOH G 5 .  ? -9.20674  8.85413   -10.64897 1.000 53.61000 ? 519 HOH A O   1 
HETATM 782 O  O   . HOH G 5 .  ? 8.94415   -8.60203  5.36037   1.000 31.05000 ? 520 HOH A O   1 
HETATM 783 O  O   . HOH G 5 .  ? -3.44324  -6.85131  11.28760  1.000 32.67000 ? 521 HOH A O   1 
HETATM 784 O  O   . HOH G 5 .  ? -3.83778  3.90998   15.07282  1.000 32.93000 ? 522 HOH A O   1 
HETATM 785 O  O   . HOH G 5 .  ? -8.51845  -6.58952  6.09863   1.000 37.55000 ? 523 HOH A O   1 
HETATM 786 O  O   . HOH G 5 .  ? 4.44587   10.59945  -8.54168  1.000 39.62000 ? 524 HOH A O   1 
HETATM 787 O  O   . HOH G 5 .  ? 5.25355   -6.32763  10.90584  1.000 38.69000 ? 525 HOH A O   1 
HETATM 788 O  O   . HOH G 5 .  ? -1.66765  3.09034   16.01281  1.000 33.37000 ? 526 HOH A O   1 
HETATM 789 O  O   . HOH G 5 .  ? -7.68125  -4.30426  -3.65645  1.000 47.13000 ? 527 HOH A O   1 
HETATM 790 O  O   . HOH G 5 .  ? 0.78168   -9.00865  -2.54616  1.000 44.80000 ? 528 HOH A O   1 
HETATM 791 O  O   . HOH G 5 .  ? 4.47278   -8.92586  -1.19355  1.000 33.40000 ? 529 HOH A O   1 
HETATM 792 O  O   . HOH G 5 .  ? 10.30888  1.10741   -7.54317  1.000 42.02000 ? 530 HOH A O   1 
HETATM 793 O  O   . HOH G 5 .  ? -2.72117  -5.53286  -25.54891 1.000 49.90000 ? 531 HOH A O   1 
HETATM 794 O  O   . HOH G 5 .  ? -13.51552 -1.56278  8.19786   1.000 51.39000 ? 532 HOH A O   1 
HETATM 795 O  O   . HOH G 5 .  ? 9.46098   -7.29504  9.58760   1.000 44.13000 ? 533 HOH A O   1 
HETATM 796 O  O   . HOH G 5 .  ? -10.97058 1.50516   15.77097  1.000 46.24000 ? 534 HOH A O   1 
HETATM 797 O  O   . HOH G 5 .  ? 6.86244   -8.98806  -2.24751  1.000 41.22000 ? 535 HOH A O   1 
HETATM 798 O  O   . HOH G 5 .  ? -2.78901  15.84933  3.24661   1.000 43.03000 ? 536 HOH A O   1 
HETATM 799 O  O   . HOH G 5 .  ? 6.02082   6.63017   -9.31489  1.000 34.38000 ? 537 HOH A O   1 
HETATM 800 O  O   . HOH G 5 .  ? -7.16988  -3.85099  -9.05047  1.000 48.44000 ? 538 HOH A O   1 
HETATM 801 O  O   . HOH G 5 .  ? 6.29175   -13.44029 6.07928   1.000 40.44000 ? 539 HOH A O   1 
HETATM 802 O  O   . HOH G 5 .  ? -3.76415  -6.54448  -13.97110 1.000 48.71000 ? 540 HOH A O   1 
HETATM 803 O  O   . HOH G 5 .  ? 3.58864   10.90484  -0.40239  1.000 39.20000 ? 541 HOH A O   1 
HETATM 804 O  O   . HOH G 5 .  ? 7.76623   7.95673   -4.48032  1.000 44.25000 ? 542 HOH A O   1 
HETATM 805 O  O   . HOH G 5 .  ? -5.78810  -5.95381  10.99205  1.000 37.28000 ? 543 HOH A O   1 
HETATM 806 O  O   . HOH G 5 .  ? -3.76250  12.99261  8.29206   1.000 39.78000 ? 544 HOH A O   1 
HETATM 807 O  O   . HOH G 5 .  ? 4.79165   -11.28243 10.46167  1.000 41.33000 ? 545 HOH A O   1 
# 
loop_
_pdbx_poly_seq_scheme.asym_id 
_pdbx_poly_seq_scheme.entity_id 
_pdbx_poly_seq_scheme.seq_id 
_pdbx_poly_seq_scheme.mon_id 
_pdbx_poly_seq_scheme.ndb_seq_num 
_pdbx_poly_seq_scheme.pdb_seq_num 
_pdbx_poly_seq_scheme.auth_seq_num 
_pdbx_poly_seq_scheme.pdb_mon_id 
_pdbx_poly_seq_scheme.auth_mon_id 
_pdbx_poly_seq_scheme.pdb_strand_id 
_pdbx_poly_seq_scheme.pdb_ins_code 
_pdbx_poly_seq_scheme.hetero 
A 1 1  GLY 1  253 ?   ?   ?   A . n 
A 1 2  PRO 2  254 ?   ?   ?   A . n 
A 1 3  LEU 3  255 ?   ?   ?   A . n 
A 1 4  GLY 4  256 ?   ?   ?   A . n 
A 1 5  SER 5  257 ?   ?   ?   A . n 
A 1 6  PRO 6  258 ?   ?   ?   A . n 
A 1 7  GLU 7  259 259 GLU GLU A . n 
A 1 8  PHE 8  260 260 PHE PHE A . n 
A 1 9  ILE 9  261 261 ILE ILE A . n 
A 1 10 SER 10 262 262 SER SER A . n 
A 1 11 ASN 11 263 263 ASN ASN A . n 
A 1 12 LEU 12 264 264 LEU LEU A . n 
A 1 13 SER 13 265 265 SER SER A . n 
A 1 14 MET 14 266 266 MET MET A . n 
A 1 15 GLN 15 267 267 GLN GLN A . n 
A 1 16 THR 16 268 268 THR THR A . n 
A 1 17 HIS 17 269 269 HIS HIS A . n 
A 1 18 ALA 18 270 270 ALA ALA A . n 
A 1 19 ALA 19 271 271 ALA ALA A . n 
A 1 20 ARG 20 272 272 ARG ARG A . n 
A 1 21 MET 21 273 273 MET MET A . n 
A 1 22 ARG 22 274 274 ARG ARG A . n 
A 1 23 THR 23 275 275 THR THR A . n 
A 1 24 PHE 24 276 276 PHE PHE A . n 
A 1 25 MET 25 277 277 MET MET A . n 
A 1 26 TYR 26 278 278 TYR TYR A . n 
A 1 27 TRP 27 279 279 TRP TRP A . n 
A 1 28 PRO 28 280 280 PRO PRO A . n 
A 1 29 SER 29 281 281 SER SER A . n 
A 1 30 SER 30 282 282 SER SER A . n 
A 1 31 VAL 31 283 283 VAL VAL A . n 
A 1 32 PRO 32 284 284 PRO PRO A . n 
A 1 33 VAL 33 285 285 VAL VAL A . n 
A 1 34 GLN 34 286 286 GLN GLN A . n 
A 1 35 PRO 35 287 287 PRO PRO A . n 
A 1 36 GLU 36 288 288 GLU GLU A . n 
A 1 37 GLN 37 289 289 GLN GLN A . n 
A 1 38 LEU 38 290 290 LEU LEU A . n 
A 1 39 ALA 39 291 291 ALA ALA A . n 
A 1 40 SER 40 292 292 SER SER A . n 
A 1 41 ALA 41 293 293 ALA ALA A . n 
A 1 42 GLY 42 294 294 GLY GLY A . n 
A 1 43 PHE 43 295 295 PHE PHE A . n 
A 1 44 TYR 44 296 296 TYR TYR A . n 
A 1 45 TYR 45 297 297 TYR TYR A . n 
A 1 46 VAL 46 298 298 VAL VAL A . n 
A 1 47 GLY 47 299 299 GLY GLY A . n 
A 1 48 ARG 48 300 300 ARG ARG A . n 
A 1 49 ASN 49 301 301 ASN ASN A . n 
A 1 50 ASP 50 302 302 ASP ASP A . n 
A 1 51 ASP 51 303 303 ASP ASP A . n 
A 1 52 VAL 52 304 304 VAL VAL A . n 
A 1 53 LYS 53 305 305 LYS LYS A . n 
A 1 54 CYS 54 306 306 CYS CYS A . n 
A 1 55 PHE 55 307 307 PHE PHE A . n 
A 1 56 CYS 56 308 308 CYS CYS A . n 
A 1 57 CYS 57 309 309 CYS CYS A . n 
A 1 58 ASP 58 310 310 ASP ASP A . n 
A 1 59 GLY 59 311 311 GLY GLY A . n 
A 1 60 GLY 60 312 312 GLY GLY A . n 
A 1 61 LEU 61 313 313 LEU LEU A . n 
A 1 62 ARG 62 314 314 ARG ARG A . n 
A 1 63 CYS 63 315 315 CYS CYS A . n 
A 1 64 TRP 64 316 316 TRP TRP A . n 
A 1 65 GLU 65 317 317 GLU GLU A . n 
A 1 66 SER 66 318 318 SER SER A . n 
A 1 67 GLY 67 319 319 GLY GLY A . n 
A 1 68 ASP 68 320 320 ASP ASP A . n 
A 1 69 ASP 69 321 321 ASP ASP A . n 
A 1 70 PRO 70 322 322 PRO PRO A . n 
A 1 71 TRP 71 323 323 TRP TRP A . n 
A 1 72 VAL 72 324 324 VAL VAL A . n 
A 1 73 GLU 73 325 325 GLU GLU A . n 
A 1 74 HIS 74 326 326 HIS HIS A . n 
A 1 75 ALA 75 327 327 ALA ALA A . n 
A 1 76 LYS 76 328 328 LYS LYS A . n 
A 1 77 TRP 77 329 329 TRP TRP A . n 
A 1 78 PHE 78 330 330 PHE PHE A . n 
A 1 79 PRO 79 331 331 PRO PRO A . n 
A 1 80 ARG 80 332 332 ARG ARG A . n 
A 1 81 CYS 81 333 333 CYS CYS A . n 
A 1 82 GLU 82 334 334 GLU GLU A . n 
A 1 83 PHE 83 335 335 PHE PHE A . n 
A 1 84 LEU 84 336 336 LEU LEU A . n 
A 1 85 ILE 85 337 337 ILE ILE A . n 
A 1 86 ARG 86 338 338 ARG ARG A . n 
A 1 87 MET 87 339 339 MET MET A . n 
A 1 88 LYS 88 340 340 LYS LYS A . n 
A 1 89 GLY 89 341 341 GLY GLY A . n 
A 1 90 GLN 90 342 342 GLN GLN A . n 
A 1 91 GLU 91 343 343 GLU GLU A . n 
A 1 92 PHE 92 344 344 PHE PHE A . n 
A 1 93 VAL 93 345 345 VAL VAL A . n 
A 1 94 ASP 94 346 ?   ?   ?   A . n 
# 
_pdbx_contact_author.id                 3 
_pdbx_contact_author.email              tatiana.kutateladze@cuanschutz.edu 
_pdbx_contact_author.name_first         Tatiana 
_pdbx_contact_author.name_last          Kutateladze 
_pdbx_contact_author.name_mi            ? 
_pdbx_contact_author.role               'principal investigator/group leader' 
_pdbx_contact_author.identifier_ORCID   0000-0001-7375-6990 
# 
loop_
_pdbx_nonpoly_scheme.asym_id 
_pdbx_nonpoly_scheme.entity_id 
_pdbx_nonpoly_scheme.mon_id 
_pdbx_nonpoly_scheme.ndb_seq_num 
_pdbx_nonpoly_scheme.pdb_seq_num 
_pdbx_nonpoly_scheme.auth_seq_num 
_pdbx_nonpoly_scheme.pdb_mon_id 
_pdbx_nonpoly_scheme.auth_mon_id 
_pdbx_nonpoly_scheme.pdb_strand_id 
_pdbx_nonpoly_scheme.pdb_ins_code 
B 2 ZN  1  401 1  ZN  ZN  A . 
C 3 EDO 1  402 2  EDO EDO A . 
D 3 EDO 1  403 3  EDO EDO A . 
E 3 EDO 1  404 4  EDO EDO A . 
F 4 IUN 1  405 1  IUN LIG A . 
G 5 HOH 1  501 1  HOH HOH A . 
G 5 HOH 2  502 21 HOH HOH A . 
G 5 HOH 3  503 20 HOH HOH A . 
G 5 HOH 4  504 31 HOH HOH A . 
G 5 HOH 5  505 27 HOH HOH A . 
G 5 HOH 6  506 30 HOH HOH A . 
G 5 HOH 7  507 38 HOH HOH A . 
G 5 HOH 8  508 12 HOH HOH A . 
G 5 HOH 9  509 5  HOH HOH A . 
G 5 HOH 10 510 6  HOH HOH A . 
G 5 HOH 11 511 7  HOH HOH A . 
G 5 HOH 12 512 32 HOH HOH A . 
G 5 HOH 13 513 11 HOH HOH A . 
G 5 HOH 14 514 15 HOH HOH A . 
G 5 HOH 15 515 14 HOH HOH A . 
G 5 HOH 16 516 25 HOH HOH A . 
G 5 HOH 17 517 44 HOH HOH A . 
G 5 HOH 18 518 8  HOH HOH A . 
G 5 HOH 19 519 26 HOH HOH A . 
G 5 HOH 20 520 2  HOH HOH A . 
G 5 HOH 21 521 43 HOH HOH A . 
G 5 HOH 22 522 3  HOH HOH A . 
G 5 HOH 23 523 23 HOH HOH A . 
G 5 HOH 24 524 19 HOH HOH A . 
G 5 HOH 25 525 13 HOH HOH A . 
G 5 HOH 26 526 45 HOH HOH A . 
G 5 HOH 27 527 17 HOH HOH A . 
G 5 HOH 28 528 37 HOH HOH A . 
G 5 HOH 29 529 4  HOH HOH A . 
G 5 HOH 30 530 36 HOH HOH A . 
G 5 HOH 31 531 34 HOH HOH A . 
G 5 HOH 32 532 9  HOH HOH A . 
G 5 HOH 33 533 16 HOH HOH A . 
G 5 HOH 34 534 35 HOH HOH A . 
G 5 HOH 35 535 10 HOH HOH A . 
G 5 HOH 36 536 42 HOH HOH A . 
G 5 HOH 37 537 22 HOH HOH A . 
G 5 HOH 38 538 18 HOH HOH A . 
G 5 HOH 39 539 46 HOH HOH A . 
G 5 HOH 40 540 28 HOH HOH A . 
G 5 HOH 41 541 40 HOH HOH A . 
G 5 HOH 42 542 39 HOH HOH A . 
G 5 HOH 43 543 29 HOH HOH A . 
G 5 HOH 44 544 33 HOH HOH A . 
G 5 HOH 45 545 41 HOH HOH A . 
# 
_pdbx_struct_assembly.id                   1 
_pdbx_struct_assembly.details              author_and_software_defined_assembly 
_pdbx_struct_assembly.method_details       PISA 
_pdbx_struct_assembly.oligomeric_details   monomeric 
_pdbx_struct_assembly.oligomeric_count     1 
# 
_pdbx_struct_assembly_gen.assembly_id       1 
_pdbx_struct_assembly_gen.oper_expression   1 
_pdbx_struct_assembly_gen.asym_id_list      A,B,C,D,E,F,G 
# 
_pdbx_struct_oper_list.id                   1 
_pdbx_struct_oper_list.type                 'identity operation' 
_pdbx_struct_oper_list.name                 1_555 
_pdbx_struct_oper_list.symmetry_operation   x,y,z 
_pdbx_struct_oper_list.matrix[1][1]         1.0000000000 
_pdbx_struct_oper_list.matrix[1][2]         0.0000000000 
_pdbx_struct_oper_list.matrix[1][3]         0.0000000000 
_pdbx_struct_oper_list.vector[1]            0.0000000000 
_pdbx_struct_oper_list.matrix[2][1]         0.0000000000 
_pdbx_struct_oper_list.matrix[2][2]         1.0000000000 
_pdbx_struct_oper_list.matrix[2][3]         0.0000000000 
_pdbx_struct_oper_list.vector[2]            0.0000000000 
_pdbx_struct_oper_list.matrix[3][1]         0.0000000000 
_pdbx_struct_oper_list.matrix[3][2]         0.0000000000 
_pdbx_struct_oper_list.matrix[3][3]         1.0000000000 
_pdbx_struct_oper_list.vector[3]            0.0000000000 
# 
loop_
_pdbx_struct_conn_angle.id 
_pdbx_struct_conn_angle.ptnr1_label_atom_id 
_pdbx_struct_conn_angle.ptnr1_label_alt_id 
_pdbx_struct_conn_angle.ptnr1_label_asym_id 
_pdbx_struct_conn_angle.ptnr1_label_comp_id 
_pdbx_struct_conn_angle.ptnr1_label_seq_id 
_pdbx_struct_conn_angle.ptnr1_auth_atom_id 
_pdbx_struct_conn_angle.ptnr1_auth_asym_id 
_pdbx_struct_conn_angle.ptnr1_auth_comp_id 
_pdbx_struct_conn_angle.ptnr1_auth_seq_id 
_pdbx_struct_conn_angle.ptnr1_PDB_ins_code 
_pdbx_struct_conn_angle.ptnr1_symmetry 
_pdbx_struct_conn_angle.ptnr2_label_atom_id 
_pdbx_struct_conn_angle.ptnr2_label_alt_id 
_pdbx_struct_conn_angle.ptnr2_label_asym_id 
_pdbx_struct_conn_angle.ptnr2_label_comp_id 
_pdbx_struct_conn_angle.ptnr2_label_seq_id 
_pdbx_struct_conn_angle.ptnr2_auth_atom_id 
_pdbx_struct_conn_angle.ptnr2_auth_asym_id 
_pdbx_struct_conn_angle.ptnr2_auth_comp_id 
_pdbx_struct_conn_angle.ptnr2_auth_seq_id 
_pdbx_struct_conn_angle.ptnr2_PDB_ins_code 
_pdbx_struct_conn_angle.ptnr2_symmetry 
_pdbx_struct_conn_angle.ptnr3_label_atom_id 
_pdbx_struct_conn_angle.ptnr3_label_alt_id 
_pdbx_struct_conn_angle.ptnr3_label_asym_id 
_pdbx_struct_conn_angle.ptnr3_label_comp_id 
_pdbx_struct_conn_angle.ptnr3_label_seq_id 
_pdbx_struct_conn_angle.ptnr3_auth_atom_id 
_pdbx_struct_conn_angle.ptnr3_auth_asym_id 
_pdbx_struct_conn_angle.ptnr3_auth_comp_id 
_pdbx_struct_conn_angle.ptnr3_auth_seq_id 
_pdbx_struct_conn_angle.ptnr3_PDB_ins_code 
_pdbx_struct_conn_angle.ptnr3_symmetry 
_pdbx_struct_conn_angle.value 
_pdbx_struct_conn_angle.value_esd 
1 SG  ? A CYS 54 ? A CYS 306 ? 1_555 ZN ? B ZN . ? A ZN 401 ? 1_555 SG  ? A CYS 57 ? A CYS 309 ? 1_555 110.1 ? 
2 SG  ? A CYS 54 ? A CYS 306 ? 1_555 ZN ? B ZN . ? A ZN 401 ? 1_555 NE2 ? A HIS 74 ? A HIS 326 ? 1_555 103.6 ? 
3 SG  ? A CYS 57 ? A CYS 309 ? 1_555 ZN ? B ZN . ? A ZN 401 ? 1_555 NE2 ? A HIS 74 ? A HIS 326 ? 1_555 115.4 ? 
4 SG  ? A CYS 54 ? A CYS 306 ? 1_555 ZN ? B ZN . ? A ZN 401 ? 1_555 SG  ? A CYS 81 ? A CYS 333 ? 1_555 111.0 ? 
5 SG  ? A CYS 57 ? A CYS 309 ? 1_555 ZN ? B ZN . ? A ZN 401 ? 1_555 SG  ? A CYS 81 ? A CYS 333 ? 1_555 111.2 ? 
6 NE2 ? A HIS 74 ? A HIS 326 ? 1_555 ZN ? B ZN . ? A ZN 401 ? 1_555 SG  ? A CYS 81 ? A CYS 333 ? 1_555 105.3 ? 
# 
loop_
_pdbx_audit_revision_history.ordinal 
_pdbx_audit_revision_history.data_content_type 
_pdbx_audit_revision_history.major_revision 
_pdbx_audit_revision_history.minor_revision 
_pdbx_audit_revision_history.revision_date 
1 'Structure model' 1 0 2023-08-02 
2 'Structure model' 1 1 2023-08-16 
3 'Structure model' 1 2 2023-09-20 
# 
_pdbx_audit_revision_details.ordinal             1 
_pdbx_audit_revision_details.revision_ordinal    1 
_pdbx_audit_revision_details.data_content_type   'Structure model' 
_pdbx_audit_revision_details.provider            repository 
_pdbx_audit_revision_details.type                'Initial release' 
_pdbx_audit_revision_details.description         ? 
_pdbx_audit_revision_details.details             ? 
# 
loop_
_pdbx_audit_revision_group.ordinal 
_pdbx_audit_revision_group.revision_ordinal 
_pdbx_audit_revision_group.data_content_type 
_pdbx_audit_revision_group.group 
1 2 'Structure model' 'Data collection'      
2 2 'Structure model' 'Database references'  
3 3 'Structure model' 'Database references'  
4 3 'Structure model' 'Derived calculations' 
5 3 'Structure model' 'Structure summary'    
# 
loop_
_pdbx_audit_revision_category.ordinal 
_pdbx_audit_revision_category.revision_ordinal 
_pdbx_audit_revision_category.data_content_type 
_pdbx_audit_revision_category.category 
1 2 'Structure model' chem_comp_atom      
2 2 'Structure model' chem_comp_bond      
3 2 'Structure model' citation            
4 2 'Structure model' citation_author     
5 3 'Structure model' chem_comp           
6 3 'Structure model' citation            
7 3 'Structure model' citation_author     
8 3 'Structure model' entity              
9 3 'Structure model' pdbx_entity_nonpoly 
# 
loop_
_pdbx_audit_revision_item.ordinal 
_pdbx_audit_revision_item.revision_ordinal 
_pdbx_audit_revision_item.data_content_type 
_pdbx_audit_revision_item.item 
1  2 'Structure model' '_citation.pdbx_database_id_PubMed' 
2  2 'Structure model' '_citation.title'                   
3  2 'Structure model' '_citation_author.identifier_ORCID' 
4  3 'Structure model' '_chem_comp.name'                   
5  3 'Structure model' '_chem_comp.pdbx_synonyms'          
6  3 'Structure model' '_citation.journal_volume'          
7  3 'Structure model' '_citation.page_first'              
8  3 'Structure model' '_citation.page_last'               
9  3 'Structure model' '_citation_author.identifier_ORCID' 
10 3 'Structure model' '_entity.pdbx_description'          
11 3 'Structure model' '_pdbx_entity_nonpoly.name'         
# 
loop_
_space_group_symop.id 
_space_group_symop.operation_xyz 
1 x,y,z      
2 -y,x-y,z   
3 -x+y,-x,z  
4 x-y,-y,-z  
5 -x,-x+y,-z 
6 y,x,-z     
# 
loop_
_software.citation_id 
_software.classification 
_software.compiler_name 
_software.compiler_version 
_software.contact_author 
_software.contact_author_email 
_software.date 
_software.description 
_software.dependencies 
_software.hardware 
_software.language 
_software.location 
_software.mods 
_software.name 
_software.os 
_software.os_version 
_software.type 
_software.version 
_software.pdbx_ordinal 
? refinement       ? ? ? ? ? ? ? ? ? ? ? PHENIX   ? ? ? 1.18_3855 1 
? 'data reduction' ? ? ? ? ? ? ? ? ? ? ? HKL-3000 ? ? ? .         2 
? 'data scaling'   ? ? ? ? ? ? ? ? ? ? ? HKL-3000 ? ? ? .         3 
? phasing          ? ? ? ? ? ? ? ? ? ? ? PHASER   ? ? ? .         4 
# 
_pdbx_entry_details.entry_id                 7TRM 
_pdbx_entry_details.nonpolymer_details       ? 
_pdbx_entry_details.sequence_details         ? 
_pdbx_entry_details.compound_details         ? 
_pdbx_entry_details.source_details           ? 
_pdbx_entry_details.has_ligand_of_interest   Y 
# 
loop_
_pdbx_validate_torsion.id 
_pdbx_validate_torsion.PDB_model_num 
_pdbx_validate_torsion.auth_comp_id 
_pdbx_validate_torsion.auth_asym_id 
_pdbx_validate_torsion.auth_seq_id 
_pdbx_validate_torsion.PDB_ins_code 
_pdbx_validate_torsion.label_alt_id 
_pdbx_validate_torsion.phi 
_pdbx_validate_torsion.psi 
1 1 PRO A 284 ? ? -84.68 34.84   
2 1 ASN A 301 ? ? 53.99  -131.58 
3 1 CYS A 308 ? ? -91.79 -63.67  
# 
loop_
_pdbx_unobs_or_zero_occ_residues.id 
_pdbx_unobs_or_zero_occ_residues.PDB_model_num 
_pdbx_unobs_or_zero_occ_residues.polymer_flag 
_pdbx_unobs_or_zero_occ_residues.occupancy_flag 
_pdbx_unobs_or_zero_occ_residues.auth_asym_id 
_pdbx_unobs_or_zero_occ_residues.auth_comp_id 
_pdbx_unobs_or_zero_occ_residues.auth_seq_id 
_pdbx_unobs_or_zero_occ_residues.PDB_ins_code 
_pdbx_unobs_or_zero_occ_residues.label_asym_id 
_pdbx_unobs_or_zero_occ_residues.label_comp_id 
_pdbx_unobs_or_zero_occ_residues.label_seq_id 
1 1 Y 1 A GLY 253 ? A GLY 1  
2 1 Y 1 A PRO 254 ? A PRO 2  
3 1 Y 1 A LEU 255 ? A LEU 3  
4 1 Y 1 A GLY 256 ? A GLY 4  
5 1 Y 1 A SER 257 ? A SER 5  
6 1 Y 1 A PRO 258 ? A PRO 6  
7 1 Y 1 A ASP 346 ? A ASP 94 
# 
loop_
_chem_comp_atom.comp_id 
_chem_comp_atom.atom_id 
_chem_comp_atom.type_symbol 
_chem_comp_atom.pdbx_aromatic_flag 
_chem_comp_atom.pdbx_stereo_config 
_chem_comp_atom.pdbx_ordinal 
ALA N    N  N N 1   
ALA CA   C  N S 2   
ALA C    C  N N 3   
ALA O    O  N N 4   
ALA CB   C  N N 5   
ALA OXT  O  N N 6   
ALA H    H  N N 7   
ALA H2   H  N N 8   
ALA HA   H  N N 9   
ALA HB1  H  N N 10  
ALA HB2  H  N N 11  
ALA HB3  H  N N 12  
ALA HXT  H  N N 13  
ARG N    N  N N 14  
ARG CA   C  N S 15  
ARG C    C  N N 16  
ARG O    O  N N 17  
ARG CB   C  N N 18  
ARG CG   C  N N 19  
ARG CD   C  N N 20  
ARG NE   N  N N 21  
ARG CZ   C  N N 22  
ARG NH1  N  N N 23  
ARG NH2  N  N N 24  
ARG OXT  O  N N 25  
ARG H    H  N N 26  
ARG H2   H  N N 27  
ARG HA   H  N N 28  
ARG HB2  H  N N 29  
ARG HB3  H  N N 30  
ARG HG2  H  N N 31  
ARG HG3  H  N N 32  
ARG HD2  H  N N 33  
ARG HD3  H  N N 34  
ARG HE   H  N N 35  
ARG HH11 H  N N 36  
ARG HH12 H  N N 37  
ARG HH21 H  N N 38  
ARG HH22 H  N N 39  
ARG HXT  H  N N 40  
ASN N    N  N N 41  
ASN CA   C  N S 42  
ASN C    C  N N 43  
ASN O    O  N N 44  
ASN CB   C  N N 45  
ASN CG   C  N N 46  
ASN OD1  O  N N 47  
ASN ND2  N  N N 48  
ASN OXT  O  N N 49  
ASN H    H  N N 50  
ASN H2   H  N N 51  
ASN HA   H  N N 52  
ASN HB2  H  N N 53  
ASN HB3  H  N N 54  
ASN HD21 H  N N 55  
ASN HD22 H  N N 56  
ASN HXT  H  N N 57  
ASP N    N  N N 58  
ASP CA   C  N S 59  
ASP C    C  N N 60  
ASP O    O  N N 61  
ASP CB   C  N N 62  
ASP CG   C  N N 63  
ASP OD1  O  N N 64  
ASP OD2  O  N N 65  
ASP OXT  O  N N 66  
ASP H    H  N N 67  
ASP H2   H  N N 68  
ASP HA   H  N N 69  
ASP HB2  H  N N 70  
ASP HB3  H  N N 71  
ASP HD2  H  N N 72  
ASP HXT  H  N N 73  
CYS N    N  N N 74  
CYS CA   C  N R 75  
CYS C    C  N N 76  
CYS O    O  N N 77  
CYS CB   C  N N 78  
CYS SG   S  N N 79  
CYS OXT  O  N N 80  
CYS H    H  N N 81  
CYS H2   H  N N 82  
CYS HA   H  N N 83  
CYS HB2  H  N N 84  
CYS HB3  H  N N 85  
CYS HG   H  N N 86  
CYS HXT  H  N N 87  
EDO C1   C  N N 88  
EDO O1   O  N N 89  
EDO C2   C  N N 90  
EDO O2   O  N N 91  
EDO H11  H  N N 92  
EDO H12  H  N N 93  
EDO HO1  H  N N 94  
EDO H21  H  N N 95  
EDO H22  H  N N 96  
EDO HO2  H  N N 97  
GLN N    N  N N 98  
GLN CA   C  N S 99  
GLN C    C  N N 100 
GLN O    O  N N 101 
GLN CB   C  N N 102 
GLN CG   C  N N 103 
GLN CD   C  N N 104 
GLN OE1  O  N N 105 
GLN NE2  N  N N 106 
GLN OXT  O  N N 107 
GLN H    H  N N 108 
GLN H2   H  N N 109 
GLN HA   H  N N 110 
GLN HB2  H  N N 111 
GLN HB3  H  N N 112 
GLN HG2  H  N N 113 
GLN HG3  H  N N 114 
GLN HE21 H  N N 115 
GLN HE22 H  N N 116 
GLN HXT  H  N N 117 
GLU N    N  N N 118 
GLU CA   C  N S 119 
GLU C    C  N N 120 
GLU O    O  N N 121 
GLU CB   C  N N 122 
GLU CG   C  N N 123 
GLU CD   C  N N 124 
GLU OE1  O  N N 125 
GLU OE2  O  N N 126 
GLU OXT  O  N N 127 
GLU H    H  N N 128 
GLU H2   H  N N 129 
GLU HA   H  N N 130 
GLU HB2  H  N N 131 
GLU HB3  H  N N 132 
GLU HG2  H  N N 133 
GLU HG3  H  N N 134 
GLU HE2  H  N N 135 
GLU HXT  H  N N 136 
GLY N    N  N N 137 
GLY CA   C  N N 138 
GLY C    C  N N 139 
GLY O    O  N N 140 
GLY OXT  O  N N 141 
GLY H    H  N N 142 
GLY H2   H  N N 143 
GLY HA2  H  N N 144 
GLY HA3  H  N N 145 
GLY HXT  H  N N 146 
HIS N    N  N N 147 
HIS CA   C  N S 148 
HIS C    C  N N 149 
HIS O    O  N N 150 
HIS CB   C  N N 151 
HIS CG   C  Y N 152 
HIS ND1  N  Y N 153 
HIS CD2  C  Y N 154 
HIS CE1  C  Y N 155 
HIS NE2  N  Y N 156 
HIS OXT  O  N N 157 
HIS H    H  N N 158 
HIS H2   H  N N 159 
HIS HA   H  N N 160 
HIS HB2  H  N N 161 
HIS HB3  H  N N 162 
HIS HD1  H  N N 163 
HIS HD2  H  N N 164 
HIS HE1  H  N N 165 
HIS HE2  H  N N 166 
HIS HXT  H  N N 167 
HOH O    O  N N 168 
HOH H1   H  N N 169 
HOH H2   H  N N 170 
ILE N    N  N N 171 
ILE CA   C  N S 172 
ILE C    C  N N 173 
ILE O    O  N N 174 
ILE CB   C  N S 175 
ILE CG1  C  N N 176 
ILE CG2  C  N N 177 
ILE CD1  C  N N 178 
ILE OXT  O  N N 179 
ILE H    H  N N 180 
ILE H2   H  N N 181 
ILE HA   H  N N 182 
ILE HB   H  N N 183 
ILE HG12 H  N N 184 
ILE HG13 H  N N 185 
ILE HG21 H  N N 186 
ILE HG22 H  N N 187 
ILE HG23 H  N N 188 
ILE HD11 H  N N 189 
ILE HD12 H  N N 190 
ILE HD13 H  N N 191 
ILE HXT  H  N N 192 
IUN C10  C  N N 193 
IUN C13  C  N N 194 
IUN C15  C  N N 195 
IUN C17  C  N S 196 
IUN C20  C  N N 197 
IUN C21  C  N N 198 
IUN C22  C  Y N 199 
IUN C24  C  N S 200 
IUN C26  C  Y N 201 
IUN C28  C  N N 202 
IUN C11  C  N S 203 
IUN C12  C  N N 204 
IUN C14  C  N N 205 
IUN C16  C  N N 206 
IUN C18  C  N N 207 
IUN C19  C  N N 208 
IUN C23  C  N N 209 
IUN C25  C  Y N 210 
IUN C27  C  N N 211 
IUN C29  C  N N 212 
IUN C30  C  Y N 213 
IUN C31  C  Y N 214 
IUN C32  C  Y N 215 
IUN C33  C  Y N 216 
IUN C34  C  Y N 217 
IUN C35  C  Y N 218 
IUN F02  F  N N 219 
IUN N06  N  N N 220 
IUN N07  N  N N 221 
IUN N08  N  Y N 222 
IUN N09  N  N N 223 
IUN O03  O  N N 224 
IUN O04  O  N N 225 
IUN O05  O  N N 226 
IUN S01  S  Y N 227 
IUN H1   H  N N 228 
IUN H2   H  N N 229 
IUN H3   H  N N 230 
IUN H4   H  N N 231 
IUN H5   H  N N 232 
IUN H6   H  N N 233 
IUN H7   H  N N 234 
IUN H8   H  N N 235 
IUN H9   H  N N 236 
IUN H10  H  N N 237 
IUN H12  H  N N 238 
IUN H13  H  N N 239 
IUN H15  H  N N 240 
IUN H16  H  N N 241 
IUN H17  H  N N 242 
IUN H18  H  N N 243 
IUN H19  H  N N 244 
IUN H20  H  N N 245 
IUN H21  H  N N 246 
IUN H22  H  N N 247 
IUN H23  H  N N 248 
IUN H24  H  N N 249 
IUN H25  H  N N 250 
IUN H26  H  N N 251 
IUN H27  H  N N 252 
IUN H28  H  N N 253 
IUN H29  H  N N 254 
IUN H30  H  N N 255 
IUN H31  H  N N 256 
IUN H32  H  N N 257 
IUN H33  H  N N 258 
IUN H34  H  N N 259 
IUN H37  H  N N 260 
LEU N    N  N N 261 
LEU CA   C  N S 262 
LEU C    C  N N 263 
LEU O    O  N N 264 
LEU CB   C  N N 265 
LEU CG   C  N N 266 
LEU CD1  C  N N 267 
LEU CD2  C  N N 268 
LEU OXT  O  N N 269 
LEU H    H  N N 270 
LEU H2   H  N N 271 
LEU HA   H  N N 272 
LEU HB2  H  N N 273 
LEU HB3  H  N N 274 
LEU HG   H  N N 275 
LEU HD11 H  N N 276 
LEU HD12 H  N N 277 
LEU HD13 H  N N 278 
LEU HD21 H  N N 279 
LEU HD22 H  N N 280 
LEU HD23 H  N N 281 
LEU HXT  H  N N 282 
LYS N    N  N N 283 
LYS CA   C  N S 284 
LYS C    C  N N 285 
LYS O    O  N N 286 
LYS CB   C  N N 287 
LYS CG   C  N N 288 
LYS CD   C  N N 289 
LYS CE   C  N N 290 
LYS NZ   N  N N 291 
LYS OXT  O  N N 292 
LYS H    H  N N 293 
LYS H2   H  N N 294 
LYS HA   H  N N 295 
LYS HB2  H  N N 296 
LYS HB3  H  N N 297 
LYS HG2  H  N N 298 
LYS HG3  H  N N 299 
LYS HD2  H  N N 300 
LYS HD3  H  N N 301 
LYS HE2  H  N N 302 
LYS HE3  H  N N 303 
LYS HZ1  H  N N 304 
LYS HZ2  H  N N 305 
LYS HZ3  H  N N 306 
LYS HXT  H  N N 307 
MET N    N  N N 308 
MET CA   C  N S 309 
MET C    C  N N 310 
MET O    O  N N 311 
MET CB   C  N N 312 
MET CG   C  N N 313 
MET SD   S  N N 314 
MET CE   C  N N 315 
MET OXT  O  N N 316 
MET H    H  N N 317 
MET H2   H  N N 318 
MET HA   H  N N 319 
MET HB2  H  N N 320 
MET HB3  H  N N 321 
MET HG2  H  N N 322 
MET HG3  H  N N 323 
MET HE1  H  N N 324 
MET HE2  H  N N 325 
MET HE3  H  N N 326 
MET HXT  H  N N 327 
PHE N    N  N N 328 
PHE CA   C  N S 329 
PHE C    C  N N 330 
PHE O    O  N N 331 
PHE CB   C  N N 332 
PHE CG   C  Y N 333 
PHE CD1  C  Y N 334 
PHE CD2  C  Y N 335 
PHE CE1  C  Y N 336 
PHE CE2  C  Y N 337 
PHE CZ   C  Y N 338 
PHE OXT  O  N N 339 
PHE H    H  N N 340 
PHE H2   H  N N 341 
PHE HA   H  N N 342 
PHE HB2  H  N N 343 
PHE HB3  H  N N 344 
PHE HD1  H  N N 345 
PHE HD2  H  N N 346 
PHE HE1  H  N N 347 
PHE HE2  H  N N 348 
PHE HZ   H  N N 349 
PHE HXT  H  N N 350 
PRO N    N  N N 351 
PRO CA   C  N S 352 
PRO C    C  N N 353 
PRO O    O  N N 354 
PRO CB   C  N N 355 
PRO CG   C  N N 356 
PRO CD   C  N N 357 
PRO OXT  O  N N 358 
PRO H    H  N N 359 
PRO HA   H  N N 360 
PRO HB2  H  N N 361 
PRO HB3  H  N N 362 
PRO HG2  H  N N 363 
PRO HG3  H  N N 364 
PRO HD2  H  N N 365 
PRO HD3  H  N N 366 
PRO HXT  H  N N 367 
SER N    N  N N 368 
SER CA   C  N S 369 
SER C    C  N N 370 
SER O    O  N N 371 
SER CB   C  N N 372 
SER OG   O  N N 373 
SER OXT  O  N N 374 
SER H    H  N N 375 
SER H2   H  N N 376 
SER HA   H  N N 377 
SER HB2  H  N N 378 
SER HB3  H  N N 379 
SER HG   H  N N 380 
SER HXT  H  N N 381 
THR N    N  N N 382 
THR CA   C  N S 383 
THR C    C  N N 384 
THR O    O  N N 385 
THR CB   C  N R 386 
THR OG1  O  N N 387 
THR CG2  C  N N 388 
THR OXT  O  N N 389 
THR H    H  N N 390 
THR H2   H  N N 391 
THR HA   H  N N 392 
THR HB   H  N N 393 
THR HG1  H  N N 394 
THR HG21 H  N N 395 
THR HG22 H  N N 396 
THR HG23 H  N N 397 
THR HXT  H  N N 398 
TRP N    N  N N 399 
TRP CA   C  N S 400 
TRP C    C  N N 401 
TRP O    O  N N 402 
TRP CB   C  N N 403 
TRP CG   C  Y N 404 
TRP CD1  C  Y N 405 
TRP CD2  C  Y N 406 
TRP NE1  N  Y N 407 
TRP CE2  C  Y N 408 
TRP CE3  C  Y N 409 
TRP CZ2  C  Y N 410 
TRP CZ3  C  Y N 411 
TRP CH2  C  Y N 412 
TRP OXT  O  N N 413 
TRP H    H  N N 414 
TRP H2   H  N N 415 
TRP HA   H  N N 416 
TRP HB2  H  N N 417 
TRP HB3  H  N N 418 
TRP HD1  H  N N 419 
TRP HE1  H  N N 420 
TRP HE3  H  N N 421 
TRP HZ2  H  N N 422 
TRP HZ3  H  N N 423 
TRP HH2  H  N N 424 
TRP HXT  H  N N 425 
TYR N    N  N N 426 
TYR CA   C  N S 427 
TYR C    C  N N 428 
TYR O    O  N N 429 
TYR CB   C  N N 430 
TYR CG   C  Y N 431 
TYR CD1  C  Y N 432 
TYR CD2  C  Y N 433 
TYR CE1  C  Y N 434 
TYR CE2  C  Y N 435 
TYR CZ   C  Y N 436 
TYR OH   O  N N 437 
TYR OXT  O  N N 438 
TYR H    H  N N 439 
TYR H2   H  N N 440 
TYR HA   H  N N 441 
TYR HB2  H  N N 442 
TYR HB3  H  N N 443 
TYR HD1  H  N N 444 
TYR HD2  H  N N 445 
TYR HE1  H  N N 446 
TYR HE2  H  N N 447 
TYR HH   H  N N 448 
TYR HXT  H  N N 449 
VAL N    N  N N 450 
VAL CA   C  N S 451 
VAL C    C  N N 452 
VAL O    O  N N 453 
VAL CB   C  N N 454 
VAL CG1  C  N N 455 
VAL CG2  C  N N 456 
VAL OXT  O  N N 457 
VAL H    H  N N 458 
VAL H2   H  N N 459 
VAL HA   H  N N 460 
VAL HB   H  N N 461 
VAL HG11 H  N N 462 
VAL HG12 H  N N 463 
VAL HG13 H  N N 464 
VAL HG21 H  N N 465 
VAL HG22 H  N N 466 
VAL HG23 H  N N 467 
VAL HXT  H  N N 468 
ZN  ZN   ZN N N 469 
# 
loop_
_chem_comp_bond.comp_id 
_chem_comp_bond.atom_id_1 
_chem_comp_bond.atom_id_2 
_chem_comp_bond.value_order 
_chem_comp_bond.pdbx_aromatic_flag 
_chem_comp_bond.pdbx_stereo_config 
_chem_comp_bond.pdbx_ordinal 
ALA N   CA   sing N N 1   
ALA N   H    sing N N 2   
ALA N   H2   sing N N 3   
ALA CA  C    sing N N 4   
ALA CA  CB   sing N N 5   
ALA CA  HA   sing N N 6   
ALA C   O    doub N N 7   
ALA C   OXT  sing N N 8   
ALA CB  HB1  sing N N 9   
ALA CB  HB2  sing N N 10  
ALA CB  HB3  sing N N 11  
ALA OXT HXT  sing N N 12  
ARG N   CA   sing N N 13  
ARG N   H    sing N N 14  
ARG N   H2   sing N N 15  
ARG CA  C    sing N N 16  
ARG CA  CB   sing N N 17  
ARG CA  HA   sing N N 18  
ARG C   O    doub N N 19  
ARG C   OXT  sing N N 20  
ARG CB  CG   sing N N 21  
ARG CB  HB2  sing N N 22  
ARG CB  HB3  sing N N 23  
ARG CG  CD   sing N N 24  
ARG CG  HG2  sing N N 25  
ARG CG  HG3  sing N N 26  
ARG CD  NE   sing N N 27  
ARG CD  HD2  sing N N 28  
ARG CD  HD3  sing N N 29  
ARG NE  CZ   sing N N 30  
ARG NE  HE   sing N N 31  
ARG CZ  NH1  sing N N 32  
ARG CZ  NH2  doub N N 33  
ARG NH1 HH11 sing N N 34  
ARG NH1 HH12 sing N N 35  
ARG NH2 HH21 sing N N 36  
ARG NH2 HH22 sing N N 37  
ARG OXT HXT  sing N N 38  
ASN N   CA   sing N N 39  
ASN N   H    sing N N 40  
ASN N   H2   sing N N 41  
ASN CA  C    sing N N 42  
ASN CA  CB   sing N N 43  
ASN CA  HA   sing N N 44  
ASN C   O    doub N N 45  
ASN C   OXT  sing N N 46  
ASN CB  CG   sing N N 47  
ASN CB  HB2  sing N N 48  
ASN CB  HB3  sing N N 49  
ASN CG  OD1  doub N N 50  
ASN CG  ND2  sing N N 51  
ASN ND2 HD21 sing N N 52  
ASN ND2 HD22 sing N N 53  
ASN OXT HXT  sing N N 54  
ASP N   CA   sing N N 55  
ASP N   H    sing N N 56  
ASP N   H2   sing N N 57  
ASP CA  C    sing N N 58  
ASP CA  CB   sing N N 59  
ASP CA  HA   sing N N 60  
ASP C   O    doub N N 61  
ASP C   OXT  sing N N 62  
ASP CB  CG   sing N N 63  
ASP CB  HB2  sing N N 64  
ASP CB  HB3  sing N N 65  
ASP CG  OD1  doub N N 66  
ASP CG  OD2  sing N N 67  
ASP OD2 HD2  sing N N 68  
ASP OXT HXT  sing N N 69  
CYS N   CA   sing N N 70  
CYS N   H    sing N N 71  
CYS N   H2   sing N N 72  
CYS CA  C    sing N N 73  
CYS CA  CB   sing N N 74  
CYS CA  HA   sing N N 75  
CYS C   O    doub N N 76  
CYS C   OXT  sing N N 77  
CYS CB  SG   sing N N 78  
CYS CB  HB2  sing N N 79  
CYS CB  HB3  sing N N 80  
CYS SG  HG   sing N N 81  
CYS OXT HXT  sing N N 82  
EDO C1  O1   sing N N 83  
EDO C1  C2   sing N N 84  
EDO C1  H11  sing N N 85  
EDO C1  H12  sing N N 86  
EDO O1  HO1  sing N N 87  
EDO C2  O2   sing N N 88  
EDO C2  H21  sing N N 89  
EDO C2  H22  sing N N 90  
EDO O2  HO2  sing N N 91  
GLN N   CA   sing N N 92  
GLN N   H    sing N N 93  
GLN N   H2   sing N N 94  
GLN CA  C    sing N N 95  
GLN CA  CB   sing N N 96  
GLN CA  HA   sing N N 97  
GLN C   O    doub N N 98  
GLN C   OXT  sing N N 99  
GLN CB  CG   sing N N 100 
GLN CB  HB2  sing N N 101 
GLN CB  HB3  sing N N 102 
GLN CG  CD   sing N N 103 
GLN CG  HG2  sing N N 104 
GLN CG  HG3  sing N N 105 
GLN CD  OE1  doub N N 106 
GLN CD  NE2  sing N N 107 
GLN NE2 HE21 sing N N 108 
GLN NE2 HE22 sing N N 109 
GLN OXT HXT  sing N N 110 
GLU N   CA   sing N N 111 
GLU N   H    sing N N 112 
GLU N   H2   sing N N 113 
GLU CA  C    sing N N 114 
GLU CA  CB   sing N N 115 
GLU CA  HA   sing N N 116 
GLU C   O    doub N N 117 
GLU C   OXT  sing N N 118 
GLU CB  CG   sing N N 119 
GLU CB  HB2  sing N N 120 
GLU CB  HB3  sing N N 121 
GLU CG  CD   sing N N 122 
GLU CG  HG2  sing N N 123 
GLU CG  HG3  sing N N 124 
GLU CD  OE1  doub N N 125 
GLU CD  OE2  sing N N 126 
GLU OE2 HE2  sing N N 127 
GLU OXT HXT  sing N N 128 
GLY N   CA   sing N N 129 
GLY N   H    sing N N 130 
GLY N   H2   sing N N 131 
GLY CA  C    sing N N 132 
GLY CA  HA2  sing N N 133 
GLY CA  HA3  sing N N 134 
GLY C   O    doub N N 135 
GLY C   OXT  sing N N 136 
GLY OXT HXT  sing N N 137 
HIS N   CA   sing N N 138 
HIS N   H    sing N N 139 
HIS N   H2   sing N N 140 
HIS CA  C    sing N N 141 
HIS CA  CB   sing N N 142 
HIS CA  HA   sing N N 143 
HIS C   O    doub N N 144 
HIS C   OXT  sing N N 145 
HIS CB  CG   sing N N 146 
HIS CB  HB2  sing N N 147 
HIS CB  HB3  sing N N 148 
HIS CG  ND1  sing Y N 149 
HIS CG  CD2  doub Y N 150 
HIS ND1 CE1  doub Y N 151 
HIS ND1 HD1  sing N N 152 
HIS CD2 NE2  sing Y N 153 
HIS CD2 HD2  sing N N 154 
HIS CE1 NE2  sing Y N 155 
HIS CE1 HE1  sing N N 156 
HIS NE2 HE2  sing N N 157 
HIS OXT HXT  sing N N 158 
HOH O   H1   sing N N 159 
HOH O   H2   sing N N 160 
ILE N   CA   sing N N 161 
ILE N   H    sing N N 162 
ILE N   H2   sing N N 163 
ILE CA  C    sing N N 164 
ILE CA  CB   sing N N 165 
ILE CA  HA   sing N N 166 
ILE C   O    doub N N 167 
ILE C   OXT  sing N N 168 
ILE CB  CG1  sing N N 169 
ILE CB  CG2  sing N N 170 
ILE CB  HB   sing N N 171 
ILE CG1 CD1  sing N N 172 
ILE CG1 HG12 sing N N 173 
ILE CG1 HG13 sing N N 174 
ILE CG2 HG21 sing N N 175 
ILE CG2 HG22 sing N N 176 
ILE CG2 HG23 sing N N 177 
ILE CD1 HD11 sing N N 178 
ILE CD1 HD12 sing N N 179 
ILE CD1 HD13 sing N N 180 
ILE OXT HXT  sing N N 181 
IUN C10 C13  sing N N 182 
IUN C10 C11  sing N N 183 
IUN C10 C12  sing N N 184 
IUN C13 C15  sing N N 185 
IUN C15 C16  sing N N 186 
IUN C17 C20  sing N N 187 
IUN C17 C22  sing N N 188 
IUN C17 N06  sing N N 189 
IUN C20 C21  sing N N 190 
IUN C21 C19  sing N N 191 
IUN C22 N08  doub Y N 192 
IUN C22 S01  sing Y N 193 
IUN C24 C23  sing N N 194 
IUN C24 C27  sing N N 195 
IUN C24 N09  sing N N 196 
IUN C26 C25  doub Y N 197 
IUN C26 S01  sing Y N 198 
IUN C28 C25  sing N N 199 
IUN C28 C30  sing N N 200 
IUN C28 O05  doub N N 201 
IUN C11 C18  sing N N 202 
IUN C11 N07  sing N N 203 
IUN C12 C14  sing N N 204 
IUN C14 C16  sing N N 205 
IUN C18 N06  sing N N 206 
IUN C18 O03  doub N N 207 
IUN C19 N06  sing N N 208 
IUN C23 N07  sing N N 209 
IUN C23 O04  doub N N 210 
IUN C25 N08  sing Y N 211 
IUN C29 N09  sing N N 212 
IUN C30 C31  doub Y N 213 
IUN C30 C32  sing Y N 214 
IUN C31 C33  sing Y N 215 
IUN C32 C34  doub Y N 216 
IUN C33 C35  doub Y N 217 
IUN C34 C35  sing Y N 218 
IUN C35 F02  sing N N 219 
IUN C10 H1   sing N N 220 
IUN C13 H2   sing N N 221 
IUN C13 H3   sing N N 222 
IUN C15 H4   sing N N 223 
IUN C15 H5   sing N N 224 
IUN C17 H6   sing N N 225 
IUN C20 H7   sing N N 226 
IUN C20 H8   sing N N 227 
IUN C21 H9   sing N N 228 
IUN C21 H10  sing N N 229 
IUN C24 H12  sing N N 230 
IUN C26 H13  sing N N 231 
IUN C11 H15  sing N N 232 
IUN C12 H16  sing N N 233 
IUN C12 H17  sing N N 234 
IUN C14 H18  sing N N 235 
IUN C14 H19  sing N N 236 
IUN C16 H20  sing N N 237 
IUN C16 H21  sing N N 238 
IUN C19 H22  sing N N 239 
IUN C19 H23  sing N N 240 
IUN C27 H24  sing N N 241 
IUN C27 H25  sing N N 242 
IUN C27 H26  sing N N 243 
IUN C29 H27  sing N N 244 
IUN C29 H28  sing N N 245 
IUN C29 H29  sing N N 246 
IUN C31 H30  sing N N 247 
IUN C32 H31  sing N N 248 
IUN C33 H32  sing N N 249 
IUN C34 H33  sing N N 250 
IUN N07 H34  sing N N 251 
IUN N09 H37  sing N N 252 
LEU N   CA   sing N N 253 
LEU N   H    sing N N 254 
LEU N   H2   sing N N 255 
LEU CA  C    sing N N 256 
LEU CA  CB   sing N N 257 
LEU CA  HA   sing N N 258 
LEU C   O    doub N N 259 
LEU C   OXT  sing N N 260 
LEU CB  CG   sing N N 261 
LEU CB  HB2  sing N N 262 
LEU CB  HB3  sing N N 263 
LEU CG  CD1  sing N N 264 
LEU CG  CD2  sing N N 265 
LEU CG  HG   sing N N 266 
LEU CD1 HD11 sing N N 267 
LEU CD1 HD12 sing N N 268 
LEU CD1 HD13 sing N N 269 
LEU CD2 HD21 sing N N 270 
LEU CD2 HD22 sing N N 271 
LEU CD2 HD23 sing N N 272 
LEU OXT HXT  sing N N 273 
LYS N   CA   sing N N 274 
LYS N   H    sing N N 275 
LYS N   H2   sing N N 276 
LYS CA  C    sing N N 277 
LYS CA  CB   sing N N 278 
LYS CA  HA   sing N N 279 
LYS C   O    doub N N 280 
LYS C   OXT  sing N N 281 
LYS CB  CG   sing N N 282 
LYS CB  HB2  sing N N 283 
LYS CB  HB3  sing N N 284 
LYS CG  CD   sing N N 285 
LYS CG  HG2  sing N N 286 
LYS CG  HG3  sing N N 287 
LYS CD  CE   sing N N 288 
LYS CD  HD2  sing N N 289 
LYS CD  HD3  sing N N 290 
LYS CE  NZ   sing N N 291 
LYS CE  HE2  sing N N 292 
LYS CE  HE3  sing N N 293 
LYS NZ  HZ1  sing N N 294 
LYS NZ  HZ2  sing N N 295 
LYS NZ  HZ3  sing N N 296 
LYS OXT HXT  sing N N 297 
MET N   CA   sing N N 298 
MET N   H    sing N N 299 
MET N   H2   sing N N 300 
MET CA  C    sing N N 301 
MET CA  CB   sing N N 302 
MET CA  HA   sing N N 303 
MET C   O    doub N N 304 
MET C   OXT  sing N N 305 
MET CB  CG   sing N N 306 
MET CB  HB2  sing N N 307 
MET CB  HB3  sing N N 308 
MET CG  SD   sing N N 309 
MET CG  HG2  sing N N 310 
MET CG  HG3  sing N N 311 
MET SD  CE   sing N N 312 
MET CE  HE1  sing N N 313 
MET CE  HE2  sing N N 314 
MET CE  HE3  sing N N 315 
MET OXT HXT  sing N N 316 
PHE N   CA   sing N N 317 
PHE N   H    sing N N 318 
PHE N   H2   sing N N 319 
PHE CA  C    sing N N 320 
PHE CA  CB   sing N N 321 
PHE CA  HA   sing N N 322 
PHE C   O    doub N N 323 
PHE C   OXT  sing N N 324 
PHE CB  CG   sing N N 325 
PHE CB  HB2  sing N N 326 
PHE CB  HB3  sing N N 327 
PHE CG  CD1  doub Y N 328 
PHE CG  CD2  sing Y N 329 
PHE CD1 CE1  sing Y N 330 
PHE CD1 HD1  sing N N 331 
PHE CD2 CE2  doub Y N 332 
PHE CD2 HD2  sing N N 333 
PHE CE1 CZ   doub Y N 334 
PHE CE1 HE1  sing N N 335 
PHE CE2 CZ   sing Y N 336 
PHE CE2 HE2  sing N N 337 
PHE CZ  HZ   sing N N 338 
PHE OXT HXT  sing N N 339 
PRO N   CA   sing N N 340 
PRO N   CD   sing N N 341 
PRO N   H    sing N N 342 
PRO CA  C    sing N N 343 
PRO CA  CB   sing N N 344 
PRO CA  HA   sing N N 345 
PRO C   O    doub N N 346 
PRO C   OXT  sing N N 347 
PRO CB  CG   sing N N 348 
PRO CB  HB2  sing N N 349 
PRO CB  HB3  sing N N 350 
PRO CG  CD   sing N N 351 
PRO CG  HG2  sing N N 352 
PRO CG  HG3  sing N N 353 
PRO CD  HD2  sing N N 354 
PRO CD  HD3  sing N N 355 
PRO OXT HXT  sing N N 356 
SER N   CA   sing N N 357 
SER N   H    sing N N 358 
SER N   H2   sing N N 359 
SER CA  C    sing N N 360 
SER CA  CB   sing N N 361 
SER CA  HA   sing N N 362 
SER C   O    doub N N 363 
SER C   OXT  sing N N 364 
SER CB  OG   sing N N 365 
SER CB  HB2  sing N N 366 
SER CB  HB3  sing N N 367 
SER OG  HG   sing N N 368 
SER OXT HXT  sing N N 369 
THR N   CA   sing N N 370 
THR N   H    sing N N 371 
THR N   H2   sing N N 372 
THR CA  C    sing N N 373 
THR CA  CB   sing N N 374 
THR CA  HA   sing N N 375 
THR C   O    doub N N 376 
THR C   OXT  sing N N 377 
THR CB  OG1  sing N N 378 
THR CB  CG2  sing N N 379 
THR CB  HB   sing N N 380 
THR OG1 HG1  sing N N 381 
THR CG2 HG21 sing N N 382 
THR CG2 HG22 sing N N 383 
THR CG2 HG23 sing N N 384 
THR OXT HXT  sing N N 385 
TRP N   CA   sing N N 386 
TRP N   H    sing N N 387 
TRP N   H2   sing N N 388 
TRP CA  C    sing N N 389 
TRP CA  CB   sing N N 390 
TRP CA  HA   sing N N 391 
TRP C   O    doub N N 392 
TRP C   OXT  sing N N 393 
TRP CB  CG   sing N N 394 
TRP CB  HB2  sing N N 395 
TRP CB  HB3  sing N N 396 
TRP CG  CD1  doub Y N 397 
TRP CG  CD2  sing Y N 398 
TRP CD1 NE1  sing Y N 399 
TRP CD1 HD1  sing N N 400 
TRP CD2 CE2  doub Y N 401 
TRP CD2 CE3  sing Y N 402 
TRP NE1 CE2  sing Y N 403 
TRP NE1 HE1  sing N N 404 
TRP CE2 CZ2  sing Y N 405 
TRP CE3 CZ3  doub Y N 406 
TRP CE3 HE3  sing N N 407 
TRP CZ2 CH2  doub Y N 408 
TRP CZ2 HZ2  sing N N 409 
TRP CZ3 CH2  sing Y N 410 
TRP CZ3 HZ3  sing N N 411 
TRP CH2 HH2  sing N N 412 
TRP OXT HXT  sing N N 413 
TYR N   CA   sing N N 414 
TYR N   H    sing N N 415 
TYR N   H2   sing N N 416 
TYR CA  C    sing N N 417 
TYR CA  CB   sing N N 418 
TYR CA  HA   sing N N 419 
TYR C   O    doub N N 420 
TYR C   OXT  sing N N 421 
TYR CB  CG   sing N N 422 
TYR CB  HB2  sing N N 423 
TYR CB  HB3  sing N N 424 
TYR CG  CD1  doub Y N 425 
TYR CG  CD2  sing Y N 426 
TYR CD1 CE1  sing Y N 427 
TYR CD1 HD1  sing N N 428 
TYR CD2 CE2  doub Y N 429 
TYR CD2 HD2  sing N N 430 
TYR CE1 CZ   doub Y N 431 
TYR CE1 HE1  sing N N 432 
TYR CE2 CZ   sing Y N 433 
TYR CE2 HE2  sing N N 434 
TYR CZ  OH   sing N N 435 
TYR OH  HH   sing N N 436 
TYR OXT HXT  sing N N 437 
VAL N   CA   sing N N 438 
VAL N   H    sing N N 439 
VAL N   H2   sing N N 440 
VAL CA  C    sing N N 441 
VAL CA  CB   sing N N 442 
VAL CA  HA   sing N N 443 
VAL C   O    doub N N 444 
VAL C   OXT  sing N N 445 
VAL CB  CG1  sing N N 446 
VAL CB  CG2  sing N N 447 
VAL CB  HB   sing N N 448 
VAL CG1 HG11 sing N N 449 
VAL CG1 HG12 sing N N 450 
VAL CG1 HG13 sing N N 451 
VAL CG2 HG21 sing N N 452 
VAL CG2 HG22 sing N N 453 
VAL CG2 HG23 sing N N 454 
VAL OXT HXT  sing N N 455 
# 
_pdbx_audit_support.funding_organization   'Not funded' 
_pdbx_audit_support.country                ? 
_pdbx_audit_support.grant_number           ? 
_pdbx_audit_support.ordinal                1 
# 
_pdbx_entity_instance_feature.ordinal        1 
_pdbx_entity_instance_feature.comp_id        IUN 
_pdbx_entity_instance_feature.asym_id        ? 
_pdbx_entity_instance_feature.seq_num        ? 
_pdbx_entity_instance_feature.auth_comp_id   IUN 
_pdbx_entity_instance_feature.auth_asym_id   ? 
_pdbx_entity_instance_feature.auth_seq_num   ? 
_pdbx_entity_instance_feature.feature_type   'SUBJECT OF INVESTIGATION' 
_pdbx_entity_instance_feature.details        ? 
# 
loop_
_pdbx_entity_nonpoly.entity_id 
_pdbx_entity_nonpoly.name 
_pdbx_entity_nonpoly.comp_id 
2 'ZINC ION'     ZN  
3 1,2-ETHANEDIOL EDO 
4 LCL-161        IUN 
5 water          HOH 
# 
_pdbx_struct_assembly_auth_evidence.id                     1 
_pdbx_struct_assembly_auth_evidence.assembly_id            1 
_pdbx_struct_assembly_auth_evidence.experimental_support   'assay for oligomerization' 
_pdbx_struct_assembly_auth_evidence.details                'HSQC NMR titration' 
# 
_space_group.name_H-M_alt     'P 3 2 1' 
_space_group.name_Hall        
;P 3 2"
;
_space_group.IT_number        150 
_space_group.crystal_system   trigonal 
_space_group.id               1 
# 
